data_5NSW
#
_entry.id   5NSW
#
_cell.length_a   256.412
_cell.length_b   256.412
_cell.length_c   81.395
_cell.angle_alpha   90.00
_cell.angle_beta   90.00
_cell.angle_gamma   90.00
#
_symmetry.space_group_name_H-M   'I 4'
#
loop_
_entity.id
_entity.type
_entity.pdbx_description
1 polymer 'Multidrug efflux outer membrane protein OprN'
2 non-polymer 'PALMITIC ACID'
3 non-polymer XENON
4 non-polymer 'octyl beta-D-glucopyranoside'
5 non-polymer 'SODIUM ION'
6 non-polymer 'NICKEL (II) ION'
7 water water
#
_entity_poly.entity_id   1
_entity_poly.type   'polypeptide(L)'
_entity_poly.pdbx_seq_one_letter_code
;CTVGPDYRTPDTAAAKIDATASKPYDRSRFESLWWKQFDDPTLNQLVEQSLSGNRDLRVAFARLRAARALRDDVANDRFP
VVTSRASADIGKGQQPGVTEDRVNSERYDLGLDSAWELDLFGRIRRQLESSDALSEAAEADLQQLQVSLIAELVDAYGQL
RGAQLREKIALSNLENQKESRQLTEQLRDAGVGAELDVLRADARLAATAASVPQLQAEAERARHRIATLLGQRPEELTVD
LSPRDLPAITKALPIGDPGELLRRRPDIRAAERRLAASTADVGVATADLFPRVSLSGFLGFTAGRGSQIGSSAARAWSVG
PSISWAAFDLGSVRARLRGAKADADAALASYEQQVLLALEESANAFSDYGKRQERLVSLVRQSEASRAAAQQAAIRYREG
TTDFLVLLDAEREQLSAEDAQAQAEVELYRGIVAIYRSLGGGWQPSAHHHHHH
;
_entity_poly.pdbx_strand_id   A,B,C
#
# COMPACT_ATOMS: atom_id res chain seq x y z
N CYS A 1 2.20 -43.26 5.87
CA CYS A 1 2.86 -42.63 4.53
C CYS A 1 2.47 -41.17 4.21
N THR A 2 3.44 -40.28 3.95
CA THR A 2 3.15 -38.84 3.76
C THR A 2 3.76 -38.37 2.47
N VAL A 3 2.91 -38.21 1.48
CA VAL A 3 3.33 -37.97 0.12
C VAL A 3 3.58 -36.50 -0.12
N GLY A 4 4.25 -36.23 -1.24
CA GLY A 4 4.67 -34.88 -1.60
C GLY A 4 5.99 -34.46 -0.96
N PRO A 5 6.51 -33.26 -1.31
CA PRO A 5 7.83 -32.91 -0.87
C PRO A 5 7.96 -32.68 0.62
N ASP A 6 9.13 -33.07 1.17
CA ASP A 6 9.45 -32.85 2.57
C ASP A 6 10.21 -31.57 2.68
N TYR A 7 9.65 -30.60 3.39
CA TYR A 7 10.21 -29.29 3.41
C TYR A 7 11.56 -29.29 4.05
N ARG A 8 12.54 -28.58 3.45
CA ARG A 8 13.82 -28.27 4.13
C ARG A 8 14.09 -26.76 4.10
N THR A 9 14.43 -26.15 5.24
CA THR A 9 14.77 -24.70 5.25
C THR A 9 15.81 -24.42 4.19
N PRO A 10 15.67 -23.34 3.42
CA PRO A 10 16.72 -23.17 2.39
C PRO A 10 18.08 -22.93 3.02
N ASP A 11 19.10 -23.26 2.26
CA ASP A 11 20.49 -23.14 2.69
C ASP A 11 20.96 -21.70 2.44
N THR A 12 20.46 -20.78 3.24
CA THR A 12 20.65 -19.36 3.01
C THR A 12 21.97 -18.94 3.63
N ALA A 13 22.90 -18.43 2.82
CA ALA A 13 24.23 -18.04 3.32
C ALA A 13 24.12 -16.89 4.33
N ALA A 14 24.99 -16.88 5.34
CA ALA A 14 24.95 -15.78 6.32
C ALA A 14 25.31 -14.45 5.69
N ALA A 15 24.75 -13.39 6.20
CA ALA A 15 25.15 -12.04 5.77
C ALA A 15 26.65 -11.80 5.90
N LYS A 16 27.31 -11.29 4.85
CA LYS A 16 28.69 -10.79 4.96
C LYS A 16 28.61 -9.26 4.83
N ILE A 17 28.97 -8.54 5.91
CA ILE A 17 29.10 -7.05 5.82
C ILE A 17 30.49 -6.66 6.30
N ASP A 18 31.42 -6.44 5.34
CA ASP A 18 32.83 -6.06 5.62
C ASP A 18 32.99 -4.77 6.42
N ALA A 19 32.19 -3.73 6.09
CA ALA A 19 32.24 -2.39 6.75
C ALA A 19 32.16 -2.44 8.30
N THR A 20 31.64 -3.57 8.84
CA THR A 20 31.51 -3.83 10.26
C THR A 20 32.76 -4.35 11.04
N ALA A 21 33.85 -4.66 10.33
CA ALA A 21 35.14 -5.00 11.00
C ALA A 21 35.98 -3.75 11.37
N SER A 22 35.35 -2.63 11.68
CA SER A 22 36.06 -1.35 11.99
C SER A 22 35.66 -0.76 13.37
N LYS A 23 36.31 0.34 13.74
CA LYS A 23 36.22 1.06 15.03
C LYS A 23 34.81 1.48 15.52
N PRO A 24 33.92 1.93 14.59
CA PRO A 24 32.59 2.30 15.12
C PRO A 24 31.80 1.14 15.77
N TYR A 25 32.15 -0.12 15.46
CA TYR A 25 31.36 -1.29 15.83
C TYR A 25 32.08 -2.29 16.74
N ASP A 26 31.31 -2.88 17.64
CA ASP A 26 31.75 -3.96 18.50
C ASP A 26 30.95 -5.22 18.11
N ARG A 27 31.64 -6.14 17.44
CA ARG A 27 31.00 -7.40 17.02
C ARG A 27 30.98 -8.48 18.11
N SER A 28 31.56 -8.17 19.28
CA SER A 28 31.73 -9.17 20.29
C SER A 28 30.44 -9.34 21.11
N ARG A 29 29.58 -8.32 21.22
CA ARG A 29 28.25 -8.58 21.77
C ARG A 29 27.13 -7.90 20.98
N PHE A 30 25.92 -8.42 21.16
CA PHE A 30 24.73 -7.80 20.63
C PHE A 30 23.83 -7.44 21.76
N GLU A 31 23.28 -6.22 21.75
CA GLU A 31 22.40 -5.74 22.83
C GLU A 31 20.94 -5.77 22.30
N SER A 32 20.14 -6.68 22.84
CA SER A 32 18.79 -6.89 22.38
C SER A 32 17.89 -5.71 22.66
N LEU A 33 18.05 -5.13 23.85
CA LEU A 33 17.29 -3.96 24.24
C LEU A 33 18.14 -2.76 23.85
N TRP A 34 18.29 -2.60 22.54
CA TRP A 34 19.29 -1.72 21.96
C TRP A 34 19.07 -0.24 22.27
N TRP A 35 17.84 0.17 22.50
CA TRP A 35 17.50 1.55 22.82
C TRP A 35 17.94 1.99 24.21
N LYS A 36 18.16 1.02 25.10
CA LYS A 36 18.60 1.34 26.47
C LYS A 36 19.99 1.91 26.48
N GLN A 37 20.78 1.66 25.46
CA GLN A 37 22.16 2.16 25.39
C GLN A 37 22.20 3.68 25.28
N PHE A 38 21.10 4.33 24.87
CA PHE A 38 21.01 5.79 24.81
C PHE A 38 20.91 6.40 26.21
N ASP A 39 20.68 5.58 27.23
CA ASP A 39 20.71 6.02 28.61
C ASP A 39 19.69 7.18 28.83
N ASP A 40 18.51 7.01 28.26
CA ASP A 40 17.44 8.01 28.30
C ASP A 40 16.20 7.39 28.92
N PRO A 41 15.99 7.62 30.23
CA PRO A 41 14.84 7.00 30.94
C PRO A 41 13.50 7.37 30.30
N THR A 42 13.40 8.58 29.74
CA THR A 42 12.16 8.98 29.09
C THR A 42 11.92 8.09 27.88
N LEU A 43 12.94 7.88 27.05
CA LEU A 43 12.83 6.98 25.93
C LEU A 43 12.40 5.56 26.41
N ASN A 44 13.06 5.07 27.47
CA ASN A 44 12.75 3.75 28.00
C ASN A 44 11.29 3.64 28.43
N GLN A 45 10.75 4.70 29.06
N GLN A 45 10.75 4.70 29.06
CA GLN A 45 9.34 4.66 29.47
CA GLN A 45 9.34 4.72 29.50
C GLN A 45 8.43 4.68 28.24
C GLN A 45 8.43 4.68 28.24
N LEU A 46 8.76 5.48 27.22
CA LEU A 46 7.99 5.47 25.98
C LEU A 46 7.89 4.04 25.44
N VAL A 47 9.05 3.38 25.30
CA VAL A 47 9.07 2.05 24.74
C VAL A 47 8.21 1.10 25.57
N GLU A 48 8.35 1.13 26.90
CA GLU A 48 7.58 0.21 27.78
C GLU A 48 6.08 0.46 27.62
N GLN A 49 5.71 1.72 27.54
CA GLN A 49 4.27 2.03 27.41
C GLN A 49 3.68 1.54 26.08
N SER A 50 4.49 1.72 25.02
CA SER A 50 4.14 1.31 23.70
C SER A 50 3.88 -0.18 23.62
N LEU A 51 4.75 -0.98 24.26
CA LEU A 51 4.53 -2.43 24.20
C LEU A 51 3.24 -2.84 24.86
N SER A 52 2.73 -2.10 25.85
CA SER A 52 1.44 -2.52 26.41
C SER A 52 0.27 -1.79 25.84
N GLY A 53 0.48 -0.66 25.19
CA GLY A 53 -0.66 0.12 24.62
C GLY A 53 -0.87 0.11 23.09
N ASN A 54 0.18 -0.13 22.31
CA ASN A 54 0.06 0.05 20.86
C ASN A 54 -1.05 -0.84 20.26
N ARG A 55 -1.96 -0.29 19.49
CA ARG A 55 -3.08 -1.07 18.95
C ARG A 55 -2.75 -1.99 17.76
N ASP A 56 -1.79 -1.62 16.94
CA ASP A 56 -1.33 -2.51 15.86
C ASP A 56 -0.73 -3.74 16.47
N LEU A 57 0.05 -3.58 17.52
CA LEU A 57 0.60 -4.72 18.19
C LEU A 57 -0.52 -5.64 18.73
N ARG A 58 -1.55 -5.01 19.30
CA ARG A 58 -2.70 -5.77 19.76
C ARG A 58 -3.36 -6.55 18.63
N VAL A 59 -3.49 -5.96 17.46
CA VAL A 59 -4.05 -6.65 16.31
C VAL A 59 -3.23 -7.88 16.01
N ALA A 60 -1.93 -7.74 15.99
CA ALA A 60 -1.08 -8.85 15.66
C ALA A 60 -1.13 -10.01 16.67
N PHE A 61 -1.26 -9.70 17.95
CA PHE A 61 -1.49 -10.75 18.99
C PHE A 61 -2.80 -11.45 18.63
N ALA A 62 -3.83 -10.69 18.30
CA ALA A 62 -5.09 -11.31 17.95
C ALA A 62 -5.00 -12.21 16.75
N ARG A 63 -4.25 -11.78 15.74
CA ARG A 63 -4.07 -12.60 14.53
C ARG A 63 -3.33 -13.87 14.83
N LEU A 64 -2.37 -13.80 15.77
CA LEU A 64 -1.70 -14.97 16.24
C LEU A 64 -2.69 -15.95 16.88
N ARG A 65 -3.61 -15.41 17.68
CA ARG A 65 -4.63 -16.22 18.33
C ARG A 65 -5.53 -16.86 17.27
N ALA A 66 -5.84 -16.11 16.23
CA ALA A 66 -6.70 -16.65 15.13
C ALA A 66 -6.07 -17.83 14.43
N ALA A 67 -4.77 -17.74 14.21
CA ALA A 67 -4.02 -18.73 13.49
C ALA A 67 -3.88 -19.99 14.33
N ARG A 68 -3.70 -19.85 15.64
CA ARG A 68 -3.69 -21.01 16.52
C ARG A 68 -5.04 -21.73 16.49
N ALA A 69 -6.12 -20.96 16.46
CA ALA A 69 -7.42 -21.54 16.47
C ALA A 69 -7.73 -22.31 15.18
N LEU A 70 -7.32 -21.76 14.03
CA LEU A 70 -7.40 -22.49 12.75
C LEU A 70 -6.66 -23.81 12.84
N ARG A 71 -5.44 -23.76 13.37
CA ARG A 71 -4.59 -24.96 13.49
C ARG A 71 -5.28 -26.01 14.36
N ASP A 72 -5.85 -25.57 15.48
CA ASP A 72 -6.49 -26.48 16.41
C ASP A 72 -7.69 -27.22 15.78
N ASP A 73 -8.41 -26.57 14.87
CA ASP A 73 -9.53 -27.23 14.15
C ASP A 73 -9.07 -28.32 13.19
N VAL A 74 -8.05 -27.98 12.39
CA VAL A 74 -7.43 -28.87 11.42
C VAL A 74 -6.84 -30.09 12.16
N ALA A 75 -6.21 -29.89 13.31
CA ALA A 75 -5.65 -31.04 14.04
C ALA A 75 -6.66 -32.14 14.42
N ASN A 76 -7.92 -31.78 14.62
CA ASN A 76 -8.96 -32.78 14.88
C ASN A 76 -9.30 -33.67 13.71
N ASP A 77 -8.91 -33.27 12.48
CA ASP A 77 -9.20 -34.09 11.34
C ASP A 77 -8.37 -35.40 11.31
N ARG A 78 -7.33 -35.52 12.16
CA ARG A 78 -6.60 -36.76 12.26
C ARG A 78 -7.40 -37.89 12.87
N PHE A 79 -8.55 -37.56 13.46
CA PHE A 79 -9.34 -38.50 14.24
C PHE A 79 -10.73 -38.57 13.64
N PRO A 80 -11.47 -39.63 13.94
CA PRO A 80 -12.82 -39.67 13.46
C PRO A 80 -13.62 -38.54 14.07
N VAL A 81 -14.50 -38.00 13.25
CA VAL A 81 -15.42 -36.92 13.62
C VAL A 81 -16.81 -37.51 13.93
N VAL A 82 -17.13 -37.51 15.23
CA VAL A 82 -18.29 -38.20 15.75
C VAL A 82 -19.32 -37.18 16.24
N THR A 83 -20.39 -37.03 15.46
CA THR A 83 -21.48 -36.12 15.73
C THR A 83 -22.71 -36.88 16.13
N SER A 84 -23.77 -36.18 16.52
CA SER A 84 -25.02 -36.81 16.93
C SER A 84 -26.18 -36.37 16.07
N ARG A 85 -27.22 -37.19 15.95
CA ARG A 85 -28.37 -36.82 15.13
C ARG A 85 -29.62 -37.67 15.30
N ALA A 86 -30.75 -36.96 15.25
CA ALA A 86 -32.07 -37.50 15.33
C ALA A 86 -32.78 -37.07 14.06
N SER A 87 -33.23 -38.02 13.26
CA SER A 87 -33.91 -37.65 12.03
C SER A 87 -35.03 -38.59 11.65
N ALA A 88 -35.85 -38.12 10.70
CA ALA A 88 -36.92 -38.91 10.17
C ALA A 88 -37.15 -38.58 8.71
N ASP A 89 -37.72 -39.55 8.00
CA ASP A 89 -38.12 -39.41 6.63
C ASP A 89 -39.56 -40.02 6.58
N ILE A 90 -40.53 -39.15 6.36
CA ILE A 90 -41.94 -39.47 6.36
C ILE A 90 -42.54 -38.99 5.05
N GLY A 91 -43.30 -39.84 4.38
CA GLY A 91 -43.98 -39.45 3.16
C GLY A 91 -45.04 -40.48 2.73
N LYS A 92 -45.69 -40.14 1.62
CA LYS A 92 -46.62 -41.02 0.95
C LYS A 92 -46.38 -40.89 -0.53
N GLY A 93 -46.17 -42.01 -1.21
CA GLY A 93 -46.26 -42.05 -2.67
C GLY A 93 -45.95 -43.43 -3.19
N GLN A 94 -45.85 -43.55 -4.50
CA GLN A 94 -45.41 -44.83 -5.06
C GLN A 94 -43.97 -45.17 -4.65
N GLN A 95 -43.62 -46.45 -4.66
CA GLN A 95 -42.26 -46.91 -4.45
C GLN A 95 -41.85 -47.67 -5.70
N PRO A 96 -41.24 -46.99 -6.70
CA PRO A 96 -40.88 -47.61 -8.00
C PRO A 96 -40.10 -48.88 -7.85
N GLY A 97 -40.42 -49.88 -8.69
CA GLY A 97 -39.88 -51.22 -8.52
C GLY A 97 -40.65 -52.10 -7.54
N VAL A 98 -40.99 -51.56 -6.36
CA VAL A 98 -41.76 -52.25 -5.32
C VAL A 98 -43.27 -52.22 -5.64
N THR A 99 -43.96 -51.06 -5.55
CA THR A 99 -45.41 -50.99 -5.85
C THR A 99 -45.80 -49.70 -6.59
N GLU A 100 -46.91 -49.74 -7.30
CA GLU A 100 -47.55 -48.55 -7.91
C GLU A 100 -48.71 -47.99 -7.05
N ASP A 101 -48.97 -48.58 -5.92
CA ASP A 101 -49.89 -47.98 -4.97
C ASP A 101 -49.17 -46.87 -4.26
N ARG A 102 -49.89 -45.86 -3.82
CA ARG A 102 -49.35 -44.82 -2.96
C ARG A 102 -49.37 -45.28 -1.50
N VAL A 103 -48.24 -45.73 -0.97
CA VAL A 103 -48.17 -46.18 0.45
C VAL A 103 -47.45 -45.18 1.38
N ASN A 104 -47.85 -45.18 2.65
CA ASN A 104 -47.16 -44.45 3.70
C ASN A 104 -45.79 -45.07 3.94
N SER A 105 -44.83 -44.21 4.28
CA SER A 105 -43.41 -44.55 4.34
C SER A 105 -42.76 -43.77 5.49
N GLU A 106 -42.20 -44.46 6.46
CA GLU A 106 -41.71 -43.81 7.68
C GLU A 106 -40.37 -44.44 8.01
N ARG A 107 -39.47 -43.63 8.51
CA ARG A 107 -38.19 -44.09 9.01
C ARG A 107 -37.62 -43.08 10.05
N TYR A 108 -37.07 -43.59 11.15
CA TYR A 108 -36.58 -42.76 12.23
C TYR A 108 -35.17 -43.26 12.59
N ASP A 109 -34.26 -42.33 12.89
CA ASP A 109 -32.89 -42.65 13.24
C ASP A 109 -32.46 -41.74 14.37
N LEU A 110 -31.74 -42.29 15.35
CA LEU A 110 -31.21 -41.54 16.47
C LEU A 110 -29.88 -42.18 16.82
N GLY A 111 -28.80 -41.41 16.84
CA GLY A 111 -27.54 -41.92 17.37
C GLY A 111 -26.30 -41.11 16.99
N LEU A 112 -25.15 -41.79 17.00
CA LEU A 112 -23.88 -41.21 16.64
C LEU A 112 -23.54 -41.42 15.17
N ASP A 113 -23.14 -40.35 14.48
CA ASP A 113 -22.61 -40.37 13.11
C ASP A 113 -21.10 -40.17 13.16
N SER A 114 -20.41 -40.99 12.38
CA SER A 114 -18.98 -40.98 12.33
C SER A 114 -18.53 -40.76 10.91
N ALA A 115 -17.55 -39.88 10.76
CA ALA A 115 -16.92 -39.65 9.47
C ALA A 115 -15.41 -39.66 9.69
N TRP A 116 -14.66 -40.43 8.93
CA TRP A 116 -13.22 -40.54 9.20
C TRP A 116 -12.49 -40.71 7.87
N GLU A 117 -11.58 -39.78 7.53
CA GLU A 117 -10.70 -40.01 6.40
CA GLU A 117 -10.69 -40.02 6.39
C GLU A 117 -9.45 -40.70 7.00
N LEU A 118 -9.05 -41.86 6.48
CA LEU A 118 -7.88 -42.56 6.97
C LEU A 118 -6.77 -41.91 6.22
N ASP A 119 -5.77 -41.47 6.92
CA ASP A 119 -4.88 -40.55 6.26
C ASP A 119 -3.75 -41.36 5.66
N LEU A 120 -4.02 -42.23 4.70
CA LEU A 120 -3.00 -43.19 4.28
C LEU A 120 -1.87 -42.57 3.50
N PHE A 121 -2.15 -41.45 2.82
CA PHE A 121 -1.19 -40.74 2.00
C PHE A 121 -0.79 -39.37 2.57
N GLY A 122 -1.32 -39.04 3.74
CA GLY A 122 -0.92 -37.87 4.51
C GLY A 122 -1.52 -36.53 4.11
N ARG A 123 -2.63 -36.52 3.37
CA ARG A 123 -3.34 -35.29 3.04
C ARG A 123 -3.52 -34.44 4.30
N ILE A 124 -4.03 -35.10 5.36
CA ILE A 124 -4.32 -34.43 6.61
C ILE A 124 -3.06 -34.04 7.41
N ARG A 125 -2.12 -34.95 7.53
CA ARG A 125 -0.83 -34.61 8.16
C ARG A 125 -0.23 -33.36 7.54
N ARG A 126 -0.28 -33.29 6.21
CA ARG A 126 0.21 -32.14 5.49
C ARG A 126 -0.63 -30.86 5.76
N GLN A 127 -1.97 -30.98 5.79
CA GLN A 127 -2.78 -29.83 6.16
C GLN A 127 -2.38 -29.28 7.53
N LEU A 128 -2.06 -30.17 8.46
CA LEU A 128 -1.72 -29.78 9.80
C LEU A 128 -0.35 -29.15 9.79
N GLU A 129 0.57 -29.78 9.04
CA GLU A 129 1.93 -29.28 8.90
C GLU A 129 1.89 -27.82 8.36
N SER A 130 0.99 -27.55 7.40
CA SER A 130 0.85 -26.20 6.83
C SER A 130 0.30 -25.20 7.87
N SER A 131 -0.78 -25.59 8.50
CA SER A 131 -1.39 -24.81 9.54
C SER A 131 -0.42 -24.53 10.68
N ASP A 132 0.34 -25.52 11.17
CA ASP A 132 1.37 -25.27 12.20
C ASP A 132 2.36 -24.20 11.71
N ALA A 133 2.77 -24.29 10.43
CA ALA A 133 3.75 -23.35 9.94
C ALA A 133 3.15 -21.97 9.87
N LEU A 134 1.87 -21.85 9.48
CA LEU A 134 1.20 -20.54 9.42
C LEU A 134 1.01 -19.89 10.78
N SER A 135 0.84 -20.72 11.80
CA SER A 135 0.88 -20.27 13.19
C SER A 135 2.27 -19.66 13.56
N GLU A 136 3.33 -20.37 13.18
CA GLU A 136 4.66 -19.85 13.44
C GLU A 136 4.88 -18.56 12.65
N ALA A 137 4.39 -18.50 11.40
CA ALA A 137 4.46 -17.24 10.65
C ALA A 137 3.78 -16.11 11.34
N ALA A 138 2.62 -16.37 11.92
CA ALA A 138 1.91 -15.32 12.61
C ALA A 138 2.70 -14.84 13.86
N GLU A 139 3.36 -15.77 14.55
CA GLU A 139 4.19 -15.39 15.68
C GLU A 139 5.33 -14.50 15.18
N ALA A 140 5.93 -14.88 14.07
CA ALA A 140 6.98 -14.05 13.52
C ALA A 140 6.48 -12.67 13.03
N ASP A 141 5.31 -12.61 12.40
CA ASP A 141 4.71 -11.31 12.01
C ASP A 141 4.59 -10.36 13.24
N LEU A 142 4.16 -10.92 14.37
CA LEU A 142 4.05 -10.17 15.61
C LEU A 142 5.39 -9.66 16.06
N GLN A 143 6.40 -10.52 16.02
CA GLN A 143 7.73 -10.11 16.43
C GLN A 143 8.29 -9.04 15.52
N GLN A 144 8.00 -9.12 14.23
CA GLN A 144 8.49 -8.14 13.27
C GLN A 144 7.81 -6.84 13.56
N LEU A 145 6.51 -6.88 13.87
CA LEU A 145 5.78 -5.67 14.16
C LEU A 145 6.41 -5.04 15.37
N GLN A 146 6.76 -5.81 16.38
CA GLN A 146 7.45 -5.24 17.53
C GLN A 146 8.78 -4.55 17.16
N VAL A 147 9.56 -5.18 16.30
CA VAL A 147 10.81 -4.60 15.84
C VAL A 147 10.56 -3.27 15.11
N SER A 148 9.57 -3.30 14.25
CA SER A 148 9.24 -2.13 13.45
C SER A 148 8.72 -0.97 14.28
N LEU A 149 7.88 -1.30 15.25
CA LEU A 149 7.26 -0.33 16.14
C LEU A 149 8.30 0.30 17.05
N ILE A 150 9.16 -0.50 17.67
CA ILE A 150 10.20 0.04 18.51
C ILE A 150 11.07 1.01 17.69
N ALA A 151 11.50 0.57 16.52
CA ALA A 151 12.33 1.42 15.66
C ALA A 151 11.58 2.72 15.29
N GLU A 152 10.32 2.60 14.87
CA GLU A 152 9.58 3.81 14.50
C GLU A 152 9.48 4.84 15.66
N LEU A 153 9.26 4.31 16.86
CA LEU A 153 9.06 5.12 18.06
C LEU A 153 10.35 5.79 18.49
N VAL A 154 11.43 5.02 18.48
CA VAL A 154 12.72 5.57 18.89
C VAL A 154 13.11 6.68 17.88
N ASP A 155 12.83 6.42 16.61
CA ASP A 155 13.15 7.32 15.54
C ASP A 155 12.36 8.61 15.72
N ALA A 156 11.07 8.46 16.04
CA ALA A 156 10.24 9.64 16.22
C ALA A 156 10.67 10.50 17.41
N TYR A 157 11.10 9.85 18.49
CA TYR A 157 11.60 10.57 19.65
C TYR A 157 12.82 11.38 19.20
N GLY A 158 13.65 10.78 18.35
CA GLY A 158 14.77 11.47 17.78
C GLY A 158 14.35 12.69 16.99
N GLN A 159 13.30 12.55 16.18
CA GLN A 159 12.87 13.67 15.38
C GLN A 159 12.35 14.79 16.28
N LEU A 160 11.67 14.41 17.34
CA LEU A 160 11.17 15.36 18.28
C LEU A 160 12.30 16.14 18.92
N ARG A 161 13.30 15.44 19.43
CA ARG A 161 14.45 16.12 20.02
C ARG A 161 15.17 16.99 19.01
N GLY A 162 15.16 16.54 17.76
CA GLY A 162 15.77 17.31 16.72
C GLY A 162 15.05 18.63 16.54
N ALA A 163 13.72 18.58 16.49
CA ALA A 163 12.99 19.81 16.29
C ALA A 163 13.23 20.73 17.48
N GLN A 164 13.31 20.18 18.67
CA GLN A 164 13.53 20.97 19.87
C GLN A 164 14.89 21.59 19.90
N LEU A 165 15.90 20.81 19.51
CA LEU A 165 17.25 21.29 19.39
C LEU A 165 17.32 22.42 18.35
N ARG A 166 16.66 22.25 17.23
CA ARG A 166 16.76 23.23 16.18
C ARG A 166 16.02 24.50 16.53
N GLU A 167 14.91 24.37 17.22
CA GLU A 167 14.20 25.55 17.76
C GLU A 167 15.16 26.34 18.67
N LYS A 168 15.86 25.66 19.53
CA LYS A 168 16.76 26.33 20.47
C LYS A 168 17.91 27.06 19.74
N ILE A 169 18.43 26.42 18.70
CA ILE A 169 19.42 27.05 17.79
C ILE A 169 18.82 28.24 17.04
N ALA A 170 17.59 28.10 16.58
CA ALA A 170 16.96 29.21 15.91
C ALA A 170 16.75 30.38 16.85
N LEU A 171 16.29 30.15 18.06
CA LEU A 171 16.05 31.24 19.04
C LEU A 171 17.35 31.91 19.46
N SER A 172 18.40 31.12 19.55
CA SER A 172 19.70 31.62 19.93
C SER A 172 20.28 32.53 18.83
N ASN A 173 20.15 32.10 17.58
CA ASN A 173 20.54 32.92 16.45
C ASN A 173 19.63 34.13 16.28
N LEU A 174 18.34 33.98 16.63
CA LEU A 174 17.42 35.11 16.59
C LEU A 174 17.89 36.20 17.53
N GLU A 175 18.34 35.86 18.74
CA GLU A 175 18.90 36.84 19.69
C GLU A 175 20.12 37.51 19.12
N ASN A 176 21.07 36.79 18.52
CA ASN A 176 22.26 37.43 17.85
C ASN A 176 21.81 38.42 16.81
N GLN A 177 20.84 38.01 16.00
CA GLN A 177 20.28 38.84 14.95
C GLN A 177 19.51 40.07 15.47
N LYS A 178 18.87 39.96 16.62
CA LYS A 178 18.16 41.07 17.27
C LYS A 178 19.19 42.10 17.72
N GLU A 179 20.27 41.63 18.37
CA GLU A 179 21.39 42.48 18.76
C GLU A 179 21.98 43.26 17.59
N SER A 180 22.17 42.59 16.46
CA SER A 180 22.68 43.21 15.24
C SER A 180 21.71 44.20 14.68
N ARG A 181 20.42 43.83 14.58
CA ARG A 181 19.44 44.79 14.11
C ARG A 181 19.53 46.04 14.95
N GLN A 182 19.61 45.86 16.26
CA GLN A 182 19.61 46.96 17.21
C GLN A 182 20.87 47.81 16.96
N LEU A 183 22.02 47.19 16.73
CA LEU A 183 23.22 47.94 16.34
C LEU A 183 23.06 48.74 15.03
N THR A 184 22.45 48.16 14.00
CA THR A 184 22.24 48.93 12.77
C THR A 184 21.37 50.18 13.04
N GLU A 185 20.35 50.05 13.89
CA GLU A 185 19.46 51.19 14.21
C GLU A 185 20.27 52.23 14.95
N GLN A 186 21.06 51.82 15.94
CA GLN A 186 21.87 52.74 16.71
C GLN A 186 22.82 53.53 15.86
N LEU A 187 23.56 52.82 15.03
CA LEU A 187 24.46 53.47 14.09
C LEU A 187 23.73 54.43 13.15
N ARG A 188 22.59 54.01 12.63
CA ARG A 188 21.80 54.86 11.71
C ARG A 188 21.35 56.12 12.45
N ASP A 189 20.76 55.93 13.62
CA ASP A 189 20.24 57.02 14.45
C ASP A 189 21.31 58.01 14.93
N ALA A 190 22.53 57.53 15.11
CA ALA A 190 23.67 58.36 15.43
C ALA A 190 24.31 59.03 14.22
N GLY A 191 23.67 58.99 13.05
CA GLY A 191 24.26 59.55 11.84
C GLY A 191 25.50 58.85 11.22
N VAL A 192 25.88 57.65 11.68
CA VAL A 192 27.02 56.95 11.10
C VAL A 192 26.64 55.58 10.57
N GLY A 193 25.40 55.41 10.13
CA GLY A 193 24.91 54.13 9.68
C GLY A 193 24.17 54.29 8.37
N ALA A 194 23.14 53.46 8.16
CA ALA A 194 22.34 53.50 6.93
C ALA A 194 21.04 52.72 7.05
N GLU A 195 19.95 53.28 6.58
CA GLU A 195 18.70 52.56 6.45
C GLU A 195 18.88 51.22 5.72
N LEU A 196 19.73 51.16 4.71
CA LEU A 196 19.97 49.92 4.01
C LEU A 196 20.45 48.79 4.95
N ASP A 197 21.22 49.14 5.97
CA ASP A 197 21.67 48.18 6.96
C ASP A 197 20.48 47.73 7.80
N VAL A 198 19.64 48.66 8.23
CA VAL A 198 18.52 48.26 9.07
C VAL A 198 17.53 47.36 8.32
N LEU A 199 17.24 47.70 7.07
CA LEU A 199 16.36 46.91 6.23
C LEU A 199 16.84 45.48 6.07
N ARG A 200 18.12 45.31 5.73
CA ARG A 200 18.62 43.95 5.54
C ARG A 200 18.62 43.18 6.84
N ALA A 201 18.94 43.87 7.92
CA ALA A 201 18.90 43.24 9.24
C ALA A 201 17.48 42.81 9.61
N ASP A 202 16.49 43.65 9.31
CA ASP A 202 15.10 43.30 9.57
C ASP A 202 14.70 42.08 8.76
N ALA A 203 15.12 42.00 7.49
CA ALA A 203 14.68 40.93 6.65
C ALA A 203 15.22 39.62 7.18
N ARG A 204 16.49 39.60 7.51
CA ARG A 204 17.12 38.42 8.09
C ARG A 204 16.49 37.97 9.45
N LEU A 205 16.22 38.95 10.30
CA LEU A 205 15.53 38.65 11.56
C LEU A 205 14.17 37.93 11.30
N ALA A 206 13.40 38.46 10.35
CA ALA A 206 12.10 37.90 10.10
C ALA A 206 12.24 36.47 9.52
N ALA A 207 13.22 36.27 8.64
CA ALA A 207 13.50 34.92 8.12
C ALA A 207 13.78 33.94 9.23
N THR A 208 14.58 34.36 10.20
CA THR A 208 14.95 33.45 11.26
C THR A 208 13.73 33.21 12.17
N ALA A 209 13.00 34.27 12.44
CA ALA A 209 11.75 34.17 13.21
C ALA A 209 10.74 33.24 12.55
N ALA A 210 10.66 33.29 11.23
CA ALA A 210 9.79 32.42 10.49
C ALA A 210 10.12 30.95 10.70
N SER A 211 11.37 30.61 10.95
CA SER A 211 11.72 29.17 11.13
C SER A 211 11.18 28.59 12.42
N VAL A 212 11.02 29.44 13.44
CA VAL A 212 10.54 28.95 14.74
C VAL A 212 9.18 28.22 14.75
N PRO A 213 8.13 28.82 14.25
CA PRO A 213 6.88 28.08 14.24
C PRO A 213 6.93 26.85 13.35
N GLN A 214 7.73 26.86 12.29
CA GLN A 214 7.95 25.61 11.51
C GLN A 214 8.50 24.51 12.38
N LEU A 215 9.58 24.82 13.09
CA LEU A 215 10.21 23.82 13.92
C LEU A 215 9.27 23.38 15.03
N GLN A 216 8.48 24.32 15.57
CA GLN A 216 7.56 23.92 16.63
C GLN A 216 6.49 22.98 16.06
N ALA A 217 6.03 23.29 14.85
CA ALA A 217 5.07 22.45 14.19
C ALA A 217 5.57 21.04 14.04
N GLU A 218 6.86 20.85 13.72
CA GLU A 218 7.43 19.46 13.52
C GLU A 218 7.52 18.74 14.85
N ALA A 219 7.87 19.50 15.89
CA ALA A 219 7.85 18.94 17.24
C ALA A 219 6.46 18.43 17.63
N GLU A 220 5.44 19.22 17.34
CA GLU A 220 4.07 18.79 17.63
C GLU A 220 3.63 17.55 16.81
N ARG A 221 3.94 17.48 15.49
CA ARG A 221 3.63 16.26 14.74
C ARG A 221 4.36 15.09 15.36
N ALA A 222 5.61 15.28 15.79
CA ALA A 222 6.32 14.18 16.42
C ALA A 222 5.67 13.75 17.74
N ARG A 223 5.28 14.71 18.58
CA ARG A 223 4.60 14.40 19.85
CA ARG A 223 4.62 14.41 19.86
C ARG A 223 3.36 13.58 19.54
N HIS A 224 2.63 13.99 18.49
CA HIS A 224 1.42 13.31 18.13
C HIS A 224 1.64 11.88 17.59
N ARG A 225 2.68 11.66 16.77
CA ARG A 225 3.04 10.31 16.32
C ARG A 225 3.30 9.46 17.57
N ILE A 226 4.11 9.99 18.48
CA ILE A 226 4.51 9.27 19.70
C ILE A 226 3.26 8.80 20.46
N ALA A 227 2.31 9.73 20.65
CA ALA A 227 1.08 9.35 21.36
C ALA A 227 0.36 8.18 20.69
N THR A 228 0.09 8.24 19.39
CA THR A 228 -0.48 7.08 18.73
C THR A 228 0.37 5.82 18.88
N LEU A 229 1.68 5.92 18.75
CA LEU A 229 2.51 4.74 18.86
C LEU A 229 2.39 4.12 20.26
N LEU A 230 2.13 4.96 21.27
CA LEU A 230 1.87 4.50 22.65
C LEU A 230 0.45 3.95 22.88
N GLY A 231 -0.44 4.11 21.93
CA GLY A 231 -1.82 3.75 22.13
C GLY A 231 -2.57 4.78 22.89
N GLN A 232 -2.10 6.01 22.85
CA GLN A 232 -2.65 7.10 23.63
C GLN A 232 -3.14 8.24 22.75
N ARG A 233 -4.14 8.93 23.26
CA ARG A 233 -4.68 10.09 22.61
C ARG A 233 -3.75 11.26 22.76
N PRO A 234 -3.77 12.20 21.81
CA PRO A 234 -2.76 13.28 21.82
C PRO A 234 -2.69 14.10 23.07
N GLU A 235 -3.83 14.45 23.60
CA GLU A 235 -3.91 15.28 24.82
C GLU A 235 -3.71 14.44 26.10
N GLU A 236 -3.63 13.11 26.02
CA GLU A 236 -3.50 12.24 27.18
C GLU A 236 -2.14 11.60 27.35
N LEU A 237 -1.11 12.10 26.67
CA LEU A 237 0.22 11.62 26.94
C LEU A 237 0.65 11.73 28.39
N THR A 238 1.05 10.60 28.94
CA THR A 238 1.44 10.45 30.34
C THR A 238 2.88 11.07 30.56
N VAL A 239 3.76 10.75 29.62
CA VAL A 239 5.17 11.03 29.69
C VAL A 239 5.51 12.46 29.31
N ASP A 240 6.30 13.07 30.14
CA ASP A 240 6.79 14.41 29.94
C ASP A 240 7.84 14.43 28.81
N LEU A 241 7.50 15.10 27.73
CA LEU A 241 8.34 15.28 26.57
C LEU A 241 8.93 16.68 26.42
N SER A 242 9.04 17.42 27.51
N SER A 242 9.04 17.42 27.52
CA SER A 242 9.72 18.68 27.53
CA SER A 242 9.70 18.69 27.51
C SER A 242 11.15 18.55 27.05
C SER A 242 11.15 18.55 27.05
N PRO A 243 11.72 19.60 26.43
CA PRO A 243 13.04 19.45 25.79
C PRO A 243 14.14 18.87 26.66
N ARG A 244 14.89 17.95 26.06
CA ARG A 244 16.14 17.42 26.58
C ARG A 244 17.05 17.24 25.37
N ASP A 245 18.33 17.11 25.63
CA ASP A 245 19.33 16.81 24.58
C ASP A 245 19.06 15.52 23.82
N LEU A 246 19.40 15.52 22.55
CA LEU A 246 19.32 14.36 21.69
C LEU A 246 20.26 13.35 22.31
N PRO A 247 19.76 12.17 22.63
CA PRO A 247 20.64 11.12 23.14
C PRO A 247 21.76 10.72 22.21
N ALA A 248 22.81 10.21 22.82
CA ALA A 248 23.98 9.74 22.10
C ALA A 248 24.52 8.47 22.70
N ILE A 249 25.22 7.70 21.86
CA ILE A 249 25.88 6.47 22.29
C ILE A 249 27.34 6.72 22.06
N THR A 250 28.12 6.77 23.14
CA THR A 250 29.57 6.98 22.98
C THR A 250 30.38 5.67 22.86
N LYS A 251 29.93 4.55 23.45
CA LYS A 251 30.69 3.29 23.24
C LYS A 251 30.51 2.80 21.81
N ALA A 252 31.43 1.98 21.35
CA ALA A 252 31.26 1.36 20.04
C ALA A 252 29.98 0.52 20.09
N LEU A 253 29.29 0.48 18.96
CA LEU A 253 27.94 -0.12 18.90
C LEU A 253 28.03 -1.63 19.00
N PRO A 254 27.43 -2.21 20.04
CA PRO A 254 27.30 -3.64 20.07
C PRO A 254 26.31 -4.15 19.04
N ILE A 255 26.85 -4.62 17.91
CA ILE A 255 26.06 -5.10 16.79
C ILE A 255 26.14 -6.61 16.59
N GLY A 256 26.82 -7.30 17.48
CA GLY A 256 27.03 -8.73 17.32
C GLY A 256 27.67 -9.16 16.03
N ASP A 257 27.44 -10.42 15.66
CA ASP A 257 27.97 -10.94 14.42
C ASP A 257 26.95 -10.65 13.35
N PRO A 258 27.27 -9.81 12.38
CA PRO A 258 26.22 -9.54 11.40
C PRO A 258 25.76 -10.78 10.62
N GLY A 259 26.58 -11.84 10.55
CA GLY A 259 26.13 -13.15 10.06
C GLY A 259 24.86 -13.72 10.67
N GLU A 260 24.63 -13.36 11.94
CA GLU A 260 23.40 -13.79 12.61
C GLU A 260 22.15 -13.04 12.20
N LEU A 261 22.26 -11.94 11.46
CA LEU A 261 21.10 -11.08 11.21
C LEU A 261 19.92 -11.77 10.56
N LEU A 262 20.19 -12.55 9.52
CA LEU A 262 19.09 -13.27 8.87
C LEU A 262 18.39 -14.25 9.77
N ARG A 263 19.08 -14.81 10.76
CA ARG A 263 18.43 -15.71 11.73
C ARG A 263 17.68 -14.89 12.79
N ARG A 264 18.10 -13.70 13.08
CA ARG A 264 17.45 -12.90 14.08
C ARG A 264 16.20 -12.23 13.57
N ARG A 265 16.15 -11.87 12.30
CA ARG A 265 15.05 -11.00 11.82
C ARG A 265 13.72 -11.75 11.72
N PRO A 266 12.70 -11.31 12.44
CA PRO A 266 11.45 -12.04 12.36
C PRO A 266 10.79 -12.04 10.99
N ASP A 267 10.98 -10.98 10.18
CA ASP A 267 10.36 -10.96 8.82
C ASP A 267 10.93 -12.08 7.98
N ILE A 268 12.23 -12.40 8.15
CA ILE A 268 12.84 -13.48 7.43
C ILE A 268 12.19 -14.79 7.90
N ARG A 269 12.04 -14.96 9.21
CA ARG A 269 11.41 -16.19 9.75
C ARG A 269 9.95 -16.31 9.26
N ALA A 270 9.23 -15.21 9.25
CA ALA A 270 7.84 -15.24 8.78
C ALA A 270 7.72 -15.78 7.36
N ALA A 271 8.57 -15.25 6.49
CA ALA A 271 8.51 -15.60 5.08
C ALA A 271 9.02 -17.05 4.87
N GLU A 272 9.99 -17.47 5.69
CA GLU A 272 10.44 -18.87 5.68
C GLU A 272 9.31 -19.82 6.11
N ARG A 273 8.53 -19.37 7.09
CA ARG A 273 7.40 -20.14 7.60
C ARG A 273 6.37 -20.27 6.50
N ARG A 274 6.07 -19.17 5.81
CA ARG A 274 5.10 -19.21 4.74
C ARG A 274 5.56 -20.11 3.62
N LEU A 275 6.87 -20.17 3.42
CA LEU A 275 7.43 -21.10 2.45
C LEU A 275 7.21 -22.53 2.89
N ALA A 276 7.51 -22.83 4.14
CA ALA A 276 7.24 -24.14 4.68
C ALA A 276 5.78 -24.51 4.52
N ALA A 277 4.87 -23.58 4.87
CA ALA A 277 3.42 -23.94 4.74
C ALA A 277 2.98 -24.23 3.29
N SER A 278 3.52 -23.42 2.39
CA SER A 278 3.23 -23.55 0.99
C SER A 278 3.73 -24.88 0.41
N THR A 279 4.89 -25.34 0.91
CA THR A 279 5.51 -26.60 0.54
C THR A 279 4.66 -27.78 1.07
N ALA A 280 4.18 -27.66 2.28
CA ALA A 280 3.24 -28.63 2.80
C ALA A 280 1.95 -28.64 1.95
N ASP A 281 1.48 -27.47 1.51
CA ASP A 281 0.31 -27.44 0.65
C ASP A 281 0.47 -28.22 -0.68
N VAL A 282 1.69 -28.32 -1.17
CA VAL A 282 1.97 -29.15 -2.34
C VAL A 282 1.65 -30.62 -1.99
N GLY A 283 2.04 -31.03 -0.80
CA GLY A 283 1.72 -32.33 -0.25
C GLY A 283 0.23 -32.62 -0.22
N VAL A 284 -0.52 -31.65 0.28
CA VAL A 284 -1.97 -31.78 0.35
C VAL A 284 -2.50 -32.12 -1.05
N ALA A 285 -2.12 -31.33 -2.03
CA ALA A 285 -2.64 -31.53 -3.39
C ALA A 285 -2.13 -32.80 -4.05
N THR A 286 -0.88 -33.18 -3.72
CA THR A 286 -0.25 -34.39 -4.23
C THR A 286 -1.01 -35.64 -3.74
N ALA A 287 -1.47 -35.60 -2.50
CA ALA A 287 -2.29 -36.70 -1.98
C ALA A 287 -3.54 -37.01 -2.80
N ASP A 288 -4.10 -36.02 -3.50
CA ASP A 288 -5.29 -36.26 -4.32
C ASP A 288 -5.00 -37.07 -5.60
N LEU A 289 -3.72 -37.29 -5.92
CA LEU A 289 -3.38 -38.21 -6.99
C LEU A 289 -3.65 -39.66 -6.58
N PHE A 290 -3.69 -39.93 -5.26
CA PHE A 290 -3.84 -41.29 -4.72
C PHE A 290 -5.27 -41.48 -4.31
N PRO A 291 -5.69 -42.72 -4.08
CA PRO A 291 -7.07 -42.90 -3.61
C PRO A 291 -7.28 -42.29 -2.25
N ARG A 292 -8.53 -41.88 -2.01
CA ARG A 292 -8.98 -41.42 -0.70
C ARG A 292 -9.77 -42.56 -0.04
N VAL A 293 -9.30 -43.05 1.10
CA VAL A 293 -9.95 -44.10 1.87
C VAL A 293 -10.65 -43.48 3.09
N SER A 294 -11.96 -43.69 3.20
N SER A 294 -11.96 -43.69 3.20
CA SER A 294 -12.74 -43.18 4.33
CA SER A 294 -12.69 -43.20 4.37
C SER A 294 -13.59 -44.29 4.93
C SER A 294 -13.60 -44.28 4.93
N LEU A 295 -14.07 -44.08 6.17
CA LEU A 295 -14.87 -45.04 6.89
C LEU A 295 -15.95 -44.27 7.62
N SER A 296 -17.18 -44.32 7.13
CA SER A 296 -18.28 -43.70 7.89
C SER A 296 -18.89 -44.74 8.85
N GLY A 297 -19.67 -44.26 9.79
CA GLY A 297 -20.25 -45.13 10.82
C GLY A 297 -21.56 -44.59 11.37
N PHE A 298 -22.39 -45.48 11.86
CA PHE A 298 -23.58 -45.06 12.59
C PHE A 298 -23.74 -46.03 13.75
N LEU A 299 -24.11 -45.53 14.92
CA LEU A 299 -24.35 -46.38 16.07
C LEU A 299 -25.52 -45.76 16.80
N GLY A 300 -26.60 -46.50 16.96
CA GLY A 300 -27.75 -45.93 17.61
C GLY A 300 -29.00 -46.74 17.37
N PHE A 301 -30.01 -46.09 16.83
CA PHE A 301 -31.32 -46.68 16.67
C PHE A 301 -31.90 -46.31 15.32
N THR A 302 -32.51 -47.33 14.67
CA THR A 302 -33.20 -47.16 13.38
C THR A 302 -34.50 -47.95 13.50
N ALA A 303 -35.59 -47.37 13.04
CA ALA A 303 -36.87 -48.06 13.11
C ALA A 303 -37.84 -47.47 12.14
N GLY A 304 -38.74 -48.30 11.64
CA GLY A 304 -39.89 -47.85 10.84
C GLY A 304 -41.02 -47.17 11.64
N ARG A 305 -40.97 -47.29 12.97
CA ARG A 305 -42.01 -46.78 13.86
C ARG A 305 -41.34 -45.96 14.98
N GLY A 306 -41.70 -44.68 15.06
CA GLY A 306 -41.17 -43.80 16.05
C GLY A 306 -41.17 -44.37 17.45
N SER A 307 -42.26 -45.08 17.81
CA SER A 307 -42.37 -45.67 19.15
C SER A 307 -41.14 -46.52 19.60
N GLN A 308 -40.46 -47.15 18.64
CA GLN A 308 -39.41 -48.11 18.97
C GLN A 308 -38.00 -47.52 19.24
N ILE A 309 -37.77 -46.30 18.75
CA ILE A 309 -36.50 -45.60 18.96
C ILE A 309 -36.18 -45.59 20.45
N GLY A 310 -34.97 -45.96 20.80
CA GLY A 310 -34.54 -46.11 22.18
C GLY A 310 -34.60 -47.54 22.71
N SER A 311 -35.43 -48.40 22.11
CA SER A 311 -35.54 -49.78 22.60
C SER A 311 -34.53 -50.73 21.94
N SER A 312 -34.24 -51.85 22.61
CA SER A 312 -33.47 -52.96 22.04
C SER A 312 -33.85 -53.39 20.65
N ALA A 313 -35.14 -53.41 20.34
CA ALA A 313 -35.59 -53.88 19.02
C ALA A 313 -35.21 -52.90 17.92
N ALA A 314 -34.80 -51.67 18.27
CA ALA A 314 -34.38 -50.68 17.27
C ALA A 314 -32.89 -50.43 17.20
N ARG A 315 -32.10 -51.07 18.07
CA ARG A 315 -30.64 -50.99 17.98
C ARG A 315 -30.20 -51.18 16.53
N ALA A 316 -29.23 -50.36 16.14
CA ALA A 316 -28.67 -50.40 14.79
C ALA A 316 -27.20 -49.96 14.83
N TRP A 317 -26.44 -50.51 13.91
CA TRP A 317 -25.11 -50.04 13.63
C TRP A 317 -24.84 -50.25 12.14
N SER A 318 -23.98 -49.40 11.60
CA SER A 318 -23.63 -49.45 10.20
C SER A 318 -22.19 -48.92 10.01
N VAL A 319 -21.55 -49.38 8.96
CA VAL A 319 -20.17 -49.09 8.74
C VAL A 319 -20.10 -48.88 7.23
N GLY A 320 -19.41 -47.82 6.80
CA GLY A 320 -19.42 -47.38 5.40
C GLY A 320 -18.01 -47.19 4.83
N PRO A 321 -17.26 -48.30 4.66
CA PRO A 321 -15.91 -48.09 4.12
C PRO A 321 -16.03 -47.64 2.66
N SER A 322 -15.13 -46.78 2.25
CA SER A 322 -15.20 -46.17 0.94
C SER A 322 -13.79 -45.85 0.42
N ILE A 323 -13.54 -46.22 -0.83
CA ILE A 323 -12.31 -45.83 -1.47
C ILE A 323 -12.69 -45.18 -2.80
N SER A 324 -12.23 -43.95 -3.00
CA SER A 324 -12.49 -43.27 -4.27
C SER A 324 -11.19 -42.79 -4.89
N TRP A 325 -11.21 -42.64 -6.21
CA TRP A 325 -10.02 -42.24 -6.92
C TRP A 325 -10.46 -41.46 -8.13
N ALA A 326 -9.74 -40.37 -8.39
CA ALA A 326 -10.11 -39.45 -9.44
C ALA A 326 -10.22 -40.07 -10.84
N ALA A 327 -9.47 -41.12 -11.11
CA ALA A 327 -9.61 -41.90 -12.36
C ALA A 327 -9.52 -40.98 -13.55
N PHE A 328 -10.55 -40.84 -14.36
CA PHE A 328 -10.45 -40.03 -15.59
C PHE A 328 -10.41 -38.53 -15.29
N ASP A 329 -10.74 -38.11 -14.06
CA ASP A 329 -10.58 -36.72 -13.61
C ASP A 329 -9.22 -36.39 -13.02
N LEU A 330 -8.24 -37.30 -13.11
CA LEU A 330 -6.87 -36.97 -12.77
C LEU A 330 -6.27 -35.67 -13.36
N GLY A 331 -6.65 -35.30 -14.59
CA GLY A 331 -6.26 -34.04 -15.19
C GLY A 331 -6.54 -32.81 -14.31
N SER A 332 -7.73 -32.82 -13.71
CA SER A 332 -8.15 -31.78 -12.74
C SER A 332 -7.29 -31.73 -11.49
N VAL A 333 -6.99 -32.91 -10.97
CA VAL A 333 -6.19 -33.06 -9.76
C VAL A 333 -4.81 -32.57 -10.06
N ARG A 334 -4.33 -32.89 -11.27
CA ARG A 334 -3.02 -32.43 -11.71
C ARG A 334 -2.98 -30.88 -11.88
N ALA A 335 -4.07 -30.30 -12.36
CA ALA A 335 -4.16 -28.87 -12.47
C ALA A 335 -4.09 -28.22 -11.08
N ARG A 336 -4.78 -28.77 -10.11
CA ARG A 336 -4.66 -28.20 -8.77
C ARG A 336 -3.26 -28.36 -8.17
N LEU A 337 -2.60 -29.47 -8.51
CA LEU A 337 -1.25 -29.72 -8.05
C LEU A 337 -0.26 -28.69 -8.65
N ARG A 338 -0.43 -28.42 -9.94
CA ARG A 338 0.37 -27.38 -10.63
C ARG A 338 0.19 -26.06 -9.97
N GLY A 339 -1.07 -25.77 -9.60
CA GLY A 339 -1.43 -24.57 -8.87
C GLY A 339 -0.70 -24.50 -7.52
N ALA A 340 -0.74 -25.58 -6.77
CA ALA A 340 -0.03 -25.58 -5.50
C ALA A 340 1.50 -25.45 -5.73
N LYS A 341 2.02 -26.05 -6.80
CA LYS A 341 3.46 -25.93 -7.09
C LYS A 341 3.82 -24.49 -7.42
N ALA A 342 2.98 -23.84 -8.21
CA ALA A 342 3.16 -22.45 -8.51
C ALA A 342 3.15 -21.62 -7.24
N ASP A 343 2.26 -21.92 -6.30
CA ASP A 343 2.20 -21.07 -5.09
C ASP A 343 3.45 -21.27 -4.24
N ALA A 344 3.98 -22.48 -4.23
CA ALA A 344 5.20 -22.72 -3.48
C ALA A 344 6.38 -22.05 -4.13
N ASP A 345 6.45 -21.99 -5.48
CA ASP A 345 7.52 -21.21 -6.15
C ASP A 345 7.37 -19.75 -5.83
N ALA A 346 6.15 -19.24 -5.80
CA ALA A 346 5.93 -17.83 -5.40
C ALA A 346 6.50 -17.63 -4.04
N ALA A 347 6.18 -18.53 -3.12
CA ALA A 347 6.66 -18.33 -1.75
C ALA A 347 8.17 -18.40 -1.64
N LEU A 348 8.81 -19.25 -2.44
CA LEU A 348 10.27 -19.36 -2.40
C LEU A 348 10.86 -18.05 -2.87
N ALA A 349 10.38 -17.56 -4.01
CA ALA A 349 10.91 -16.36 -4.55
C ALA A 349 10.67 -15.17 -3.62
N SER A 350 9.52 -15.20 -2.99
CA SER A 350 9.17 -14.16 -2.07
C SER A 350 10.06 -14.18 -0.81
N TYR A 351 10.38 -15.39 -0.33
CA TYR A 351 11.37 -15.54 0.76
C TYR A 351 12.73 -14.96 0.34
N GLU A 352 13.15 -15.29 -0.86
CA GLU A 352 14.47 -14.84 -1.33
C GLU A 352 14.49 -13.31 -1.42
N GLN A 353 13.41 -12.73 -1.91
CA GLN A 353 13.31 -11.31 -1.97
C GLN A 353 13.45 -10.64 -0.61
N GLN A 354 12.81 -11.21 0.41
CA GLN A 354 12.91 -10.65 1.77
C GLN A 354 14.35 -10.73 2.23
N VAL A 355 15.01 -11.86 1.97
CA VAL A 355 16.43 -11.97 2.35
C VAL A 355 17.21 -10.82 1.70
N LEU A 356 16.99 -10.59 0.41
CA LEU A 356 17.71 -9.55 -0.31
C LEU A 356 17.37 -8.17 0.22
N LEU A 357 16.09 -7.91 0.49
CA LEU A 357 15.68 -6.61 1.05
C LEU A 357 16.34 -6.42 2.43
N ALA A 358 16.48 -7.49 3.19
CA ALA A 358 17.10 -7.37 4.51
C ALA A 358 18.59 -7.06 4.41
N LEU A 359 19.27 -7.69 3.46
CA LEU A 359 20.69 -7.44 3.24
C LEU A 359 20.90 -6.05 2.71
N GLU A 360 19.97 -5.59 1.84
CA GLU A 360 19.98 -4.22 1.38
C GLU A 360 19.78 -3.25 2.57
N GLU A 361 18.80 -3.50 3.45
CA GLU A 361 18.60 -2.60 4.59
C GLU A 361 19.84 -2.48 5.46
N SER A 362 20.47 -3.62 5.72
CA SER A 362 21.66 -3.61 6.58
C SER A 362 22.83 -2.95 5.93
N ALA A 363 23.03 -3.21 4.66
CA ALA A 363 24.12 -2.60 3.93
C ALA A 363 23.95 -1.09 3.87
N ASN A 364 22.73 -0.61 3.64
CA ASN A 364 22.44 0.83 3.73
C ASN A 364 22.68 1.40 5.11
N ALA A 365 22.18 0.73 6.14
CA ALA A 365 22.33 1.25 7.47
C ALA A 365 23.78 1.40 7.85
N PHE A 366 24.60 0.41 7.53
CA PHE A 366 26.03 0.54 7.88
C PHE A 366 26.80 1.57 7.05
N SER A 367 26.58 1.59 5.75
CA SER A 367 27.19 2.56 4.84
C SER A 367 26.78 4.00 5.31
N ASP A 368 25.47 4.24 5.55
CA ASP A 368 25.00 5.50 6.04
C ASP A 368 25.66 5.94 7.35
N TYR A 369 25.74 5.04 8.30
CA TYR A 369 26.14 5.46 9.61
C TYR A 369 27.60 5.94 9.58
N GLY A 370 28.44 5.20 8.89
CA GLY A 370 29.86 5.57 8.76
C GLY A 370 30.09 6.92 8.09
N LYS A 371 29.34 7.13 6.99
CA LYS A 371 29.36 8.39 6.27
C LYS A 371 28.81 9.53 7.11
N ARG A 372 27.78 9.26 7.89
CA ARG A 372 27.22 10.28 8.75
C ARG A 372 28.15 10.68 9.87
N GLN A 373 28.96 9.75 10.38
CA GLN A 373 30.05 10.12 11.31
C GLN A 373 31.06 11.06 10.65
N GLU A 374 31.47 10.76 9.41
CA GLU A 374 32.47 11.55 8.71
C GLU A 374 31.92 12.97 8.51
N ARG A 375 30.69 13.02 8.00
CA ARG A 375 30.08 14.25 7.64
C ARG A 375 29.99 15.15 8.89
N LEU A 376 29.61 14.56 10.01
CA LEU A 376 29.48 15.31 11.26
C LEU A 376 30.78 16.00 11.67
N VAL A 377 31.92 15.32 11.52
CA VAL A 377 33.20 15.91 11.89
C VAL A 377 33.37 17.22 11.11
N SER A 378 33.07 17.18 9.80
CA SER A 378 33.17 18.41 8.98
C SER A 378 32.17 19.47 9.41
N LEU A 379 30.96 19.06 9.75
CA LEU A 379 29.98 20.05 10.14
C LEU A 379 30.34 20.75 11.46
N VAL A 380 30.95 20.00 12.37
CA VAL A 380 31.37 20.55 13.65
C VAL A 380 32.43 21.62 13.38
N ARG A 381 33.40 21.32 12.50
CA ARG A 381 34.39 22.32 12.06
C ARG A 381 33.72 23.54 11.44
N GLN A 382 32.68 23.32 10.64
CA GLN A 382 32.01 24.47 9.96
C GLN A 382 31.39 25.37 11.04
N SER A 383 30.73 24.78 12.02
CA SER A 383 30.11 25.55 13.06
C SER A 383 31.06 26.39 13.86
N GLU A 384 32.21 25.82 14.20
CA GLU A 384 33.23 26.52 14.97
C GLU A 384 33.77 27.71 14.21
N ALA A 385 34.08 27.51 12.94
CA ALA A 385 34.66 28.57 12.12
C ALA A 385 33.65 29.66 11.98
N SER A 386 32.41 29.26 11.75
CA SER A 386 31.32 30.20 11.57
C SER A 386 31.04 31.08 12.74
N ARG A 387 30.95 30.45 13.91
CA ARG A 387 30.76 31.18 15.18
C ARG A 387 31.89 32.21 15.30
N ALA A 388 33.12 31.77 15.09
CA ALA A 388 34.27 32.67 15.27
C ALA A 388 34.18 33.84 14.25
N ALA A 389 33.84 33.50 13.00
CA ALA A 389 33.72 34.51 11.99
C ALA A 389 32.68 35.54 12.34
N ALA A 390 31.52 35.10 12.79
CA ALA A 390 30.45 36.03 13.09
C ALA A 390 30.74 36.92 14.27
N GLN A 391 31.44 36.37 15.28
CA GLN A 391 31.92 37.12 16.43
C GLN A 391 32.81 38.27 15.98
N GLN A 392 33.82 37.93 15.15
CA GLN A 392 34.74 38.92 14.64
C GLN A 392 34.08 39.93 13.73
N ALA A 393 33.17 39.47 12.88
CA ALA A 393 32.49 40.39 11.97
C ALA A 393 31.64 41.41 12.75
N ALA A 394 31.03 40.95 13.85
CA ALA A 394 30.28 41.83 14.74
C ALA A 394 31.15 42.92 15.34
N ILE A 395 32.31 42.52 15.82
CA ILE A 395 33.27 43.49 16.39
C ILE A 395 33.67 44.50 15.33
N ARG A 396 33.99 44.03 14.13
CA ARG A 396 34.42 44.94 13.06
C ARG A 396 33.30 45.88 12.58
N TYR A 397 32.06 45.41 12.52
CA TYR A 397 30.95 46.27 12.06
C TYR A 397 30.74 47.41 13.04
N ARG A 398 30.77 47.06 14.32
CA ARG A 398 30.59 47.97 15.41
C ARG A 398 31.64 49.07 15.40
N GLU A 399 32.88 48.70 15.05
CA GLU A 399 33.99 49.61 15.09
C GLU A 399 34.07 50.49 13.84
N GLY A 400 33.20 50.29 12.86
CA GLY A 400 33.35 50.96 11.56
C GLY A 400 34.40 50.43 10.54
N THR A 401 34.97 49.22 10.75
CA THR A 401 36.01 48.64 9.84
C THR A 401 35.52 47.51 8.85
N THR A 402 34.21 47.25 8.78
CA THR A 402 33.61 46.35 7.76
C THR A 402 32.18 46.74 7.49
N ASP A 403 31.69 46.53 6.27
CA ASP A 403 30.31 46.78 5.86
C ASP A 403 29.34 45.81 6.56
N PHE A 404 28.07 46.20 6.64
CA PHE A 404 27.07 45.37 7.27
C PHE A 404 26.89 44.01 6.56
N LEU A 405 27.06 43.97 5.25
CA LEU A 405 26.89 42.70 4.52
C LEU A 405 27.80 41.59 5.08
N VAL A 406 29.01 41.96 5.46
CA VAL A 406 29.95 41.02 6.08
C VAL A 406 29.39 40.44 7.36
N LEU A 407 28.81 41.26 8.21
CA LEU A 407 28.17 40.72 9.41
C LEU A 407 26.91 39.90 9.03
N LEU A 408 26.11 40.41 8.07
CA LEU A 408 24.89 39.73 7.65
C LEU A 408 25.25 38.33 7.19
N ASP A 409 26.20 38.27 6.29
CA ASP A 409 26.54 37.01 5.67
C ASP A 409 27.13 36.06 6.72
N ALA A 410 27.94 36.57 7.62
CA ALA A 410 28.50 35.68 8.63
C ALA A 410 27.44 35.15 9.57
N GLU A 411 26.44 35.94 9.87
CA GLU A 411 25.31 35.48 10.67
C GLU A 411 24.49 34.44 9.97
N ARG A 412 24.28 34.63 8.66
CA ARG A 412 23.52 33.63 7.93
C ARG A 412 24.24 32.27 8.00
N GLU A 413 25.56 32.31 7.80
CA GLU A 413 26.37 31.13 7.83
C GLU A 413 26.44 30.49 9.18
N GLN A 414 26.49 31.30 10.25
CA GLN A 414 26.46 30.68 11.56
C GLN A 414 25.15 29.89 11.73
N LEU A 415 24.01 30.48 11.41
CA LEU A 415 22.74 29.79 11.59
C LEU A 415 22.71 28.53 10.73
N SER A 416 23.11 28.72 9.48
CA SER A 416 23.07 27.66 8.55
C SER A 416 23.98 26.51 9.00
N ALA A 417 25.15 26.83 9.54
CA ALA A 417 26.06 25.80 10.00
C ALA A 417 25.53 25.09 11.23
N GLU A 418 25.06 25.86 12.21
CA GLU A 418 24.60 25.23 13.46
C GLU A 418 23.37 24.39 13.21
N ASP A 419 22.49 24.87 12.36
CA ASP A 419 21.31 24.09 11.99
C ASP A 419 21.65 22.78 11.28
N ALA A 420 22.59 22.84 10.33
CA ALA A 420 22.94 21.65 9.55
C ALA A 420 23.60 20.62 10.46
N GLN A 421 24.47 21.11 11.38
CA GLN A 421 25.07 20.22 12.33
C GLN A 421 24.04 19.49 13.20
N ALA A 422 23.04 20.21 13.70
CA ALA A 422 21.99 19.58 14.47
C ALA A 422 21.25 18.54 13.64
N GLN A 423 20.91 18.89 12.42
CA GLN A 423 20.21 17.93 11.54
C GLN A 423 21.04 16.68 11.37
N ALA A 424 22.35 16.88 11.21
CA ALA A 424 23.26 15.77 11.04
C ALA A 424 23.39 14.92 12.31
N GLU A 425 23.28 15.53 13.48
CA GLU A 425 23.26 14.75 14.74
C GLU A 425 21.99 13.89 14.82
N VAL A 426 20.89 14.44 14.35
CA VAL A 426 19.65 13.73 14.33
C VAL A 426 19.78 12.54 13.36
N GLU A 427 20.36 12.80 12.21
CA GLU A 427 20.66 11.75 11.24
C GLU A 427 21.50 10.60 11.80
N LEU A 428 22.47 10.94 12.61
CA LEU A 428 23.32 9.95 13.22
C LEU A 428 22.47 9.06 14.15
N TYR A 429 21.67 9.68 14.98
CA TYR A 429 20.76 8.97 15.87
C TYR A 429 19.84 8.13 15.07
N ARG A 430 19.29 8.66 13.99
CA ARG A 430 18.38 7.85 13.17
C ARG A 430 19.09 6.69 12.48
N GLY A 431 20.36 6.88 12.16
CA GLY A 431 21.17 5.83 11.58
C GLY A 431 21.40 4.69 12.57
N ILE A 432 21.51 5.04 13.85
CA ILE A 432 21.63 3.99 14.89
C ILE A 432 20.37 3.15 14.91
N VAL A 433 19.22 3.79 14.88
CA VAL A 433 17.94 3.10 14.78
C VAL A 433 17.91 2.20 13.56
N ALA A 434 18.35 2.71 12.43
CA ALA A 434 18.25 1.90 11.20
C ALA A 434 19.14 0.65 11.28
N ILE A 435 20.31 0.78 11.92
CA ILE A 435 21.17 -0.37 12.11
C ILE A 435 20.43 -1.41 12.94
N TYR A 436 19.91 -1.02 14.09
CA TYR A 436 19.27 -2.04 14.96
C TYR A 436 18.00 -2.62 14.33
N ARG A 437 17.24 -1.80 13.62
CA ARG A 437 16.06 -2.28 12.92
C ARG A 437 16.50 -3.36 11.94
N SER A 438 17.57 -3.08 11.20
CA SER A 438 18.01 -3.97 10.15
C SER A 438 18.61 -5.25 10.70
N LEU A 439 19.17 -5.18 11.90
CA LEU A 439 19.67 -6.41 12.53
C LEU A 439 18.58 -7.25 13.23
N GLY A 440 17.34 -6.79 13.28
CA GLY A 440 16.29 -7.56 13.90
C GLY A 440 16.24 -7.44 15.40
N GLY A 441 16.75 -6.33 15.92
CA GLY A 441 16.79 -6.10 17.36
C GLY A 441 15.43 -5.72 17.94
N GLY A 442 15.19 -6.18 19.16
CA GLY A 442 14.13 -5.66 19.99
C GLY A 442 12.91 -6.48 20.31
N TRP A 443 12.81 -7.70 19.86
CA TRP A 443 11.63 -8.55 20.10
C TRP A 443 11.75 -9.60 21.26
N GLN A 444 12.95 -9.79 21.74
CA GLN A 444 13.45 -10.89 22.64
C GLN A 444 14.83 -11.47 22.13
N PRO A 445 15.59 -10.79 21.20
CA PRO A 445 16.52 -11.47 20.27
C PRO A 445 18.01 -11.72 20.67
N CYS B 1 -26.95 -22.74 -26.73
CA CYS B 1 -26.89 -21.28 -26.42
C CYS B 1 -25.97 -20.81 -25.26
N THR B 2 -25.52 -19.55 -25.36
CA THR B 2 -24.62 -18.96 -24.37
C THR B 2 -25.23 -17.67 -23.88
N VAL B 3 -25.78 -17.75 -22.69
CA VAL B 3 -26.60 -16.74 -22.08
C VAL B 3 -25.74 -15.63 -21.50
N GLY B 4 -26.36 -14.47 -21.23
CA GLY B 4 -25.64 -13.32 -20.65
C GLY B 4 -24.94 -12.47 -21.74
N PRO B 5 -24.30 -11.36 -21.33
CA PRO B 5 -23.79 -10.45 -22.36
C PRO B 5 -22.57 -11.00 -23.08
N ASP B 6 -22.41 -10.64 -24.35
CA ASP B 6 -21.20 -10.98 -25.11
C ASP B 6 -20.21 -9.84 -24.97
N TYR B 7 -19.05 -10.11 -24.38
CA TYR B 7 -18.10 -9.07 -24.04
C TYR B 7 -17.60 -8.39 -25.30
N ARG B 8 -17.52 -7.06 -25.29
CA ARG B 8 -16.80 -6.30 -26.33
C ARG B 8 -15.80 -5.33 -25.69
N THR B 9 -14.54 -5.32 -26.15
CA THR B 9 -13.56 -4.35 -25.60
C THR B 9 -14.14 -2.95 -25.70
N PRO B 10 -13.99 -2.12 -24.67
CA PRO B 10 -14.53 -0.77 -24.85
C PRO B 10 -13.90 -0.01 -26.00
N ASP B 11 -14.66 0.91 -26.59
CA ASP B 11 -14.09 1.72 -27.68
C ASP B 11 -13.34 2.91 -27.09
N THR B 12 -12.13 2.61 -26.61
CA THR B 12 -11.34 3.58 -25.86
C THR B 12 -10.58 4.45 -26.86
N ALA B 13 -10.82 5.77 -26.87
CA ALA B 13 -10.13 6.64 -27.85
C ALA B 13 -8.61 6.65 -27.64
N ALA B 14 -7.88 6.79 -28.73
CA ALA B 14 -6.42 6.80 -28.68
C ALA B 14 -5.90 8.00 -27.86
N ALA B 15 -4.77 7.81 -27.19
CA ALA B 15 -4.13 8.94 -26.55
C ALA B 15 -3.83 10.08 -27.56
N LYS B 16 -4.19 11.34 -27.22
CA LYS B 16 -3.77 12.51 -28.00
C LYS B 16 -2.76 13.26 -27.14
N ILE B 17 -1.49 13.32 -27.57
CA ILE B 17 -0.46 14.13 -26.87
C ILE B 17 0.17 15.11 -27.87
N ASP B 18 -0.35 16.35 -27.89
CA ASP B 18 0.06 17.37 -28.91
C ASP B 18 1.50 17.79 -28.81
N ALA B 19 2.02 17.93 -27.57
CA ALA B 19 3.44 18.29 -27.28
C ALA B 19 4.49 17.44 -28.05
N THR B 20 4.07 16.24 -28.50
CA THR B 20 4.89 15.29 -29.27
C THR B 20 5.05 15.54 -30.78
N ALA B 21 4.29 16.49 -31.37
CA ALA B 21 4.62 16.99 -32.73
C ALA B 21 5.85 17.98 -32.72
N SER B 22 6.41 18.25 -31.53
CA SER B 22 7.68 18.95 -31.37
C SER B 22 8.90 18.11 -31.89
N LYS B 23 9.99 18.86 -32.14
CA LYS B 23 11.28 18.27 -32.57
C LYS B 23 12.15 17.57 -31.52
N PRO B 24 11.82 17.67 -30.19
CA PRO B 24 12.51 16.69 -29.31
C PRO B 24 12.20 15.21 -29.62
N TYR B 25 11.10 14.96 -30.35
CA TYR B 25 10.55 13.63 -30.55
C TYR B 25 10.49 13.16 -32.00
N ASP B 26 10.71 11.87 -32.18
CA ASP B 26 10.61 11.18 -33.46
C ASP B 26 9.44 10.18 -33.34
N ARG B 27 8.32 10.53 -33.98
CA ARG B 27 7.14 9.66 -33.97
C ARG B 27 7.17 8.56 -35.04
N SER B 28 8.21 8.58 -35.87
CA SER B 28 8.28 7.66 -36.98
C SER B 28 8.76 6.29 -36.55
N ARG B 29 9.53 6.15 -35.48
CA ARG B 29 9.72 4.81 -34.91
C ARG B 29 9.56 4.77 -33.39
N PHE B 30 9.33 3.57 -32.88
CA PHE B 30 9.36 3.30 -31.46
C PHE B 30 10.45 2.29 -31.17
N GLU B 31 11.25 2.53 -30.15
CA GLU B 31 12.33 1.61 -29.76
C GLU B 31 11.92 0.82 -28.51
N SER B 32 11.63 -0.46 -28.66
CA SER B 32 11.18 -1.29 -27.57
C SER B 32 12.21 -1.48 -26.49
N LEU B 33 13.44 -1.68 -26.91
CA LEU B 33 14.58 -1.83 -25.99
C LEU B 33 15.13 -0.43 -25.81
N TRP B 34 14.31 0.42 -25.18
CA TRP B 34 14.50 1.85 -25.18
C TRP B 34 15.75 2.30 -24.47
N TRP B 35 16.21 1.55 -23.48
CA TRP B 35 17.43 1.86 -22.71
C TRP B 35 18.69 1.71 -23.52
N LYS B 36 18.65 0.93 -24.60
CA LYS B 36 19.86 0.71 -25.41
C LYS B 36 20.30 1.98 -26.10
N GLN B 37 19.39 2.94 -26.26
CA GLN B 37 19.70 4.22 -26.92
C GLN B 37 20.69 5.05 -26.13
N PHE B 38 20.89 4.76 -24.85
CA PHE B 38 21.86 5.45 -24.01
C PHE B 38 23.29 5.01 -24.36
N ASP B 39 23.43 3.93 -25.12
CA ASP B 39 24.71 3.46 -25.60
C ASP B 39 25.67 3.21 -24.42
N ASP B 40 25.15 2.60 -23.38
CA ASP B 40 25.86 2.29 -22.15
C ASP B 40 25.79 0.77 -21.93
N PRO B 41 26.88 0.07 -22.32
CA PRO B 41 26.94 -1.39 -22.19
C PRO B 41 26.74 -1.87 -20.74
N THR B 42 27.18 -1.09 -19.77
CA THR B 42 27.02 -1.42 -18.38
C THR B 42 25.54 -1.44 -18.03
N LEU B 43 24.83 -0.40 -18.44
CA LEU B 43 23.38 -0.37 -18.25
C LEU B 43 22.71 -1.59 -18.90
N ASN B 44 23.11 -1.87 -20.15
CA ASN B 44 22.52 -3.00 -20.88
C ASN B 44 22.73 -4.30 -20.14
N GLN B 45 23.92 -4.49 -19.54
CA GLN B 45 24.21 -5.71 -18.77
C GLN B 45 23.30 -5.78 -17.54
N LEU B 46 23.15 -4.66 -16.83
CA LEU B 46 22.29 -4.62 -15.66
C LEU B 46 20.88 -5.08 -16.04
N VAL B 47 20.33 -4.49 -17.10
CA VAL B 47 18.98 -4.83 -17.50
C VAL B 47 18.85 -6.34 -17.80
N GLU B 48 19.78 -6.89 -18.57
CA GLU B 48 19.69 -8.31 -18.95
C GLU B 48 19.81 -9.22 -17.69
N GLN B 49 20.68 -8.84 -16.78
CA GLN B 49 20.86 -9.65 -15.57
C GLN B 49 19.61 -9.64 -14.69
N SER B 50 18.99 -8.46 -14.61
CA SER B 50 17.77 -8.28 -13.83
C SER B 50 16.64 -9.15 -14.37
N LEU B 51 16.52 -9.27 -15.69
CA LEU B 51 15.47 -10.16 -16.21
C LEU B 51 15.65 -11.60 -15.79
N SER B 52 16.87 -12.07 -15.56
CA SER B 52 17.01 -13.45 -15.11
C SER B 52 17.11 -13.58 -13.62
N GLY B 53 17.48 -12.52 -12.91
CA GLY B 53 17.62 -12.64 -11.45
C GLY B 53 16.49 -12.06 -10.55
N ASN B 54 15.77 -11.01 -11.04
CA ASN B 54 14.83 -10.30 -10.17
C ASN B 54 13.79 -11.24 -9.54
N ARG B 55 13.62 -11.22 -8.22
CA ARG B 55 12.71 -12.15 -7.58
C ARG B 55 11.21 -11.79 -7.66
N ASP B 56 10.89 -10.51 -7.74
CA ASP B 56 9.52 -10.07 -7.94
C ASP B 56 9.04 -10.57 -9.29
N LEU B 57 9.91 -10.49 -10.28
CA LEU B 57 9.54 -11.03 -11.57
C LEU B 57 9.27 -12.55 -11.48
N ARG B 58 10.09 -13.26 -10.73
CA ARG B 58 9.83 -14.68 -10.47
C ARG B 58 8.49 -14.92 -9.86
N VAL B 59 8.10 -14.07 -8.89
CA VAL B 59 6.79 -14.22 -8.26
C VAL B 59 5.71 -14.11 -9.28
N ALA B 60 5.81 -13.12 -10.15
CA ALA B 60 4.80 -12.87 -11.15
C ALA B 60 4.65 -14.01 -12.16
N PHE B 61 5.77 -14.62 -12.57
CA PHE B 61 5.72 -15.81 -13.44
C PHE B 61 4.98 -16.89 -12.66
N ALA B 62 5.29 -17.07 -11.38
CA ALA B 62 4.61 -18.11 -10.61
C ALA B 62 3.10 -17.86 -10.52
N ARG B 63 2.70 -16.60 -10.37
CA ARG B 63 1.27 -16.28 -10.32
C ARG B 63 0.58 -16.55 -11.64
N LEU B 64 1.31 -16.32 -12.71
CA LEU B 64 0.84 -16.70 -14.02
C LEU B 64 0.62 -18.19 -14.13
N ARG B 65 1.53 -19.01 -13.62
CA ARG B 65 1.33 -20.45 -13.60
C ARG B 65 0.14 -20.79 -12.77
N ALA B 66 -0.03 -20.13 -11.64
CA ALA B 66 -1.22 -20.45 -10.78
C ALA B 66 -2.54 -20.25 -11.52
N ALA B 67 -2.60 -19.17 -12.28
CA ALA B 67 -3.79 -18.78 -13.01
C ALA B 67 -4.03 -19.74 -14.16
N ARG B 68 -2.98 -20.20 -14.82
CA ARG B 68 -3.16 -21.23 -15.86
C ARG B 68 -3.68 -22.53 -15.26
N ALA B 69 -3.22 -22.87 -14.07
CA ALA B 69 -3.68 -24.06 -13.41
C ALA B 69 -5.17 -24.01 -13.04
N LEU B 70 -5.61 -22.85 -12.54
CA LEU B 70 -7.06 -22.66 -12.28
C LEU B 70 -7.85 -22.86 -13.57
N ARG B 71 -7.37 -22.23 -14.65
CA ARG B 71 -8.04 -22.31 -15.94
C ARG B 71 -8.14 -23.76 -16.41
N ASP B 72 -7.04 -24.50 -16.27
CA ASP B 72 -7.00 -25.89 -16.75
C ASP B 72 -7.98 -26.77 -16.04
N ASP B 73 -8.24 -26.52 -14.76
CA ASP B 73 -9.24 -27.28 -13.99
C ASP B 73 -10.68 -27.03 -14.47
N VAL B 74 -11.01 -25.75 -14.65
CA VAL B 74 -12.29 -25.29 -15.17
C VAL B 74 -12.54 -25.89 -16.55
N ALA B 75 -11.52 -25.89 -17.41
CA ALA B 75 -11.73 -26.45 -18.78
C ALA B 75 -12.25 -27.88 -18.80
N ASN B 76 -11.88 -28.71 -17.81
CA ASN B 76 -12.37 -30.09 -17.77
C ASN B 76 -13.84 -30.24 -17.49
N ASP B 77 -14.47 -29.17 -17.01
CA ASP B 77 -15.90 -29.22 -16.71
C ASP B 77 -16.75 -29.22 -17.97
N ARG B 78 -16.21 -28.99 -19.15
CA ARG B 78 -16.95 -29.13 -20.38
C ARG B 78 -17.32 -30.57 -20.69
N PHE B 79 -16.69 -31.52 -19.96
CA PHE B 79 -16.79 -32.93 -20.26
C PHE B 79 -17.30 -33.64 -19.01
N PRO B 80 -17.85 -34.84 -19.16
CA PRO B 80 -18.26 -35.57 -17.98
C PRO B 80 -17.07 -35.86 -17.13
N VAL B 81 -17.30 -35.78 -15.82
CA VAL B 81 -16.32 -36.05 -14.77
C VAL B 81 -16.53 -37.47 -14.21
N VAL B 82 -15.59 -38.33 -14.58
CA VAL B 82 -15.72 -39.77 -14.45
C VAL B 82 -14.66 -40.22 -13.45
N THR B 83 -15.13 -40.52 -12.23
CA THR B 83 -14.29 -40.93 -11.12
C THR B 83 -14.55 -42.38 -10.81
N SER B 84 -13.80 -42.96 -9.89
CA SER B 84 -13.90 -44.38 -9.59
C SER B 84 -14.18 -44.59 -8.10
N ARG B 85 -14.80 -45.74 -7.76
CA ARG B 85 -15.28 -45.95 -6.38
C ARG B 85 -15.40 -47.44 -6.04
N ALA B 86 -15.01 -47.77 -4.81
CA ALA B 86 -15.26 -49.07 -4.23
C ALA B 86 -15.86 -48.77 -2.87
N SER B 87 -17.12 -49.16 -2.66
CA SER B 87 -17.76 -48.87 -1.38
C SER B 87 -18.64 -49.98 -0.89
N ALA B 88 -18.96 -49.89 0.38
CA ALA B 88 -19.82 -50.82 1.04
C ALA B 88 -20.61 -50.16 2.14
N ASP B 89 -21.76 -50.74 2.43
CA ASP B 89 -22.61 -50.37 3.53
C ASP B 89 -22.97 -51.71 4.23
N ILE B 90 -22.44 -51.88 5.44
CA ILE B 90 -22.47 -53.11 6.18
C ILE B 90 -23.03 -52.80 7.56
N GLY B 91 -24.05 -53.54 8.00
CA GLY B 91 -24.56 -53.34 9.33
C GLY B 91 -25.69 -54.27 9.73
N LYS B 92 -26.20 -54.05 10.93
CA LYS B 92 -27.30 -54.83 11.48
C LYS B 92 -28.31 -53.89 12.11
N GLY B 93 -29.55 -53.99 11.64
CA GLY B 93 -30.67 -53.30 12.26
C GLY B 93 -31.91 -53.44 11.44
N GLN B 94 -32.96 -52.73 11.82
CA GLN B 94 -34.20 -52.79 11.02
C GLN B 94 -33.99 -52.18 9.62
N GLN B 95 -34.80 -52.63 8.65
CA GLN B 95 -34.77 -52.09 7.30
C GLN B 95 -36.17 -51.54 7.03
N PRO B 96 -36.40 -50.24 7.32
CA PRO B 96 -37.73 -49.60 7.13
C PRO B 96 -38.31 -49.82 5.76
N GLY B 97 -39.62 -50.03 5.71
CA GLY B 97 -40.33 -50.49 4.50
C GLY B 97 -40.33 -52.01 4.44
N VAL B 98 -39.14 -52.62 4.49
CA VAL B 98 -38.92 -54.05 4.31
C VAL B 98 -39.28 -54.86 5.58
N THR B 99 -38.49 -54.78 6.65
CA THR B 99 -38.73 -55.58 7.88
C THR B 99 -38.47 -54.83 9.18
N GLU B 100 -39.15 -55.25 10.26
CA GLU B 100 -38.90 -54.75 11.64
C GLU B 100 -38.01 -55.69 12.45
N ASP B 101 -37.55 -56.80 11.85
CA ASP B 101 -36.52 -57.59 12.51
C ASP B 101 -35.21 -56.84 12.32
N ARG B 102 -34.29 -57.04 13.25
CA ARG B 102 -32.94 -56.56 13.10
C ARG B 102 -32.12 -57.56 12.28
N VAL B 103 -31.95 -57.30 10.97
CA VAL B 103 -31.27 -58.22 10.07
C VAL B 103 -29.87 -57.72 9.65
N ASN B 104 -28.97 -58.63 9.27
CA ASN B 104 -27.71 -58.23 8.65
C ASN B 104 -27.99 -57.72 7.25
N SER B 105 -27.22 -56.70 6.85
CA SER B 105 -27.40 -56.01 5.61
C SER B 105 -26.05 -55.62 5.03
N GLU B 106 -25.84 -55.99 3.77
CA GLU B 106 -24.64 -55.71 3.06
C GLU B 106 -25.03 -55.12 1.69
N ARG B 107 -24.17 -54.24 1.21
CA ARG B 107 -24.20 -53.75 -0.13
C ARG B 107 -22.79 -53.32 -0.56
N TYR B 108 -22.38 -53.75 -1.75
CA TYR B 108 -21.08 -53.47 -2.29
C TYR B 108 -21.25 -52.86 -3.69
N ASP B 109 -20.45 -51.83 -3.95
CA ASP B 109 -20.44 -51.19 -5.26
C ASP B 109 -18.98 -50.97 -5.67
N LEU B 110 -18.68 -51.23 -6.94
CA LEU B 110 -17.35 -51.02 -7.47
C LEU B 110 -17.55 -50.56 -8.91
N GLY B 111 -17.07 -49.38 -9.27
CA GLY B 111 -17.08 -48.99 -10.66
C GLY B 111 -16.79 -47.51 -10.92
N LEU B 112 -17.28 -47.05 -12.06
CA LEU B 112 -17.12 -45.66 -12.47
C LEU B 112 -18.37 -44.82 -12.08
N ASP B 113 -18.12 -43.66 -11.45
CA ASP B 113 -19.15 -42.64 -11.20
C ASP B 113 -18.99 -41.49 -12.16
N SER B 114 -20.11 -41.07 -12.72
CA SER B 114 -20.10 -40.05 -13.75
C SER B 114 -21.00 -38.91 -13.33
N ALA B 115 -20.50 -37.69 -13.51
CA ALA B 115 -21.29 -36.49 -13.22
C ALA B 115 -21.06 -35.54 -14.39
N TRP B 116 -22.14 -35.03 -14.98
CA TRP B 116 -22.00 -34.17 -16.15
C TRP B 116 -23.06 -33.08 -16.13
N GLU B 117 -22.66 -31.81 -16.10
CA GLU B 117 -23.60 -30.73 -16.34
C GLU B 117 -23.57 -30.47 -17.86
N LEU B 118 -24.71 -30.52 -18.53
CA LEU B 118 -24.73 -30.51 -20.00
C LEU B 118 -24.45 -29.17 -20.67
N ASP B 119 -24.65 -28.06 -20.02
CA ASP B 119 -24.14 -26.77 -20.59
C ASP B 119 -25.00 -26.17 -21.68
N LEU B 120 -26.31 -26.32 -21.52
CA LEU B 120 -27.25 -25.86 -22.54
C LEU B 120 -27.34 -24.34 -22.58
N PHE B 121 -27.03 -23.65 -21.49
CA PHE B 121 -27.09 -22.19 -21.39
C PHE B 121 -25.74 -21.50 -21.29
N GLY B 122 -24.67 -22.30 -21.37
CA GLY B 122 -23.30 -21.81 -21.43
C GLY B 122 -22.66 -21.39 -20.10
N ARG B 123 -23.23 -21.82 -18.96
CA ARG B 123 -22.67 -21.53 -17.65
C ARG B 123 -21.16 -21.86 -17.65
N ILE B 124 -20.83 -23.05 -18.16
CA ILE B 124 -19.47 -23.54 -18.20
C ILE B 124 -18.60 -22.85 -19.25
N ARG B 125 -19.11 -22.69 -20.45
CA ARG B 125 -18.41 -21.91 -21.49
C ARG B 125 -17.99 -20.52 -20.91
N ARG B 126 -18.92 -19.88 -20.20
CA ARG B 126 -18.66 -18.61 -19.55
C ARG B 126 -17.62 -18.71 -18.43
N GLN B 127 -17.70 -19.75 -17.59
CA GLN B 127 -16.66 -19.95 -16.58
C GLN B 127 -15.28 -20.04 -17.20
N LEU B 128 -15.19 -20.71 -18.35
CA LEU B 128 -13.92 -20.94 -19.00
C LEU B 128 -13.48 -19.62 -19.60
N GLU B 129 -14.44 -18.91 -20.23
CA GLU B 129 -14.17 -17.60 -20.83
C GLU B 129 -13.55 -16.65 -19.75
N SER B 130 -14.09 -16.68 -18.52
CA SER B 130 -13.59 -15.84 -17.43
C SER B 130 -12.15 -16.24 -17.01
N SER B 131 -12.00 -17.54 -16.76
CA SER B 131 -10.72 -18.08 -16.45
C SER B 131 -9.66 -17.79 -17.51
N ASP B 132 -9.95 -17.98 -18.79
CA ASP B 132 -8.98 -17.67 -19.85
C ASP B 132 -8.60 -16.17 -19.76
N ALA B 133 -9.58 -15.29 -19.51
CA ALA B 133 -9.29 -13.89 -19.48
C ALA B 133 -8.38 -13.58 -18.29
N LEU B 134 -8.64 -14.22 -17.13
CA LEU B 134 -7.79 -13.99 -15.93
C LEU B 134 -6.37 -14.50 -16.11
N SER B 135 -6.18 -15.53 -16.92
CA SER B 135 -4.86 -15.95 -17.37
C SER B 135 -4.14 -14.88 -18.17
N GLU B 136 -4.86 -14.31 -19.13
CA GLU B 136 -4.29 -13.21 -19.90
C GLU B 136 -4.00 -12.02 -19.00
N ALA B 137 -4.86 -11.73 -18.04
CA ALA B 137 -4.56 -10.65 -17.07
C ALA B 137 -3.30 -10.93 -16.31
N ALA B 138 -3.11 -12.18 -15.89
CA ALA B 138 -1.90 -12.49 -15.14
C ALA B 138 -0.66 -12.34 -16.00
N GLU B 139 -0.77 -12.68 -17.28
CA GLU B 139 0.36 -12.50 -18.21
C GLU B 139 0.63 -11.00 -18.35
N ALA B 140 -0.41 -10.20 -18.44
CA ALA B 140 -0.20 -8.77 -18.51
C ALA B 140 0.35 -8.17 -17.23
N ASP B 141 -0.07 -8.65 -16.06
CA ASP B 141 0.54 -8.19 -14.79
C ASP B 141 2.08 -8.40 -14.81
N LEU B 142 2.49 -9.57 -15.30
CA LEU B 142 3.89 -9.89 -15.45
C LEU B 142 4.60 -8.93 -16.38
N GLN B 143 3.99 -8.64 -17.51
CA GLN B 143 4.59 -7.74 -18.46
C GLN B 143 4.69 -6.32 -17.89
N GLN B 144 3.69 -5.90 -17.09
CA GLN B 144 3.71 -4.58 -16.50
C GLN B 144 4.84 -4.55 -15.48
N LEU B 145 4.99 -5.63 -14.73
CA LEU B 145 6.08 -5.69 -13.77
C LEU B 145 7.40 -5.58 -14.51
N GLN B 146 7.55 -6.21 -15.66
CA GLN B 146 8.79 -6.05 -16.43
C GLN B 146 9.03 -4.57 -16.78
N VAL B 147 7.99 -3.88 -17.22
CA VAL B 147 8.11 -2.49 -17.61
C VAL B 147 8.53 -1.65 -16.39
N SER B 148 7.88 -1.91 -15.27
CA SER B 148 8.15 -1.17 -14.06
C SER B 148 9.56 -1.40 -13.51
N LEU B 149 9.99 -2.64 -13.59
CA LEU B 149 11.31 -3.06 -13.11
C LEU B 149 12.43 -2.48 -13.95
N ILE B 150 12.29 -2.58 -15.26
CA ILE B 150 13.29 -2.00 -16.14
C ILE B 150 13.40 -0.49 -15.89
N ALA B 151 12.25 0.18 -15.83
CA ALA B 151 12.26 1.62 -15.57
C ALA B 151 12.90 1.93 -14.19
N GLU B 152 12.53 1.18 -13.16
CA GLU B 152 13.12 1.43 -11.83
C GLU B 152 14.65 1.31 -11.84
N LEU B 153 15.14 0.28 -12.56
CA LEU B 153 16.57 -0.03 -12.59
C LEU B 153 17.33 0.99 -13.38
N VAL B 154 16.79 1.38 -14.53
CA VAL B 154 17.46 2.37 -15.35
C VAL B 154 17.55 3.68 -14.55
N ASP B 155 16.44 3.99 -13.86
CA ASP B 155 16.35 5.19 -13.07
C ASP B 155 17.38 5.17 -11.94
N ALA B 156 17.48 4.03 -11.29
CA ALA B 156 18.47 3.88 -10.22
C ALA B 156 19.94 4.01 -10.69
N TYR B 157 20.23 3.48 -11.85
CA TYR B 157 21.54 3.63 -12.44
C TYR B 157 21.80 5.14 -12.65
N GLY B 158 20.77 5.85 -13.09
CA GLY B 158 20.88 7.28 -13.25
C GLY B 158 21.19 7.96 -11.94
N GLN B 159 20.53 7.53 -10.86
CA GLN B 159 20.78 8.16 -9.59
C GLN B 159 22.20 7.90 -9.13
N LEU B 160 22.68 6.70 -9.42
CA LEU B 160 24.02 6.33 -9.06
C LEU B 160 25.00 7.24 -9.78
N ARG B 161 24.84 7.38 -11.09
CA ARG B 161 25.74 8.25 -11.85
C ARG B 161 25.64 9.70 -11.37
N GLY B 162 24.44 10.08 -10.95
CA GLY B 162 24.22 11.38 -10.45
C GLY B 162 25.02 11.63 -9.22
N ALA B 163 24.97 10.69 -8.27
CA ALA B 163 25.70 10.87 -7.04
C ALA B 163 27.20 10.95 -7.36
N GLN B 164 27.65 10.14 -8.29
CA GLN B 164 29.07 10.11 -8.66
C GLN B 164 29.52 11.36 -9.37
N LEU B 165 28.66 11.86 -10.25
CA LEU B 165 28.89 13.15 -10.89
C LEU B 165 28.99 14.27 -9.87
N ARG B 166 28.10 14.25 -8.90
CA ARG B 166 28.04 15.34 -7.93
C ARG B 166 29.19 15.30 -6.97
N GLU B 167 29.62 14.08 -6.60
CA GLU B 167 30.81 13.91 -5.79
C GLU B 167 31.98 14.54 -6.52
N LYS B 168 32.13 14.28 -7.80
CA LYS B 168 33.25 14.80 -8.56
C LYS B 168 33.22 16.36 -8.64
N ILE B 169 32.03 16.91 -8.80
CA ILE B 169 31.81 18.38 -8.74
C ILE B 169 32.16 18.93 -7.34
N ALA B 170 31.75 18.21 -6.31
CA ALA B 170 32.05 18.66 -4.98
C ALA B 170 33.57 18.62 -4.73
N LEU B 171 34.25 17.57 -5.14
CA LEU B 171 35.71 17.46 -4.98
C LEU B 171 36.47 18.51 -5.76
N SER B 172 35.98 18.82 -6.92
CA SER B 172 36.62 19.83 -7.76
C SER B 172 36.49 21.23 -7.13
N ASN B 173 35.28 21.54 -6.64
CA ASN B 173 35.06 22.77 -5.90
C ASN B 173 35.82 22.79 -4.57
N LEU B 174 35.96 21.62 -3.92
CA LEU B 174 36.74 21.50 -2.71
C LEU B 174 38.18 21.93 -2.98
N GLU B 175 38.80 21.48 -4.07
CA GLU B 175 40.16 21.93 -4.48
C GLU B 175 40.22 23.43 -4.66
N ASN B 176 39.28 24.05 -5.39
CA ASN B 176 39.27 25.56 -5.55
C ASN B 176 39.21 26.22 -4.18
N GLN B 177 38.36 25.71 -3.30
CA GLN B 177 38.17 26.28 -1.99
C GLN B 177 39.35 26.05 -1.08
N LYS B 178 40.09 24.95 -1.24
CA LYS B 178 41.31 24.68 -0.51
C LYS B 178 42.37 25.69 -0.90
N GLU B 179 42.52 25.91 -2.20
CA GLU B 179 43.43 26.92 -2.75
C GLU B 179 43.12 28.31 -2.19
N SER B 180 41.86 28.68 -2.09
CA SER B 180 41.41 29.93 -1.51
C SER B 180 41.71 30.01 -0.05
N ARG B 181 41.39 28.98 0.73
CA ARG B 181 41.75 28.99 2.14
C ARG B 181 43.23 29.29 2.23
N GLN B 182 44.03 28.58 1.43
CA GLN B 182 45.48 28.69 1.49
C GLN B 182 45.88 30.13 1.15
N LEU B 183 45.29 30.74 0.14
CA LEU B 183 45.51 32.15 -0.18
C LEU B 183 45.15 33.09 0.99
N THR B 184 44.01 32.90 1.64
CA THR B 184 43.69 33.79 2.77
C THR B 184 44.76 33.69 3.88
N GLU B 185 45.27 32.49 4.16
CA GLU B 185 46.31 32.29 5.20
C GLU B 185 47.58 33.01 4.74
N GLN B 186 47.96 32.81 3.49
CA GLN B 186 49.15 33.42 2.93
C GLN B 186 49.11 34.93 3.00
N LEU B 187 48.02 35.51 2.52
CA LEU B 187 47.86 36.96 2.61
C LEU B 187 47.84 37.45 4.06
N ARG B 188 47.22 36.69 4.96
CA ARG B 188 47.20 37.06 6.37
C ARG B 188 48.61 37.06 6.93
N ASP B 189 49.32 35.96 6.71
CA ASP B 189 50.69 35.77 7.19
C ASP B 189 51.69 36.78 6.64
N ALA B 190 51.45 37.24 5.41
CA ALA B 190 52.24 38.27 4.78
C ALA B 190 51.83 39.70 5.21
N GLY B 191 51.00 39.86 6.22
CA GLY B 191 50.52 41.19 6.60
C GLY B 191 49.58 41.97 5.69
N VAL B 192 49.02 41.38 4.64
CA VAL B 192 47.96 42.09 3.85
C VAL B 192 46.62 41.36 3.83
N GLY B 193 46.33 40.59 4.87
CA GLY B 193 45.13 39.78 4.90
C GLY B 193 44.35 40.05 6.19
N ALA B 194 43.62 39.04 6.64
CA ALA B 194 42.82 39.15 7.88
C ALA B 194 42.39 37.75 8.35
N GLU B 195 42.47 37.54 9.66
CA GLU B 195 41.92 36.35 10.27
C GLU B 195 40.47 36.07 9.84
N LEU B 196 39.68 37.14 9.71
CA LEU B 196 38.29 36.99 9.34
C LEU B 196 38.14 36.31 7.97
N ASP B 197 39.08 36.55 7.05
CA ASP B 197 39.06 35.88 5.77
C ASP B 197 39.37 34.40 5.96
N VAL B 198 40.35 34.07 6.78
CA VAL B 198 40.69 32.66 6.96
C VAL B 198 39.53 31.87 7.58
N LEU B 199 38.90 32.45 8.61
CA LEU B 199 37.81 31.79 9.28
C LEU B 199 36.65 31.48 8.31
N ARG B 200 36.25 32.44 7.51
CA ARG B 200 35.14 32.21 6.60
C ARG B 200 35.52 31.21 5.53
N ALA B 201 36.76 31.28 5.09
CA ALA B 201 37.24 30.26 4.13
C ALA B 201 37.24 28.86 4.74
N ASP B 202 37.62 28.73 6.01
CA ASP B 202 37.56 27.45 6.69
C ASP B 202 36.13 26.93 6.76
N ALA B 203 35.17 27.82 7.05
CA ALA B 203 33.81 27.39 7.24
C ALA B 203 33.28 26.85 5.93
N ARG B 204 33.52 27.57 4.85
CA ARG B 204 33.07 27.16 3.53
C ARG B 204 33.74 25.82 3.06
N LEU B 205 35.04 25.70 3.31
CA LEU B 205 35.72 24.46 3.01
C LEU B 205 35.06 23.27 3.75
N ALA B 206 34.76 23.45 5.02
CA ALA B 206 34.16 22.37 5.78
C ALA B 206 32.76 22.02 5.24
N ALA B 207 31.99 23.04 4.90
CA ALA B 207 30.65 22.85 4.29
C ALA B 207 30.76 21.99 3.03
N THR B 208 31.74 22.29 2.17
CA THR B 208 31.85 21.57 0.94
C THR B 208 32.33 20.14 1.23
N ALA B 209 33.29 20.03 2.13
CA ALA B 209 33.77 18.71 2.59
C ALA B 209 32.65 17.85 3.15
N ALA B 210 31.78 18.47 3.91
CA ALA B 210 30.65 17.78 4.48
C ALA B 210 29.76 17.15 3.41
N SER B 211 29.64 17.77 2.24
CA SER B 211 28.72 17.19 1.21
C SER B 211 29.21 15.89 0.61
N VAL B 212 30.52 15.68 0.60
CA VAL B 212 31.09 14.49 -0.01
C VAL B 212 30.61 13.14 0.56
N PRO B 213 30.71 12.92 1.87
CA PRO B 213 30.20 11.68 2.38
C PRO B 213 28.71 11.54 2.21
N GLN B 214 27.95 12.64 2.17
CA GLN B 214 26.50 12.55 1.85
C GLN B 214 26.31 11.96 0.48
N LEU B 215 27.01 12.54 -0.51
CA LEU B 215 26.85 12.07 -1.86
C LEU B 215 27.34 10.62 -2.00
N GLN B 216 28.38 10.26 -1.25
CA GLN B 216 28.85 8.87 -1.30
C GLN B 216 27.82 7.93 -0.71
N ALA B 217 27.17 8.37 0.35
CA ALA B 217 26.13 7.56 0.98
C ALA B 217 25.03 7.28 -0.02
N GLU B 218 24.67 8.25 -0.85
CA GLU B 218 23.58 8.10 -1.86
C GLU B 218 23.99 7.15 -2.97
N ALA B 219 25.26 7.27 -3.35
CA ALA B 219 25.86 6.31 -4.31
C ALA B 219 25.76 4.87 -3.78
N GLU B 220 26.10 4.68 -2.52
CA GLU B 220 25.98 3.34 -1.93
C GLU B 220 24.52 2.84 -1.85
N ARG B 221 23.53 3.68 -1.44
CA ARG B 221 22.12 3.24 -1.47
C ARG B 221 21.76 2.86 -2.87
N ALA B 222 22.18 3.65 -3.87
CA ALA B 222 21.83 3.29 -5.24
C ALA B 222 22.47 1.95 -5.68
N ARG B 223 23.74 1.74 -5.35
CA ARG B 223 24.46 0.47 -5.67
C ARG B 223 23.65 -0.68 -5.07
N HIS B 224 23.21 -0.49 -3.84
CA HIS B 224 22.48 -1.54 -3.14
C HIS B 224 21.09 -1.80 -3.75
N ARG B 225 20.41 -0.75 -4.21
CA ARG B 225 19.10 -0.92 -4.82
C ARG B 225 19.27 -1.71 -6.12
N ILE B 226 20.34 -1.40 -6.86
CA ILE B 226 20.66 -2.07 -8.13
C ILE B 226 20.87 -3.56 -7.85
N ALA B 227 21.67 -3.86 -6.82
CA ALA B 227 21.92 -5.27 -6.50
C ALA B 227 20.61 -6.05 -6.24
N THR B 228 19.74 -5.55 -5.35
CA THR B 228 18.44 -6.19 -5.19
C THR B 228 17.63 -6.28 -6.49
N LEU B 229 17.61 -5.24 -7.30
CA LEU B 229 16.82 -5.31 -8.54
C LEU B 229 17.38 -6.40 -9.45
N LEU B 230 18.69 -6.66 -9.37
CA LEU B 230 19.31 -7.78 -10.12
C LEU B 230 19.12 -9.17 -9.46
N GLY B 231 18.56 -9.24 -8.27
CA GLY B 231 18.43 -10.49 -7.58
C GLY B 231 19.71 -10.90 -6.89
N GLN B 232 20.56 -9.93 -6.59
CA GLN B 232 21.85 -10.18 -6.00
C GLN B 232 22.02 -9.52 -4.63
N ARG B 233 22.84 -10.16 -3.81
CA ARG B 233 23.22 -9.63 -2.54
C ARG B 233 24.22 -8.49 -2.73
N PRO B 234 24.27 -7.54 -1.81
CA PRO B 234 25.07 -6.33 -2.07
C PRO B 234 26.55 -6.58 -2.29
N GLU B 235 27.11 -7.50 -1.51
CA GLU B 235 28.53 -7.80 -1.61
C GLU B 235 28.85 -8.76 -2.75
N GLU B 236 27.84 -9.34 -3.43
CA GLU B 236 28.04 -10.20 -4.60
C GLU B 236 27.87 -9.51 -5.96
N LEU B 237 27.64 -8.22 -5.99
CA LEU B 237 27.31 -7.56 -7.25
C LEU B 237 28.46 -7.64 -8.23
N THR B 238 28.17 -8.19 -9.40
CA THR B 238 29.22 -8.67 -10.33
C THR B 238 29.82 -7.46 -11.12
N VAL B 239 28.91 -6.64 -11.59
CA VAL B 239 29.13 -5.54 -12.50
C VAL B 239 29.97 -4.43 -11.92
N ASP B 240 30.92 -3.96 -12.69
CA ASP B 240 31.78 -2.83 -12.31
C ASP B 240 30.96 -1.53 -12.40
N LEU B 241 30.71 -0.92 -11.23
CA LEU B 241 29.95 0.32 -11.17
C LEU B 241 30.80 1.54 -10.81
N SER B 242 32.11 1.47 -11.08
CA SER B 242 32.96 2.58 -10.82
C SER B 242 32.54 3.73 -11.81
N PRO B 243 32.84 4.99 -11.43
CA PRO B 243 32.26 6.13 -12.14
C PRO B 243 32.43 6.17 -13.63
N ARG B 244 31.35 6.51 -14.31
CA ARG B 244 31.27 6.89 -15.69
C ARG B 244 30.26 8.00 -15.78
N ASP B 245 30.35 8.73 -16.88
CA ASP B 245 29.43 9.81 -17.21
C ASP B 245 27.98 9.33 -17.31
N LEU B 246 27.08 10.23 -16.92
CA LEU B 246 25.66 9.99 -16.97
C LEU B 246 25.38 9.85 -18.44
N PRO B 247 24.75 8.76 -18.85
CA PRO B 247 24.44 8.59 -20.27
C PRO B 247 23.49 9.67 -20.79
N ALA B 248 23.56 9.88 -22.09
CA ALA B 248 22.73 10.84 -22.77
C ALA B 248 22.24 10.29 -24.11
N ILE B 249 21.13 10.84 -24.59
CA ILE B 249 20.62 10.47 -25.89
C ILE B 249 20.61 11.74 -26.68
N THR B 250 21.43 11.81 -27.74
CA THR B 250 21.44 13.03 -28.55
C THR B 250 20.44 13.00 -29.74
N LYS B 251 20.09 11.83 -30.30
CA LYS B 251 19.05 11.84 -31.37
C LYS B 251 17.67 12.16 -30.77
N ALA B 252 16.76 12.65 -31.60
CA ALA B 252 15.41 12.83 -31.14
C ALA B 252 14.86 11.47 -30.68
N LEU B 253 14.01 11.53 -29.67
CA LEU B 253 13.55 10.31 -28.98
C LEU B 253 12.55 9.55 -29.85
N PRO B 254 12.88 8.33 -30.23
CA PRO B 254 11.88 7.50 -30.90
C PRO B 254 10.78 7.05 -29.95
N ILE B 255 9.66 7.75 -30.01
CA ILE B 255 8.51 7.50 -29.15
C ILE B 255 7.30 6.90 -29.89
N GLY B 256 7.47 6.59 -31.15
CA GLY B 256 6.36 6.09 -31.95
C GLY B 256 5.13 6.97 -32.02
N ASP B 257 3.97 6.37 -32.31
CA ASP B 257 2.72 7.11 -32.34
C ASP B 257 2.19 7.11 -30.93
N PRO B 258 2.06 8.27 -30.29
CA PRO B 258 1.54 8.19 -28.92
C PRO B 258 0.12 7.58 -28.82
N GLY B 259 -0.66 7.62 -29.92
CA GLY B 259 -1.90 6.89 -29.97
C GLY B 259 -1.83 5.38 -29.94
N GLU B 260 -0.66 4.80 -29.86
CA GLU B 260 -0.52 3.36 -29.68
C GLU B 260 -0.29 3.06 -28.20
N LEU B 261 -0.13 4.08 -27.34
CA LEU B 261 0.34 3.81 -25.99
C LEU B 261 -0.61 2.96 -25.17
N LEU B 262 -1.88 3.26 -25.27
CA LEU B 262 -2.87 2.48 -24.56
C LEU B 262 -2.93 1.03 -24.99
N ARG B 263 -2.57 0.71 -26.23
CA ARG B 263 -2.51 -0.70 -26.66
C ARG B 263 -1.21 -1.33 -26.18
N ARG B 264 -0.15 -0.58 -26.03
CA ARG B 264 1.11 -1.14 -25.65
C ARG B 264 1.21 -1.40 -24.18
N ARG B 265 0.61 -0.60 -23.34
CA ARG B 265 0.79 -0.72 -21.90
C ARG B 265 0.15 -1.99 -21.31
N PRO B 266 0.96 -2.86 -20.71
CA PRO B 266 0.36 -4.05 -20.15
C PRO B 266 -0.63 -3.82 -19.01
N ASP B 267 -0.47 -2.73 -18.23
CA ASP B 267 -1.44 -2.46 -17.14
C ASP B 267 -2.83 -2.22 -17.71
N ILE B 268 -2.91 -1.56 -18.87
CA ILE B 268 -4.17 -1.32 -19.50
C ILE B 268 -4.74 -2.65 -19.96
N ARG B 269 -3.91 -3.50 -20.58
CA ARG B 269 -4.40 -4.82 -21.04
C ARG B 269 -4.87 -5.67 -19.83
N ALA B 270 -4.12 -5.63 -18.73
CA ALA B 270 -4.50 -6.42 -17.58
C ALA B 270 -5.89 -6.05 -17.06
N ALA B 271 -6.13 -4.74 -16.97
CA ALA B 271 -7.42 -4.25 -16.47
C ALA B 271 -8.56 -4.56 -17.46
N GLU B 272 -8.26 -4.48 -18.75
CA GLU B 272 -9.20 -4.85 -19.81
C GLU B 272 -9.55 -6.33 -19.72
N ARG B 273 -8.56 -7.15 -19.42
CA ARG B 273 -8.76 -8.59 -19.27
C ARG B 273 -9.67 -8.85 -18.07
N ARG B 274 -9.39 -8.19 -16.95
CA ARG B 274 -10.21 -8.36 -15.78
C ARG B 274 -11.62 -7.92 -16.02
N LEU B 275 -11.78 -6.89 -16.86
CA LEU B 275 -13.12 -6.48 -17.27
C LEU B 275 -13.82 -7.58 -18.09
N ALA B 276 -13.09 -8.13 -19.07
CA ALA B 276 -13.63 -9.23 -19.85
C ALA B 276 -14.02 -10.39 -18.94
N ALA B 277 -13.17 -10.73 -17.98
CA ALA B 277 -13.51 -11.85 -17.07
C ALA B 277 -14.78 -11.60 -16.22
N SER B 278 -14.88 -10.38 -15.75
CA SER B 278 -16.01 -9.99 -14.93
C SER B 278 -17.32 -9.97 -15.72
N THR B 279 -17.24 -9.64 -17.01
CA THR B 279 -18.37 -9.66 -17.94
C THR B 279 -18.81 -11.12 -18.21
N ALA B 280 -17.85 -12.00 -18.36
CA ALA B 280 -18.16 -13.41 -18.45
C ALA B 280 -18.77 -13.91 -17.16
N ASP B 281 -18.32 -13.42 -16.00
CA ASP B 281 -18.92 -13.83 -14.73
C ASP B 281 -20.40 -13.44 -14.63
N VAL B 282 -20.82 -12.37 -15.30
CA VAL B 282 -22.21 -12.00 -15.35
C VAL B 282 -23.00 -13.10 -16.07
N GLY B 283 -22.41 -13.61 -17.15
CA GLY B 283 -22.94 -14.75 -17.89
C GLY B 283 -23.14 -15.96 -17.01
N VAL B 284 -22.11 -16.28 -16.23
CA VAL B 284 -22.19 -17.41 -15.31
C VAL B 284 -23.43 -17.27 -14.41
N ALA B 285 -23.57 -16.12 -13.81
CA ALA B 285 -24.68 -15.88 -12.89
C ALA B 285 -26.03 -15.86 -13.58
N THR B 286 -26.05 -15.31 -14.81
CA THR B 286 -27.25 -15.21 -15.62
C THR B 286 -27.77 -16.62 -15.97
N ALA B 287 -26.84 -17.54 -16.25
CA ALA B 287 -27.23 -18.93 -16.50
C ALA B 287 -28.04 -19.58 -15.39
N ASP B 288 -27.85 -19.15 -14.14
CA ASP B 288 -28.60 -19.71 -13.00
C ASP B 288 -30.08 -19.30 -12.97
N LEU B 289 -30.46 -18.35 -13.79
CA LEU B 289 -31.89 -18.03 -13.98
C LEU B 289 -32.57 -19.14 -14.81
N PHE B 290 -31.79 -19.95 -15.56
CA PHE B 290 -32.32 -21.00 -16.42
C PHE B 290 -32.17 -22.32 -15.74
N PRO B 291 -32.85 -23.36 -16.22
CA PRO B 291 -32.64 -24.66 -15.62
C PRO B 291 -31.23 -25.17 -15.82
N ARG B 292 -30.78 -25.99 -14.89
CA ARG B 292 -29.53 -26.73 -14.99
C ARG B 292 -29.86 -28.19 -15.35
N VAL B 293 -29.40 -28.65 -16.51
CA VAL B 293 -29.65 -30.02 -16.98
C VAL B 293 -28.38 -30.86 -16.78
N SER B 294 -28.47 -31.95 -16.06
CA SER B 294 -27.30 -32.80 -15.80
C SER B 294 -27.62 -34.27 -16.02
N LEU B 295 -26.57 -35.09 -16.12
CA LEU B 295 -26.69 -36.51 -16.38
C LEU B 295 -25.69 -37.25 -15.53
N SER B 296 -26.13 -37.94 -14.49
CA SER B 296 -25.20 -38.78 -13.72
C SER B 296 -25.17 -40.22 -14.30
N GLY B 297 -24.18 -41.00 -13.87
CA GLY B 297 -23.99 -42.35 -14.37
C GLY B 297 -23.30 -43.26 -13.35
N PHE B 298 -23.57 -44.56 -13.42
CA PHE B 298 -22.74 -45.52 -12.76
C PHE B 298 -22.53 -46.67 -13.72
N LEU B 299 -21.31 -47.21 -13.77
CA LEU B 299 -21.03 -48.37 -14.59
C LEU B 299 -20.06 -49.24 -13.84
N GLY B 300 -20.42 -50.48 -13.55
CA GLY B 300 -19.55 -51.33 -12.76
C GLY B 300 -20.30 -52.51 -12.18
N PHE B 301 -20.25 -52.64 -10.86
CA PHE B 301 -20.79 -53.79 -10.17
C PHE B 301 -21.48 -53.36 -8.89
N THR B 302 -22.63 -53.99 -8.62
CA THR B 302 -23.44 -53.79 -7.42
C THR B 302 -23.86 -55.17 -6.94
N ALA B 303 -23.82 -55.43 -5.65
CA ALA B 303 -24.23 -56.73 -5.14
C ALA B 303 -24.53 -56.67 -3.67
N GLY B 304 -25.42 -57.58 -3.24
CA GLY B 304 -25.72 -57.78 -1.83
C GLY B 304 -24.68 -58.59 -1.06
N ARG B 305 -23.75 -59.22 -1.78
CA ARG B 305 -22.72 -60.07 -1.21
C ARG B 305 -21.36 -59.74 -1.82
N GLY B 306 -20.38 -59.46 -0.97
CA GLY B 306 -19.01 -59.22 -1.37
C GLY B 306 -18.48 -60.19 -2.38
N SER B 307 -18.79 -61.49 -2.18
CA SER B 307 -18.37 -62.55 -3.09
C SER B 307 -18.56 -62.25 -4.60
N GLN B 308 -19.64 -61.55 -4.92
CA GLN B 308 -20.10 -61.43 -6.30
C GLN B 308 -19.46 -60.27 -7.11
N ILE B 309 -18.92 -59.27 -6.38
CA ILE B 309 -18.28 -58.13 -7.02
C ILE B 309 -17.26 -58.59 -8.03
N GLY B 310 -17.32 -58.04 -9.25
CA GLY B 310 -16.42 -58.48 -10.32
C GLY B 310 -17.02 -59.50 -11.26
N SER B 311 -18.04 -60.26 -10.81
CA SER B 311 -18.66 -61.27 -11.69
C SER B 311 -19.80 -60.71 -12.53
N SER B 312 -20.09 -61.38 -13.65
CA SER B 312 -21.20 -60.94 -14.50
C SER B 312 -22.56 -60.90 -13.78
N ALA B 313 -22.78 -61.71 -12.74
CA ALA B 313 -24.06 -61.67 -12.02
C ALA B 313 -24.20 -60.38 -11.19
N ALA B 314 -23.11 -59.63 -10.99
CA ALA B 314 -23.17 -58.36 -10.27
C ALA B 314 -23.01 -57.11 -11.16
N ARG B 315 -22.87 -57.28 -12.46
CA ARG B 315 -22.87 -56.15 -13.40
C ARG B 315 -24.01 -55.20 -13.07
N ALA B 316 -23.70 -53.90 -13.16
CA ALA B 316 -24.67 -52.85 -12.91
C ALA B 316 -24.40 -51.63 -13.77
N TRP B 317 -25.48 -50.97 -14.15
CA TRP B 317 -25.37 -49.68 -14.75
C TRP B 317 -26.58 -48.84 -14.39
N SER B 318 -26.40 -47.53 -14.34
CA SER B 318 -27.51 -46.61 -14.15
C SER B 318 -27.20 -45.25 -14.70
N VAL B 319 -28.26 -44.49 -14.93
CA VAL B 319 -28.16 -43.29 -15.71
C VAL B 319 -29.19 -42.38 -15.05
N GLY B 320 -28.79 -41.14 -14.76
CA GLY B 320 -29.55 -40.24 -13.88
C GLY B 320 -29.79 -38.85 -14.48
N PRO B 321 -30.62 -38.78 -15.54
CA PRO B 321 -30.84 -37.44 -16.09
C PRO B 321 -31.63 -36.60 -15.09
N SER B 322 -31.33 -35.32 -15.04
CA SER B 322 -31.87 -34.46 -14.00
C SER B 322 -31.97 -33.02 -14.53
N ILE B 323 -33.07 -32.35 -14.22
CA ILE B 323 -33.20 -30.95 -14.51
C ILE B 323 -33.65 -30.27 -13.24
N SER B 324 -32.93 -29.23 -12.82
CA SER B 324 -33.37 -28.43 -11.69
C SER B 324 -33.51 -26.96 -12.10
N TRP B 325 -34.34 -26.23 -11.36
CA TRP B 325 -34.53 -24.81 -11.62
C TRP B 325 -34.84 -24.16 -10.31
N ALA B 326 -34.28 -22.96 -10.13
CA ALA B 326 -34.33 -22.28 -8.86
C ALA B 326 -35.76 -22.05 -8.32
N ALA B 327 -36.72 -21.86 -9.19
CA ALA B 327 -38.15 -21.76 -8.80
C ALA B 327 -38.31 -20.73 -7.68
N PHE B 328 -38.75 -21.09 -6.48
CA PHE B 328 -39.00 -20.08 -5.43
C PHE B 328 -37.69 -19.47 -4.88
N ASP B 329 -36.53 -20.06 -5.16
CA ASP B 329 -35.21 -19.49 -4.83
C ASP B 329 -34.64 -18.55 -5.89
N LEU B 330 -35.40 -18.22 -6.94
CA LEU B 330 -34.98 -17.18 -7.87
C LEU B 330 -34.51 -15.83 -7.28
N GLY B 331 -35.09 -15.39 -6.15
CA GLY B 331 -34.65 -14.19 -5.45
C GLY B 331 -33.16 -14.21 -5.10
N SER B 332 -32.69 -15.38 -4.64
CA SER B 332 -31.25 -15.60 -4.34
C SER B 332 -30.39 -15.51 -5.59
N VAL B 333 -30.87 -16.11 -6.67
CA VAL B 333 -30.18 -16.14 -7.93
C VAL B 333 -30.06 -14.75 -8.44
N ARG B 334 -31.15 -13.98 -8.28
CA ARG B 334 -31.17 -12.59 -8.67
C ARG B 334 -30.20 -11.72 -7.86
N ALA B 335 -30.11 -12.01 -6.54
CA ALA B 335 -29.18 -11.30 -5.71
C ALA B 335 -27.75 -11.59 -6.17
N ARG B 336 -27.42 -12.83 -6.49
CA ARG B 336 -26.07 -13.11 -6.99
C ARG B 336 -25.81 -12.44 -8.32
N LEU B 337 -26.84 -12.35 -9.16
CA LEU B 337 -26.70 -11.71 -10.47
C LEU B 337 -26.43 -10.21 -10.32
N ARG B 338 -27.15 -9.57 -9.40
CA ARG B 338 -26.93 -8.16 -9.10
C ARG B 338 -25.52 -7.95 -8.63
N GLY B 339 -25.05 -8.89 -7.79
CA GLY B 339 -23.70 -8.90 -7.29
C GLY B 339 -22.70 -9.00 -8.42
N ALA B 340 -22.91 -9.92 -9.34
CA ALA B 340 -21.99 -10.02 -10.47
C ALA B 340 -22.05 -8.78 -11.32
N LYS B 341 -23.23 -8.18 -11.46
CA LYS B 341 -23.33 -6.95 -12.28
C LYS B 341 -22.57 -5.82 -11.61
N ALA B 342 -22.71 -5.71 -10.30
CA ALA B 342 -21.97 -4.73 -9.57
C ALA B 342 -20.47 -4.93 -9.76
N ASP B 343 -20.00 -6.20 -9.72
CA ASP B 343 -18.55 -6.41 -9.81
C ASP B 343 -18.06 -6.02 -11.21
N ALA B 344 -18.88 -6.25 -12.24
CA ALA B 344 -18.49 -5.89 -13.57
C ALA B 344 -18.45 -4.40 -13.76
N ASP B 345 -19.38 -3.64 -13.14
CA ASP B 345 -19.29 -2.16 -13.18
C ASP B 345 -18.05 -1.71 -12.46
N ALA B 346 -17.70 -2.32 -11.34
CA ALA B 346 -16.44 -1.99 -10.64
C ALA B 346 -15.28 -2.18 -11.59
N ALA B 347 -15.27 -3.32 -12.27
CA ALA B 347 -14.14 -3.56 -13.18
C ALA B 347 -14.08 -2.57 -14.32
N LEU B 348 -15.22 -2.15 -14.84
CA LEU B 348 -15.26 -1.18 -15.94
C LEU B 348 -14.72 0.14 -15.47
N ALA B 349 -15.20 0.60 -14.33
CA ALA B 349 -14.72 1.86 -13.78
C ALA B 349 -13.22 1.81 -13.50
N SER B 350 -12.82 0.68 -13.01
CA SER B 350 -11.43 0.48 -12.69
C SER B 350 -10.53 0.45 -13.96
N TYR B 351 -11.03 -0.16 -15.03
CA TYR B 351 -10.37 -0.11 -16.32
C TYR B 351 -10.22 1.36 -16.79
N GLU B 352 -11.31 2.11 -16.66
CA GLU B 352 -11.28 3.50 -17.12
C GLU B 352 -10.27 4.31 -16.30
N GLN B 353 -10.23 4.07 -15.00
CA GLN B 353 -9.28 4.72 -14.14
C GLN B 353 -7.83 4.43 -14.57
N GLN B 354 -7.53 3.18 -14.91
CA GLN B 354 -6.16 2.87 -15.37
C GLN B 354 -5.88 3.65 -16.66
N VAL B 355 -6.84 3.71 -17.55
CA VAL B 355 -6.66 4.50 -18.77
C VAL B 355 -6.28 5.94 -18.40
N LEU B 356 -7.05 6.53 -17.49
CA LEU B 356 -6.80 7.91 -17.09
C LEU B 356 -5.47 8.07 -16.39
N LEU B 357 -5.11 7.13 -15.51
CA LEU B 357 -3.81 7.20 -14.84
C LEU B 357 -2.68 7.13 -15.86
N ALA B 358 -2.87 6.29 -16.87
CA ALA B 358 -1.86 6.16 -17.90
C ALA B 358 -1.68 7.45 -18.73
N LEU B 359 -2.79 8.09 -19.06
CA LEU B 359 -2.76 9.35 -19.80
C LEU B 359 -2.16 10.44 -18.96
N GLU B 360 -2.48 10.44 -17.68
CA GLU B 360 -1.81 11.35 -16.72
C GLU B 360 -0.28 11.11 -16.68
N GLU B 361 0.15 9.85 -16.55
CA GLU B 361 1.61 9.56 -16.53
C GLU B 361 2.32 10.07 -17.77
N SER B 362 1.69 9.81 -18.91
CA SER B 362 2.19 10.20 -20.21
C SER B 362 2.34 11.70 -20.36
N ALA B 363 1.24 12.37 -20.00
CA ALA B 363 1.19 13.79 -20.11
C ALA B 363 2.21 14.45 -19.19
N ASN B 364 2.38 13.95 -17.97
CA ASN B 364 3.45 14.41 -17.08
C ASN B 364 4.84 14.19 -17.66
N ALA B 365 5.08 12.99 -18.17
CA ALA B 365 6.40 12.69 -18.69
C ALA B 365 6.78 13.61 -19.84
N PHE B 366 5.85 13.86 -20.74
CA PHE B 366 6.18 14.76 -21.85
C PHE B 366 6.32 16.27 -21.44
N SER B 367 5.43 16.75 -20.58
CA SER B 367 5.48 18.10 -20.05
C SER B 367 6.79 18.32 -19.32
N ASP B 368 7.14 17.38 -18.43
CA ASP B 368 8.40 17.40 -17.72
C ASP B 368 9.62 17.41 -18.62
N TYR B 369 9.64 16.58 -19.62
CA TYR B 369 10.88 16.40 -20.34
C TYR B 369 11.20 17.68 -21.10
N GLY B 370 10.19 18.29 -21.70
CA GLY B 370 10.38 19.57 -22.42
C GLY B 370 10.88 20.71 -21.52
N LYS B 371 10.27 20.81 -20.34
CA LYS B 371 10.65 21.77 -19.33
C LYS B 371 12.05 21.52 -18.81
N ARG B 372 12.42 20.26 -18.63
CA ARG B 372 13.74 19.92 -18.17
C ARG B 372 14.81 20.27 -19.18
N GLN B 373 14.50 20.12 -20.48
CA GLN B 373 15.40 20.63 -21.50
C GLN B 373 15.62 22.14 -21.42
N GLU B 374 14.51 22.89 -21.25
CA GLU B 374 14.59 24.37 -21.22
C GLU B 374 15.42 24.79 -20.02
N ARG B 375 15.09 24.19 -18.87
CA ARG B 375 15.69 24.57 -17.62
C ARG B 375 17.21 24.35 -17.72
N LEU B 376 17.60 23.24 -18.31
CA LEU B 376 19.01 22.91 -18.46
C LEU B 376 19.78 23.97 -19.25
N VAL B 377 19.19 24.50 -20.31
CA VAL B 377 19.84 25.54 -21.10
C VAL B 377 20.21 26.70 -20.17
N SER B 378 19.25 27.13 -19.31
CA SER B 378 19.57 28.21 -18.37
C SER B 378 20.64 27.81 -17.37
N LEU B 379 20.60 26.58 -16.87
CA LEU B 379 21.57 26.19 -15.88
C LEU B 379 22.99 26.12 -16.46
N VAL B 380 23.12 25.71 -17.74
CA VAL B 380 24.38 25.66 -18.38
C VAL B 380 24.96 27.08 -18.46
N ARG B 381 24.12 28.04 -18.89
CA ARG B 381 24.52 29.47 -18.89
C ARG B 381 24.95 29.91 -17.47
N GLN B 382 24.22 29.47 -16.45
CA GLN B 382 24.52 29.91 -15.05
C GLN B 382 25.90 29.41 -14.65
N SER B 383 26.16 28.15 -14.95
CA SER B 383 27.46 27.56 -14.60
C SER B 383 28.63 28.26 -15.23
N GLU B 384 28.50 28.61 -16.51
CA GLU B 384 29.56 29.27 -17.25
C GLU B 384 29.86 30.61 -16.66
N ALA B 385 28.81 31.39 -16.40
CA ALA B 385 29.01 32.73 -15.88
C ALA B 385 29.61 32.63 -14.51
N SER B 386 29.13 31.70 -13.72
CA SER B 386 29.63 31.50 -12.38
C SER B 386 31.09 31.14 -12.28
N ARG B 387 31.49 30.18 -13.10
CA ARG B 387 32.94 29.79 -13.17
C ARG B 387 33.73 31.04 -13.55
N ALA B 388 33.28 31.80 -14.54
CA ALA B 388 34.03 32.98 -14.98
C ALA B 388 34.12 34.01 -13.85
N ALA B 389 32.99 34.22 -13.16
CA ALA B 389 32.96 35.13 -12.05
C ALA B 389 33.93 34.74 -10.96
N ALA B 390 33.93 33.48 -10.61
CA ALA B 390 34.81 33.03 -9.53
C ALA B 390 36.28 33.09 -9.89
N GLN B 391 36.59 32.80 -11.14
CA GLN B 391 37.97 32.96 -11.70
C GLN B 391 38.44 34.41 -11.52
N GLN B 392 37.62 35.34 -11.98
CA GLN B 392 37.96 36.76 -11.90
C GLN B 392 38.00 37.25 -10.48
N ALA B 393 37.09 36.79 -9.63
CA ALA B 393 37.09 37.23 -8.25
C ALA B 393 38.39 36.75 -7.54
N ALA B 394 38.85 35.55 -7.87
CA ALA B 394 40.10 35.01 -7.34
C ALA B 394 41.28 35.90 -7.75
N ILE B 395 41.33 36.27 -9.04
CA ILE B 395 42.38 37.14 -9.53
C ILE B 395 42.35 38.48 -8.73
N ARG B 396 41.15 39.06 -8.59
CA ARG B 396 41.04 40.33 -7.91
C ARG B 396 41.35 40.29 -6.41
N TYR B 397 40.99 39.21 -5.73
CA TYR B 397 41.27 39.08 -4.32
C TYR B 397 42.75 39.04 -4.07
N ARG B 398 43.44 38.27 -4.90
CA ARG B 398 44.86 38.07 -4.79
C ARG B 398 45.62 39.39 -5.02
N GLU B 399 45.10 40.15 -5.95
CA GLU B 399 45.68 41.44 -6.41
C GLU B 399 45.46 42.55 -5.38
N GLY B 400 44.53 42.35 -4.47
CA GLY B 400 44.12 43.41 -3.55
C GLY B 400 43.06 44.40 -4.05
N THR B 401 42.34 44.08 -5.15
CA THR B 401 41.22 44.94 -5.67
C THR B 401 39.77 44.53 -5.33
N THR B 402 39.56 43.49 -4.54
CA THR B 402 38.20 43.11 -4.05
C THR B 402 38.34 42.36 -2.73
N ASP B 403 37.32 42.50 -1.87
CA ASP B 403 37.24 41.88 -0.54
C ASP B 403 37.04 40.37 -0.69
N PHE B 404 37.39 39.63 0.38
CA PHE B 404 37.23 38.19 0.38
C PHE B 404 35.76 37.76 0.19
N LEU B 405 34.80 38.51 0.69
CA LEU B 405 33.41 38.07 0.62
C LEU B 405 32.97 37.92 -0.86
N VAL B 406 33.45 38.80 -1.72
CA VAL B 406 33.22 38.71 -3.15
C VAL B 406 33.72 37.39 -3.70
N LEU B 407 34.93 36.97 -3.32
CA LEU B 407 35.43 35.69 -3.75
C LEU B 407 34.59 34.54 -3.11
N LEU B 408 34.27 34.66 -1.82
CA LEU B 408 33.52 33.64 -1.10
C LEU B 408 32.20 33.42 -1.81
N ASP B 409 31.51 34.50 -2.08
CA ASP B 409 30.19 34.38 -2.64
C ASP B 409 30.26 33.83 -4.07
N ALA B 410 31.24 34.24 -4.82
CA ALA B 410 31.37 33.69 -6.17
C ALA B 410 31.68 32.22 -6.15
N GLU B 411 32.49 31.76 -5.22
CA GLU B 411 32.75 30.34 -5.05
C GLU B 411 31.48 29.57 -4.65
N ARG B 412 30.67 30.15 -3.76
CA ARG B 412 29.46 29.46 -3.36
C ARG B 412 28.54 29.27 -4.56
N GLU B 413 28.39 30.35 -5.35
CA GLU B 413 27.60 30.30 -6.55
C GLU B 413 28.13 29.36 -7.60
N GLN B 414 29.44 29.26 -7.75
CA GLN B 414 29.94 28.29 -8.71
C GLN B 414 29.52 26.88 -8.28
N LEU B 415 29.70 26.53 -7.02
CA LEU B 415 29.35 25.18 -6.58
C LEU B 415 27.84 24.97 -6.75
N SER B 416 27.10 25.96 -6.32
CA SER B 416 25.68 25.87 -6.36
C SER B 416 25.18 25.75 -7.79
N ALA B 417 25.79 26.48 -8.71
CA ALA B 417 25.40 26.35 -10.11
C ALA B 417 25.80 24.99 -10.69
N GLU B 418 27.00 24.55 -10.43
CA GLU B 418 27.49 23.29 -11.05
C GLU B 418 26.71 22.12 -10.51
N ASP B 419 26.45 22.15 -9.22
CA ASP B 419 25.65 21.05 -8.60
C ASP B 419 24.20 21.07 -9.13
N ALA B 420 23.59 22.22 -9.29
CA ALA B 420 22.21 22.28 -9.81
C ALA B 420 22.14 21.80 -11.26
N GLN B 421 23.13 22.20 -12.06
CA GLN B 421 23.23 21.71 -13.42
C GLN B 421 23.32 20.17 -13.48
N ALA B 422 24.14 19.56 -12.63
CA ALA B 422 24.25 18.13 -12.58
C ALA B 422 22.91 17.52 -12.19
N GLN B 423 22.27 18.07 -11.16
CA GLN B 423 20.98 17.54 -10.74
C GLN B 423 19.98 17.60 -11.86
N ALA B 424 20.03 18.69 -12.61
CA ALA B 424 19.14 18.87 -13.75
C ALA B 424 19.45 17.90 -14.91
N GLU B 425 20.71 17.52 -15.08
CA GLU B 425 21.06 16.50 -16.09
C GLU B 425 20.52 15.13 -15.66
N VAL B 426 20.55 14.87 -14.36
CA VAL B 426 20.02 13.67 -13.83
C VAL B 426 18.52 13.64 -14.06
N GLU B 427 17.87 14.76 -13.78
CA GLU B 427 16.44 14.92 -14.03
C GLU B 427 16.08 14.61 -15.51
N LEU B 428 16.91 15.06 -16.42
CA LEU B 428 16.65 14.86 -17.80
C LEU B 428 16.71 13.35 -18.12
N TYR B 429 17.74 12.69 -17.64
CA TYR B 429 17.85 11.25 -17.81
C TYR B 429 16.65 10.57 -17.20
N ARG B 430 16.27 10.99 -16.01
CA ARG B 430 15.10 10.34 -15.39
C ARG B 430 13.80 10.62 -16.11
N GLY B 431 13.72 11.79 -16.76
CA GLY B 431 12.59 12.13 -17.59
C GLY B 431 12.45 11.22 -18.78
N ILE B 432 13.57 10.81 -19.32
CA ILE B 432 13.58 9.84 -20.45
C ILE B 432 12.98 8.54 -19.98
N VAL B 433 13.41 8.06 -18.84
CA VAL B 433 12.84 6.86 -18.24
C VAL B 433 11.34 7.01 -18.05
N ALA B 434 10.90 8.16 -17.55
CA ALA B 434 9.48 8.31 -17.27
C ALA B 434 8.65 8.27 -18.58
N ILE B 435 9.20 8.84 -19.64
CA ILE B 435 8.54 8.79 -20.94
C ILE B 435 8.36 7.33 -21.33
N TYR B 436 9.44 6.57 -21.34
CA TYR B 436 9.31 5.20 -21.86
C TYR B 436 8.45 4.30 -20.93
N ARG B 437 8.54 4.51 -19.62
CA ARG B 437 7.68 3.78 -18.69
C ARG B 437 6.22 4.07 -19.06
N SER B 438 5.93 5.34 -19.33
CA SER B 438 4.56 5.73 -19.57
C SER B 438 4.06 5.27 -20.95
N LEU B 439 4.94 5.09 -21.89
CA LEU B 439 4.56 4.54 -23.17
C LEU B 439 4.44 3.00 -23.19
N GLY B 440 4.81 2.33 -22.10
CA GLY B 440 4.66 0.88 -22.09
C GLY B 440 5.81 0.15 -22.71
N GLY B 441 6.97 0.81 -22.77
CA GLY B 441 8.16 0.20 -23.37
C GLY B 441 8.83 -0.85 -22.52
N GLY B 442 9.30 -1.90 -23.20
CA GLY B 442 10.26 -2.83 -22.60
C GLY B 442 9.80 -4.21 -22.17
N TRP B 443 8.74 -4.73 -22.73
CA TRP B 443 8.22 -6.04 -22.33
C TRP B 443 8.24 -7.06 -23.50
N GLN B 444 8.25 -8.36 -23.13
CA GLN B 444 8.32 -9.53 -24.07
C GLN B 444 7.04 -10.42 -24.04
N PRO B 445 6.57 -10.96 -25.21
CA PRO B 445 5.27 -11.70 -25.24
C PRO B 445 5.33 -13.22 -25.09
N CYS C 1 -34.80 -17.40 19.58
CA CYS C 1 -33.53 -17.24 20.46
C CYS C 1 -32.24 -16.84 19.67
N THR C 2 -31.47 -15.85 20.15
CA THR C 2 -30.24 -15.46 19.48
C THR C 2 -29.04 -15.50 20.39
N VAL C 3 -28.02 -16.20 19.96
CA VAL C 3 -26.93 -16.65 20.81
C VAL C 3 -25.67 -15.87 20.54
N GLY C 4 -24.75 -15.86 21.50
CA GLY C 4 -23.50 -15.08 21.37
C GLY C 4 -23.62 -13.62 21.77
N PRO C 5 -22.54 -12.83 21.68
CA PRO C 5 -22.63 -11.49 22.28
C PRO C 5 -23.49 -10.53 21.46
N ASP C 6 -24.12 -9.61 22.18
CA ASP C 6 -24.99 -8.58 21.60
C ASP C 6 -24.17 -7.34 21.44
N TYR C 7 -24.02 -6.89 20.22
CA TYR C 7 -23.06 -5.84 19.93
C TYR C 7 -23.49 -4.52 20.57
N ARG C 8 -22.56 -3.80 21.19
CA ARG C 8 -22.77 -2.40 21.60
C ARG C 8 -21.63 -1.51 21.05
N THR C 9 -21.97 -0.38 20.39
CA THR C 9 -20.93 0.55 19.93
C THR C 9 -20.02 0.90 21.08
N PRO C 10 -18.70 0.95 20.87
CA PRO C 10 -17.89 1.28 22.04
C PRO C 10 -18.16 2.69 22.57
N ASP C 11 -17.88 2.87 23.84
CA ASP C 11 -18.18 4.13 24.51
C ASP C 11 -17.00 5.10 24.34
N THR C 12 -16.81 5.55 23.13
CA THR C 12 -15.61 6.28 22.73
C THR C 12 -15.75 7.75 23.14
N ALA C 13 -14.81 8.23 23.97
CA ALA C 13 -14.86 9.62 24.43
C ALA C 13 -14.69 10.61 23.26
N ALA C 14 -15.34 11.77 23.38
CA ALA C 14 -15.26 12.79 22.32
C ALA C 14 -13.83 13.32 22.16
N ALA C 15 -13.50 13.73 20.96
CA ALA C 15 -12.21 14.43 20.75
C ALA C 15 -12.11 15.68 21.62
N LYS C 16 -10.99 15.87 22.30
CA LYS C 16 -10.65 17.12 22.99
C LYS C 16 -9.55 17.79 22.16
N ILE C 17 -9.85 18.95 21.54
CA ILE C 17 -8.80 19.78 20.91
C ILE C 17 -8.88 21.20 21.50
N ASP C 18 -8.06 21.46 22.54
CA ASP C 18 -8.03 22.75 23.29
C ASP C 18 -7.73 23.97 22.40
N ALA C 19 -6.72 23.83 21.50
CA ALA C 19 -6.24 24.90 20.58
C ALA C 19 -7.36 25.55 19.74
N THR C 20 -8.51 24.87 19.63
CA THR C 20 -9.71 25.36 18.93
C THR C 20 -10.64 26.36 19.67
N ALA C 21 -10.42 26.59 20.98
CA ALA C 21 -11.11 27.69 21.68
C ALA C 21 -10.61 29.12 21.29
N SER C 22 -9.56 29.22 20.46
CA SER C 22 -9.00 30.51 20.02
C SER C 22 -9.71 31.10 18.76
N LYS C 23 -9.32 32.35 18.43
CA LYS C 23 -10.01 33.16 17.40
C LYS C 23 -9.72 32.85 15.93
N PRO C 24 -8.71 32.00 15.59
CA PRO C 24 -8.76 31.51 14.19
C PRO C 24 -10.04 30.69 13.84
N TYR C 25 -10.74 30.16 14.87
CA TYR C 25 -11.81 29.17 14.66
C TYR C 25 -13.16 29.62 15.24
N ASP C 26 -14.22 29.23 14.51
CA ASP C 26 -15.60 29.45 14.89
C ASP C 26 -16.21 28.05 15.15
N ARG C 27 -16.41 27.76 16.44
CA ARG C 27 -16.98 26.48 16.85
C ARG C 27 -18.52 26.46 16.85
N SER C 28 -19.12 27.58 16.47
CA SER C 28 -20.55 27.70 16.56
C SER C 28 -21.23 27.08 15.36
N ARG C 29 -20.58 26.96 14.21
CA ARG C 29 -21.17 26.20 13.09
C ARG C 29 -20.11 25.41 12.35
N PHE C 30 -20.58 24.40 11.61
CA PHE C 30 -19.77 23.64 10.72
C PHE C 30 -20.29 23.75 9.30
N GLU C 31 -19.42 23.95 8.31
CA GLU C 31 -19.82 24.03 6.90
C GLU C 31 -19.44 22.71 6.21
N SER C 32 -20.44 21.91 5.83
CA SER C 32 -20.10 20.61 5.20
C SER C 32 -19.54 20.76 3.82
N LEU C 33 -20.01 21.73 3.07
CA LEU C 33 -19.45 22.08 1.77
C LEU C 33 -18.34 23.10 2.00
N TRP C 34 -17.30 22.63 2.68
CA TRP C 34 -16.30 23.49 3.27
C TRP C 34 -15.47 24.29 2.28
N TRP C 35 -15.29 23.77 1.08
CA TRP C 35 -14.56 24.43 0.00
C TRP C 35 -15.25 25.67 -0.54
N LYS C 36 -16.57 25.78 -0.36
CA LYS C 36 -17.32 26.91 -0.91
C LYS C 36 -16.95 28.19 -0.21
N GLN C 37 -16.40 28.11 1.02
CA GLN C 37 -15.97 29.29 1.76
C GLN C 37 -14.89 30.12 1.03
N PHE C 38 -14.17 29.48 0.09
CA PHE C 38 -13.10 30.12 -0.63
C PHE C 38 -13.65 31.07 -1.69
N ASP C 39 -14.97 30.98 -1.96
CA ASP C 39 -15.64 31.90 -2.84
C ASP C 39 -14.97 31.87 -4.24
N ASP C 40 -14.68 30.68 -4.70
CA ASP C 40 -13.96 30.46 -5.96
C ASP C 40 -14.85 29.53 -6.83
N PRO C 41 -15.60 30.13 -7.75
CA PRO C 41 -16.47 29.40 -8.66
C PRO C 41 -15.73 28.32 -9.47
N THR C 42 -14.48 28.58 -9.83
CA THR C 42 -13.72 27.61 -10.58
C THR C 42 -13.50 26.36 -9.72
N LEU C 43 -13.08 26.56 -8.46
CA LEU C 43 -12.95 25.45 -7.56
C LEU C 43 -14.27 24.67 -7.39
N ASN C 44 -15.36 25.41 -7.22
CA ASN C 44 -16.67 24.80 -7.07
C ASN C 44 -17.02 23.93 -8.27
N GLN C 45 -16.71 24.39 -9.48
CA GLN C 45 -16.99 23.59 -10.69
C GLN C 45 -16.13 22.32 -10.72
N LEU C 46 -14.87 22.44 -10.36
CA LEU C 46 -13.99 21.26 -10.26
C LEU C 46 -14.61 20.21 -9.33
N VAL C 47 -14.99 20.64 -8.13
CA VAL C 47 -15.54 19.71 -7.17
C VAL C 47 -16.81 19.04 -7.74
N GLU C 48 -17.72 19.80 -8.35
CA GLU C 48 -18.96 19.22 -8.91
C GLU C 48 -18.64 18.23 -10.01
N GLN C 49 -17.67 18.55 -10.84
CA GLN C 49 -17.33 17.62 -11.95
C GLN C 49 -16.76 16.31 -11.41
N SER C 50 -15.93 16.44 -10.38
CA SER C 50 -15.32 15.31 -9.72
C SER C 50 -16.35 14.37 -9.15
N LEU C 51 -17.35 14.92 -8.46
CA LEU C 51 -18.38 14.01 -7.88
C LEU C 51 -19.10 13.22 -8.94
N SER C 52 -19.27 13.76 -10.15
CA SER C 52 -19.97 13.00 -11.15
C SER C 52 -19.06 12.22 -12.07
N GLY C 53 -17.78 12.55 -12.14
CA GLY C 53 -16.86 11.84 -13.04
C GLY C 53 -15.80 10.93 -12.41
N ASN C 54 -15.39 11.16 -11.16
CA ASN C 54 -14.27 10.42 -10.58
C ASN C 54 -14.54 8.90 -10.61
N ARG C 55 -13.59 8.13 -11.16
CA ARG C 55 -13.79 6.70 -11.32
C ARG C 55 -13.58 5.86 -10.06
N ASP C 56 -12.72 6.30 -9.14
CA ASP C 56 -12.55 5.63 -7.87
C ASP C 56 -13.86 5.66 -7.13
N LEU C 57 -14.52 6.81 -7.14
CA LEU C 57 -15.81 6.87 -6.50
C LEU C 57 -16.79 5.87 -7.13
N ARG C 58 -16.79 5.79 -8.46
CA ARG C 58 -17.63 4.80 -9.11
C ARG C 58 -17.32 3.37 -8.69
N VAL C 59 -16.05 3.05 -8.53
CA VAL C 59 -15.65 1.71 -8.08
C VAL C 59 -16.25 1.43 -6.72
N ALA C 60 -16.12 2.39 -5.84
CA ALA C 60 -16.56 2.20 -4.48
C ALA C 60 -18.08 2.06 -4.36
N PHE C 61 -18.83 2.81 -5.18
CA PHE C 61 -20.27 2.65 -5.25
C PHE C 61 -20.57 1.26 -5.70
N ALA C 62 -19.88 0.80 -6.71
CA ALA C 62 -20.13 -0.58 -7.18
C ALA C 62 -19.85 -1.61 -6.12
N ARG C 63 -18.79 -1.42 -5.35
CA ARG C 63 -18.50 -2.38 -4.27
C ARG C 63 -19.56 -2.37 -3.18
N LEU C 64 -20.12 -1.18 -2.93
CA LEU C 64 -21.24 -1.06 -2.05
C LEU C 64 -22.43 -1.86 -2.58
N ARG C 65 -22.74 -1.78 -3.88
CA ARG C 65 -23.83 -2.57 -4.45
CA ARG C 65 -23.85 -2.55 -4.41
C ARG C 65 -23.52 -4.04 -4.31
N ALA C 66 -22.26 -4.43 -4.54
CA ALA C 66 -21.94 -5.88 -4.40
C ALA C 66 -22.21 -6.40 -2.99
N ALA C 67 -21.91 -5.60 -1.99
CA ALA C 67 -22.04 -5.97 -0.59
C ALA C 67 -23.54 -6.03 -0.23
N ARG C 68 -24.35 -5.12 -0.76
CA ARG C 68 -25.80 -5.25 -0.54
C ARG C 68 -26.36 -6.49 -1.20
N ALA C 69 -25.86 -6.85 -2.35
CA ALA C 69 -26.34 -8.04 -3.04
C ALA C 69 -25.97 -9.33 -2.29
N LEU C 70 -24.78 -9.39 -1.74
CA LEU C 70 -24.36 -10.49 -0.86
C LEU C 70 -25.31 -10.60 0.32
N ARG C 71 -25.61 -9.46 0.94
CA ARG C 71 -26.51 -9.40 2.09
C ARG C 71 -27.89 -9.89 1.70
N ASP C 72 -28.41 -9.49 0.54
CA ASP C 72 -29.73 -9.92 0.10
C ASP C 72 -29.83 -11.43 -0.09
N ASP C 73 -28.76 -12.08 -0.51
CA ASP C 73 -28.74 -13.56 -0.62
C ASP C 73 -28.81 -14.27 0.73
N VAL C 74 -28.00 -13.81 1.66
CA VAL C 74 -27.95 -14.26 3.07
C VAL C 74 -29.30 -14.07 3.72
N ALA C 75 -29.95 -12.94 3.49
CA ALA C 75 -31.29 -12.70 4.08
C ALA C 75 -32.32 -13.80 3.72
N ASN C 76 -32.25 -14.36 2.52
CA ASN C 76 -33.17 -15.41 2.13
C ASN C 76 -32.94 -16.73 2.82
N ASP C 77 -31.82 -16.90 3.52
CA ASP C 77 -31.60 -18.12 4.28
C ASP C 77 -32.50 -18.23 5.50
N ARG C 78 -33.15 -17.16 5.94
CA ARG C 78 -34.10 -17.24 7.05
C ARG C 78 -35.36 -18.01 6.64
N PHE C 79 -35.54 -18.31 5.35
CA PHE C 79 -36.74 -18.91 4.83
C PHE C 79 -36.40 -20.22 4.14
N PRO C 80 -37.41 -21.08 3.97
CA PRO C 80 -37.13 -22.30 3.25
C PRO C 80 -36.78 -21.99 1.81
N VAL C 81 -35.82 -22.74 1.31
CA VAL C 81 -35.30 -22.70 -0.06
C VAL C 81 -35.95 -23.81 -0.91
N VAL C 82 -36.85 -23.37 -1.79
CA VAL C 82 -37.78 -24.26 -2.49
C VAL C 82 -37.45 -24.16 -3.97
N THR C 83 -36.81 -25.23 -4.47
CA THR C 83 -36.39 -25.34 -5.86
C THR C 83 -37.24 -26.37 -6.56
N SER C 84 -37.06 -26.51 -7.88
CA SER C 84 -37.87 -27.45 -8.64
C SER C 84 -36.99 -28.46 -9.36
N ARG C 85 -37.55 -29.64 -9.66
CA ARG C 85 -36.79 -30.73 -10.26
C ARG C 85 -37.65 -31.67 -11.10
N ALA C 86 -37.08 -32.12 -12.21
CA ALA C 86 -37.62 -33.19 -13.02
C ALA C 86 -36.47 -34.16 -13.23
N SER C 87 -36.60 -35.40 -12.77
CA SER C 87 -35.49 -36.34 -12.86
C SER C 87 -35.91 -37.76 -13.03
N ALA C 88 -34.95 -38.61 -13.38
CA ALA C 88 -35.17 -40.01 -13.60
C ALA C 88 -33.95 -40.82 -13.22
N ASP C 89 -34.18 -42.08 -12.93
CA ASP C 89 -33.16 -43.05 -12.57
C ASP C 89 -33.51 -44.34 -13.33
N ILE C 90 -32.65 -44.71 -14.25
CA ILE C 90 -32.84 -45.83 -15.16
C ILE C 90 -31.60 -46.69 -15.06
N GLY C 91 -31.77 -48.00 -14.84
CA GLY C 91 -30.67 -48.91 -15.01
C GLY C 91 -31.02 -50.36 -14.78
N LYS C 92 -29.98 -51.20 -14.72
CA LYS C 92 -30.14 -52.63 -14.58
C LYS C 92 -29.06 -53.14 -13.66
N GLY C 93 -29.46 -53.84 -12.62
CA GLY C 93 -28.53 -54.54 -11.76
C GLY C 93 -29.23 -55.08 -10.54
N GLN C 94 -28.45 -55.63 -9.63
CA GLN C 94 -29.03 -56.12 -8.39
C GLN C 94 -29.63 -54.99 -7.54
N GLN C 95 -30.60 -55.35 -6.68
CA GLN C 95 -31.11 -54.43 -5.68
C GLN C 95 -30.85 -55.07 -4.32
N PRO C 96 -29.72 -54.72 -3.68
CA PRO C 96 -29.37 -55.22 -2.34
C PRO C 96 -30.48 -55.06 -1.32
N GLY C 97 -30.61 -56.08 -0.47
CA GLY C 97 -31.77 -56.26 0.40
C GLY C 97 -32.85 -57.04 -0.33
N VAL C 98 -33.33 -56.45 -1.43
CA VAL C 98 -34.48 -56.96 -2.21
C VAL C 98 -34.12 -58.24 -3.03
N THR C 99 -33.38 -58.14 -4.13
CA THR C 99 -33.10 -59.30 -4.99
C THR C 99 -31.62 -59.39 -5.45
N GLU C 100 -31.20 -60.62 -5.73
CA GLU C 100 -29.89 -60.90 -6.34
C GLU C 100 -29.95 -61.10 -7.86
N ASP C 101 -31.14 -61.00 -8.44
CA ASP C 101 -31.24 -60.98 -9.90
C ASP C 101 -30.84 -59.59 -10.34
N ARG C 102 -30.36 -59.49 -11.56
CA ARG C 102 -30.21 -58.21 -12.23
C ARG C 102 -31.56 -57.79 -12.85
N VAL C 103 -32.30 -56.88 -12.19
CA VAL C 103 -33.57 -56.39 -12.73
C VAL C 103 -33.48 -54.98 -13.37
N ASN C 104 -34.33 -54.71 -14.37
CA ASN C 104 -34.51 -53.35 -14.85
C ASN C 104 -35.22 -52.51 -13.79
N SER C 105 -34.86 -51.23 -13.77
CA SER C 105 -35.22 -50.28 -12.73
C SER C 105 -35.51 -48.90 -13.38
N GLU C 106 -36.67 -48.35 -13.11
CA GLU C 106 -37.07 -47.08 -13.68
C GLU C 106 -37.74 -46.28 -12.57
N ARG C 107 -37.57 -44.97 -12.65
CA ARG C 107 -38.10 -44.05 -11.65
C ARG C 107 -38.13 -42.63 -12.19
N TYR C 108 -39.22 -41.91 -11.97
CA TYR C 108 -39.38 -40.55 -12.46
C TYR C 108 -39.90 -39.71 -11.30
N ASP C 109 -39.38 -38.48 -11.18
CA ASP C 109 -39.79 -37.53 -10.15
C ASP C 109 -39.93 -36.16 -10.77
N LEU C 110 -40.99 -35.45 -10.39
CA LEU C 110 -41.21 -34.07 -10.83
C LEU C 110 -41.83 -33.36 -9.64
N GLY C 111 -41.23 -32.29 -9.17
CA GLY C 111 -41.84 -31.45 -8.18
C GLY C 111 -40.94 -30.44 -7.48
N LEU C 112 -41.36 -30.04 -6.29
CA LEU C 112 -40.66 -29.07 -5.48
C LEU C 112 -39.76 -29.74 -4.45
N ASP C 113 -38.49 -29.30 -4.40
CA ASP C 113 -37.52 -29.69 -3.35
C ASP C 113 -37.33 -28.56 -2.38
N SER C 114 -37.38 -28.89 -1.10
CA SER C 114 -37.36 -27.91 -0.05
C SER C 114 -36.23 -28.19 0.91
N ALA C 115 -35.50 -27.17 1.29
CA ALA C 115 -34.46 -27.25 2.31
C ALA C 115 -34.63 -26.08 3.27
N TRP C 116 -34.65 -26.31 4.58
CA TRP C 116 -34.86 -25.22 5.53
C TRP C 116 -34.04 -25.44 6.80
N GLU C 117 -33.12 -24.54 7.13
N GLU C 117 -33.09 -24.55 7.10
CA GLU C 117 -32.50 -24.59 8.45
CA GLU C 117 -32.47 -24.45 8.46
C GLU C 117 -33.33 -23.67 9.35
C GLU C 117 -33.46 -23.64 9.32
N LEU C 118 -33.86 -24.17 10.46
CA LEU C 118 -34.79 -23.41 11.32
C LEU C 118 -33.88 -22.66 12.24
N ASP C 119 -34.04 -21.39 12.34
CA ASP C 119 -32.98 -20.61 12.97
C ASP C 119 -33.19 -20.51 14.47
N LEU C 120 -33.16 -21.61 15.18
CA LEU C 120 -33.57 -21.60 16.59
C LEU C 120 -32.59 -20.91 17.51
N PHE C 121 -31.30 -20.89 17.14
CA PHE C 121 -30.26 -20.24 17.96
C PHE C 121 -29.68 -18.97 17.33
N GLY C 122 -30.22 -18.60 16.16
CA GLY C 122 -29.86 -17.38 15.49
C GLY C 122 -28.60 -17.39 14.65
N ARG C 123 -28.10 -18.56 14.28
CA ARG C 123 -26.95 -18.66 13.35
C ARG C 123 -27.17 -17.75 12.12
N ILE C 124 -28.34 -17.88 11.54
CA ILE C 124 -28.67 -17.14 10.33
C ILE C 124 -28.94 -15.64 10.60
N ARG C 125 -29.70 -15.32 11.64
CA ARG C 125 -29.91 -13.95 12.03
C ARG C 125 -28.59 -13.23 12.23
N ARG C 126 -27.66 -13.90 12.89
CA ARG C 126 -26.31 -13.38 13.08
C ARG C 126 -25.53 -13.22 11.76
N GLN C 127 -25.61 -14.21 10.85
CA GLN C 127 -24.98 -14.05 9.53
C GLN C 127 -25.52 -12.81 8.82
N LEU C 128 -26.81 -12.52 8.96
CA LEU C 128 -27.43 -11.41 8.29
C LEU C 128 -26.97 -10.15 8.99
N GLU C 129 -26.95 -10.18 10.32
CA GLU C 129 -26.49 -9.04 11.11
C GLU C 129 -25.03 -8.64 10.67
N SER C 130 -24.18 -9.63 10.44
CA SER C 130 -22.79 -9.39 9.97
C SER C 130 -22.75 -8.78 8.58
N SER C 131 -23.44 -9.43 7.66
CA SER C 131 -23.60 -8.95 6.31
C SER C 131 -24.17 -7.55 6.25
N ASP C 132 -25.24 -7.22 6.99
CA ASP C 132 -25.74 -5.84 7.03
C ASP C 132 -24.65 -4.88 7.48
N ALA C 133 -23.90 -5.26 8.51
CA ALA C 133 -22.90 -4.35 9.03
C ALA C 133 -21.80 -4.15 8.00
N LEU C 134 -21.41 -5.20 7.27
CA LEU C 134 -20.39 -5.09 6.20
C LEU C 134 -20.83 -4.20 5.05
N SER C 135 -22.13 -4.22 4.74
CA SER C 135 -22.72 -3.26 3.82
C SER C 135 -22.58 -1.83 4.29
N GLU C 136 -22.89 -1.60 5.56
CA GLU C 136 -22.74 -0.26 6.13
C GLU C 136 -21.28 0.15 6.11
N ALA C 137 -20.37 -0.75 6.39
CA ALA C 137 -18.94 -0.44 6.26
C ALA C 137 -18.57 -0.04 4.85
N ALA C 138 -19.11 -0.73 3.86
CA ALA C 138 -18.83 -0.35 2.48
C ALA C 138 -19.40 1.03 2.15
N GLU C 139 -20.56 1.38 2.69
CA GLU C 139 -21.12 2.71 2.50
C GLU C 139 -20.16 3.73 3.12
N ALA C 140 -19.68 3.44 4.32
CA ALA C 140 -18.77 4.35 4.94
C ALA C 140 -17.41 4.44 4.22
N ASP C 141 -16.89 3.33 3.68
CA ASP C 141 -15.67 3.40 2.85
C ASP C 141 -15.81 4.38 1.69
N LEU C 142 -16.97 4.32 1.04
CA LEU C 142 -17.28 5.19 -0.09
C LEU C 142 -17.32 6.64 0.38
N GLN C 143 -17.96 6.90 1.51
CA GLN C 143 -18.04 8.24 2.02
C GLN C 143 -16.65 8.77 2.40
N GLN C 144 -15.78 7.91 2.94
CA GLN C 144 -14.45 8.33 3.32
C GLN C 144 -13.66 8.65 2.07
N LEU C 145 -13.85 7.83 1.02
CA LEU C 145 -13.19 8.11 -0.22
C LEU C 145 -13.64 9.46 -0.73
N GLN C 146 -14.92 9.79 -0.63
CA GLN C 146 -15.39 11.09 -1.08
C GLN C 146 -14.68 12.22 -0.30
N VAL C 147 -14.54 12.05 1.01
CA VAL C 147 -13.87 13.05 1.82
C VAL C 147 -12.43 13.23 1.40
N SER C 148 -11.75 12.11 1.18
CA SER C 148 -10.35 12.13 0.80
C SER C 148 -10.15 12.75 -0.59
N LEU C 149 -11.03 12.39 -1.53
CA LEU C 149 -10.95 12.89 -2.88
C LEU C 149 -11.18 14.40 -2.94
N ILE C 150 -12.23 14.85 -2.26
CA ILE C 150 -12.55 16.27 -2.23
C ILE C 150 -11.33 17.02 -1.71
N ALA C 151 -10.76 16.54 -0.61
CA ALA C 151 -9.58 17.14 -0.03
C ALA C 151 -8.39 17.14 -1.00
N GLU C 152 -8.15 15.99 -1.62
CA GLU C 152 -7.04 15.88 -2.59
C GLU C 152 -7.14 16.90 -3.73
N LEU C 153 -8.36 17.09 -4.22
CA LEU C 153 -8.63 17.95 -5.37
C LEU C 153 -8.49 19.41 -4.99
N VAL C 154 -9.04 19.78 -3.83
CA VAL C 154 -8.93 21.15 -3.39
C VAL C 154 -7.45 21.49 -3.15
N ASP C 155 -6.73 20.53 -2.59
CA ASP C 155 -5.32 20.66 -2.29
C ASP C 155 -4.55 20.85 -3.59
N ALA C 156 -4.88 20.05 -4.58
CA ALA C 156 -4.21 20.15 -5.87
C ALA C 156 -4.44 21.49 -6.58
N TYR C 157 -5.66 22.02 -6.47
CA TYR C 157 -5.98 23.31 -7.04
C TYR C 157 -5.08 24.34 -6.36
N GLY C 158 -4.91 24.20 -5.05
CA GLY C 158 -4.03 25.09 -4.34
C GLY C 158 -2.59 25.00 -4.84
N GLN C 159 -2.12 23.78 -5.10
CA GLN C 159 -0.75 23.66 -5.55
C GLN C 159 -0.59 24.28 -6.93
N LEU C 160 -1.62 24.13 -7.76
CA LEU C 160 -1.61 24.70 -9.08
C LEU C 160 -1.50 26.19 -8.97
N ARG C 161 -2.35 26.81 -8.15
CA ARG C 161 -2.27 28.27 -7.99
C ARG C 161 -0.92 28.70 -7.44
N GLY C 162 -0.36 27.85 -6.57
CA GLY C 162 0.93 28.12 -6.01
C GLY C 162 1.99 28.19 -7.11
N ALA C 163 1.98 27.21 -8.00
CA ALA C 163 2.96 27.19 -9.04
C ALA C 163 2.81 28.44 -9.91
N GLN C 164 1.57 28.81 -10.18
CA GLN C 164 1.28 29.97 -11.03
C GLN C 164 1.71 31.26 -10.37
N LEU C 165 1.44 31.37 -9.08
CA LEU C 165 1.89 32.50 -8.28
C LEU C 165 3.42 32.62 -8.29
N ARG C 166 4.09 31.50 -8.12
CA ARG C 166 5.53 31.55 -7.99
C ARG C 166 6.20 31.85 -9.33
N GLU C 167 5.59 31.36 -10.42
CA GLU C 167 6.06 31.72 -11.77
C GLU C 167 5.99 33.24 -11.94
N LYS C 168 4.89 33.83 -11.53
CA LYS C 168 4.69 35.26 -11.71
C LYS C 168 5.72 36.08 -10.89
N ILE C 169 5.98 35.61 -9.68
CA ILE C 169 7.03 36.19 -8.82
C ILE C 169 8.42 36.03 -9.46
N ALA C 170 8.69 34.86 -10.04
CA ALA C 170 9.96 34.66 -10.65
C ALA C 170 10.15 35.56 -11.83
N LEU C 171 9.13 35.71 -12.69
CA LEU C 171 9.25 36.56 -13.89
C LEU C 171 9.43 38.05 -13.50
N SER C 172 8.77 38.43 -12.44
CA SER C 172 8.83 39.80 -11.96
C SER C 172 10.23 40.11 -11.40
N ASN C 173 10.79 39.19 -10.64
CA ASN C 173 12.18 39.29 -10.18
C ASN C 173 13.20 39.23 -11.33
N LEU C 174 12.87 38.42 -12.36
CA LEU C 174 13.68 38.37 -13.55
C LEU C 174 13.80 39.76 -14.21
N GLU C 175 12.68 40.49 -14.31
CA GLU C 175 12.66 41.86 -14.84
C GLU C 175 13.56 42.77 -14.02
N ASN C 176 13.46 42.74 -12.68
CA ASN C 176 14.38 43.57 -11.82
C ASN C 176 15.84 43.24 -12.10
N GLN C 177 16.13 41.95 -12.21
CA GLN C 177 17.46 41.47 -12.48
C GLN C 177 17.99 41.87 -13.87
N LYS C 178 17.12 41.96 -14.87
CA LYS C 178 17.51 42.41 -16.20
C LYS C 178 17.92 43.88 -16.16
N GLU C 179 17.12 44.70 -15.48
CA GLU C 179 17.47 46.11 -15.25
C GLU C 179 18.88 46.30 -14.62
N SER C 180 19.16 45.49 -13.59
CA SER C 180 20.44 45.52 -12.93
C SER C 180 21.56 45.04 -13.84
N ARG C 181 21.35 43.93 -14.56
CA ARG C 181 22.38 43.48 -15.51
CA ARG C 181 22.41 43.50 -15.47
C ARG C 181 22.71 44.64 -16.41
N GLN C 182 21.66 45.32 -16.91
CA GLN C 182 21.86 46.40 -17.88
C GLN C 182 22.72 47.52 -17.22
N LEU C 183 22.43 47.85 -15.99
CA LEU C 183 23.25 48.81 -15.24
C LEU C 183 24.74 48.34 -15.08
N THR C 184 24.97 47.09 -14.77
CA THR C 184 26.37 46.63 -14.67
C THR C 184 27.14 46.82 -16.02
N GLU C 185 26.46 46.56 -17.15
CA GLU C 185 27.07 46.69 -18.46
C GLU C 185 27.38 48.17 -18.71
N GLN C 186 26.40 49.02 -18.43
CA GLN C 186 26.57 50.45 -18.63
C GLN C 186 27.72 50.99 -17.83
N LEU C 187 27.76 50.70 -16.54
CA LEU C 187 28.84 51.17 -15.72
C LEU C 187 30.20 50.65 -16.20
N ARG C 188 30.26 49.38 -16.61
CA ARG C 188 31.50 48.84 -17.12
C ARG C 188 31.94 49.59 -18.39
N ASP C 189 31.02 49.72 -19.35
CA ASP C 189 31.29 50.37 -20.62
C ASP C 189 31.63 51.86 -20.50
N ALA C 190 31.11 52.51 -19.47
CA ALA C 190 31.42 53.92 -19.16
C ALA C 190 32.70 54.07 -18.36
N GLY C 191 33.52 53.03 -18.30
CA GLY C 191 34.77 53.08 -17.55
C GLY C 191 34.73 53.10 -16.04
N VAL C 192 33.56 53.01 -15.37
CA VAL C 192 33.57 53.02 -13.89
C VAL C 192 32.82 51.89 -13.29
N GLY C 193 32.93 50.72 -13.91
CA GLY C 193 32.26 49.48 -13.42
C GLY C 193 33.23 48.34 -13.40
N ALA C 194 32.80 47.13 -13.73
CA ALA C 194 33.68 45.95 -13.72
C ALA C 194 33.05 44.74 -14.43
N GLU C 195 33.84 44.05 -15.23
CA GLU C 195 33.41 42.77 -15.79
C GLU C 195 32.87 41.81 -14.71
N LEU C 196 33.51 41.81 -13.53
CA LEU C 196 33.07 40.95 -12.47
C LEU C 196 31.58 41.17 -12.11
N ASP C 197 31.12 42.42 -12.21
CA ASP C 197 29.74 42.73 -11.93
C ASP C 197 28.85 42.17 -13.04
N VAL C 198 29.25 42.30 -14.28
CA VAL C 198 28.41 41.80 -15.36
C VAL C 198 28.26 40.24 -15.29
N LEU C 199 29.36 39.56 -14.99
CA LEU C 199 29.35 38.14 -14.92
C LEU C 199 28.41 37.64 -13.79
N ARG C 200 28.50 38.23 -12.60
CA ARG C 200 27.63 37.80 -11.53
C ARG C 200 26.18 38.11 -11.83
N ALA C 201 25.94 39.24 -12.47
CA ALA C 201 24.57 39.57 -12.90
C ALA C 201 24.01 38.52 -13.89
N ASP C 202 24.85 38.11 -14.83
CA ASP C 202 24.44 37.11 -15.79
C ASP C 202 24.13 35.77 -15.12
N ALA C 203 24.92 35.40 -14.12
CA ALA C 203 24.74 34.11 -13.48
C ALA C 203 23.42 34.10 -12.77
N ARG C 204 23.15 35.15 -12.03
CA ARG C 204 21.90 35.28 -11.29
C ARG C 204 20.65 35.33 -12.22
N LEU C 205 20.76 36.03 -13.33
CA LEU C 205 19.68 36.03 -14.31
C LEU C 205 19.37 34.58 -14.77
N ALA C 206 20.40 33.83 -15.08
CA ALA C 206 20.18 32.48 -15.57
C ALA C 206 19.54 31.60 -14.46
N ALA C 207 20.01 31.77 -13.23
CA ALA C 207 19.42 31.07 -12.08
C ALA C 207 17.91 31.33 -11.98
N THR C 208 17.53 32.59 -12.13
CA THR C 208 16.16 32.94 -11.97
C THR C 208 15.35 32.42 -13.17
N ALA C 209 15.93 32.55 -14.35
CA ALA C 209 15.31 31.99 -15.57
C ALA C 209 15.10 30.47 -15.46
N ALA C 210 16.07 29.78 -14.90
CA ALA C 210 15.96 28.36 -14.70
C ALA C 210 14.78 27.98 -13.82
N SER C 211 14.37 28.80 -12.88
CA SER C 211 13.24 28.42 -11.99
C SER C 211 11.87 28.37 -12.75
N VAL C 212 11.74 29.20 -13.79
CA VAL C 212 10.46 29.29 -14.51
C VAL C 212 9.95 27.96 -15.12
N PRO C 213 10.75 27.27 -15.93
CA PRO C 213 10.22 26.02 -16.47
C PRO C 213 9.98 24.98 -15.40
N GLN C 214 10.73 25.02 -14.29
CA GLN C 214 10.39 24.12 -13.18
C GLN C 214 9.01 24.40 -12.62
N LEU C 215 8.74 25.65 -12.37
CA LEU C 215 7.42 26.01 -11.83
C LEU C 215 6.32 25.71 -12.84
N GLN C 216 6.62 25.88 -14.13
CA GLN C 216 5.60 25.55 -15.12
C GLN C 216 5.33 24.04 -15.12
N ALA C 217 6.39 23.27 -14.96
CA ALA C 217 6.30 21.84 -14.91
C ALA C 217 5.40 21.42 -13.77
N GLU C 218 5.49 22.07 -12.60
CA GLU C 218 4.64 21.71 -11.42
C GLU C 218 3.19 22.06 -11.67
N ALA C 219 2.99 23.22 -12.32
CA ALA C 219 1.64 23.58 -12.75
C ALA C 219 1.01 22.49 -13.66
N GLU C 220 1.79 22.01 -14.62
CA GLU C 220 1.26 20.99 -15.51
C GLU C 220 0.97 19.62 -14.75
N ARG C 221 1.86 19.18 -13.84
CA ARG C 221 1.56 17.97 -13.05
C ARG C 221 0.26 18.22 -12.27
N ALA C 222 0.10 19.41 -11.71
CA ALA C 222 -1.11 19.67 -10.96
C ALA C 222 -2.36 19.64 -11.86
N ARG C 223 -2.29 20.26 -13.04
CA ARG C 223 -3.40 20.27 -13.99
CA ARG C 223 -3.37 20.23 -14.02
C ARG C 223 -3.77 18.83 -14.31
N HIS C 224 -2.76 18.01 -14.51
CA HIS C 224 -3.02 16.61 -14.87
C HIS C 224 -3.63 15.80 -13.70
N ARG C 225 -3.20 16.01 -12.45
CA ARG C 225 -3.81 15.34 -11.27
C ARG C 225 -5.29 15.75 -11.29
N ILE C 226 -5.56 17.05 -11.43
CA ILE C 226 -6.93 17.57 -11.40
C ILE C 226 -7.78 16.85 -12.46
N ALA C 227 -7.26 16.74 -13.67
CA ALA C 227 -8.01 16.06 -14.73
C ALA C 227 -8.38 14.61 -14.35
N THR C 228 -7.43 13.80 -13.91
CA THR C 228 -7.79 12.47 -13.44
C THR C 228 -8.80 12.51 -12.29
N LEU C 229 -8.64 13.42 -11.32
CA LEU C 229 -9.56 13.46 -10.20
C LEU C 229 -10.98 13.78 -10.71
N LEU C 230 -11.09 14.55 -11.81
CA LEU C 230 -12.39 14.82 -12.45
C LEU C 230 -12.93 13.69 -13.34
N GLY C 231 -12.15 12.65 -13.58
CA GLY C 231 -12.55 11.62 -14.48
C GLY C 231 -12.35 11.99 -15.92
N GLN C 232 -11.41 12.88 -16.15
CA GLN C 232 -11.18 13.46 -17.47
C GLN C 232 -9.74 13.22 -17.92
N ARG C 233 -9.61 13.12 -19.23
CA ARG C 233 -8.31 13.03 -19.86
C ARG C 233 -7.59 14.41 -19.79
N PRO C 234 -6.27 14.40 -19.82
CA PRO C 234 -5.52 15.64 -19.63
C PRO C 234 -5.82 16.75 -20.62
N GLU C 235 -6.00 16.40 -21.87
CA GLU C 235 -6.28 17.37 -22.92
C GLU C 235 -7.78 17.72 -23.00
N GLU C 236 -8.66 17.04 -22.24
CA GLU C 236 -10.11 17.23 -22.32
C GLU C 236 -10.72 17.99 -21.14
N LEU C 237 -9.92 18.67 -20.36
CA LEU C 237 -10.48 19.43 -19.24
C LEU C 237 -11.57 20.43 -19.63
N THR C 238 -12.72 20.29 -18.94
CA THR C 238 -13.85 21.19 -19.14
C THR C 238 -13.61 22.62 -18.54
N VAL C 239 -12.93 22.67 -17.40
CA VAL C 239 -12.74 23.89 -16.64
C VAL C 239 -11.49 24.67 -17.01
N ASP C 240 -11.64 25.96 -17.20
CA ASP C 240 -10.54 26.88 -17.54
C ASP C 240 -9.68 27.10 -16.30
N LEU C 241 -8.42 26.64 -16.38
CA LEU C 241 -7.47 26.77 -15.28
C LEU C 241 -6.42 27.87 -15.40
N SER C 242 -6.67 28.86 -16.24
CA SER C 242 -5.70 29.91 -16.44
C SER C 242 -5.53 30.72 -15.11
N PRO C 243 -4.36 31.32 -14.88
CA PRO C 243 -4.03 31.84 -13.56
C PRO C 243 -5.05 32.76 -12.90
N ARG C 244 -5.29 32.50 -11.60
CA ARG C 244 -6.03 33.37 -10.72
C ARG C 244 -5.33 33.30 -9.36
N ASP C 245 -5.65 34.25 -8.49
CA ASP C 245 -5.17 34.25 -7.11
C ASP C 245 -5.51 32.99 -6.33
N LEU C 246 -4.61 32.59 -5.43
CA LEU C 246 -4.81 31.57 -4.46
C LEU C 246 -5.99 32.04 -3.63
N PRO C 247 -7.05 31.25 -3.55
CA PRO C 247 -8.18 31.64 -2.69
C PRO C 247 -7.82 31.78 -1.23
N ALA C 248 -8.63 32.60 -0.56
CA ALA C 248 -8.45 32.87 0.83
C ALA C 248 -9.78 32.91 1.58
N ILE C 249 -9.71 32.64 2.87
CA ILE C 249 -10.87 32.70 3.73
C ILE C 249 -10.53 33.77 4.73
N THR C 250 -11.30 34.86 4.74
CA THR C 250 -11.11 35.88 5.78
C THR C 250 -11.92 35.62 7.10
N LYS C 251 -13.11 34.98 7.00
CA LYS C 251 -13.89 34.68 8.19
C LYS C 251 -13.18 33.61 9.07
N ALA C 252 -13.45 33.61 10.36
CA ALA C 252 -12.89 32.54 11.17
C ALA C 252 -13.51 31.23 10.66
N LEU C 253 -12.73 30.15 10.76
CA LEU C 253 -13.09 28.88 10.13
C LEU C 253 -14.24 28.22 10.88
N PRO C 254 -15.36 28.02 10.20
CA PRO C 254 -16.42 27.22 10.82
C PRO C 254 -16.07 25.77 10.89
N ILE C 255 -15.61 25.35 12.07
CA ILE C 255 -15.15 23.98 12.33
C ILE C 255 -16.08 23.19 13.25
N GLY C 256 -17.21 23.75 13.59
CA GLY C 256 -18.14 23.12 14.56
C GLY C 256 -17.50 22.74 15.91
N ASP C 257 -18.11 21.76 16.59
CA ASP C 257 -17.58 21.31 17.86
C ASP C 257 -16.62 20.22 17.56
N PRO C 258 -15.33 20.38 17.85
CA PRO C 258 -14.43 19.28 17.53
C PRO C 258 -14.80 17.95 18.24
N GLY C 259 -15.50 17.99 19.36
CA GLY C 259 -16.07 16.77 19.93
C GLY C 259 -17.13 16.03 19.10
N GLU C 260 -17.36 16.49 17.88
CA GLU C 260 -18.32 15.86 16.98
C GLU C 260 -17.59 15.36 15.74
N LEU C 261 -16.27 15.28 15.82
CA LEU C 261 -15.44 14.85 14.72
C LEU C 261 -15.43 13.36 14.54
N LEU C 262 -15.34 12.62 15.61
CA LEU C 262 -15.42 11.17 15.53
C LEU C 262 -16.73 10.65 15.04
N ARG C 263 -17.83 11.37 15.26
CA ARG C 263 -19.14 10.97 14.69
C ARG C 263 -19.23 11.34 13.23
N ARG C 264 -18.54 12.39 12.82
CA ARG C 264 -18.64 12.81 11.45
C ARG C 264 -17.73 12.01 10.52
N ARG C 265 -16.64 11.46 11.00
CA ARG C 265 -15.73 10.75 10.14
C ARG C 265 -16.17 9.38 9.61
N PRO C 266 -16.38 9.23 8.32
CA PRO C 266 -16.79 7.93 7.82
C PRO C 266 -15.79 6.78 8.07
N ASP C 267 -14.47 7.06 8.09
CA ASP C 267 -13.50 5.97 8.35
C ASP C 267 -13.72 5.39 9.75
N ILE C 268 -14.09 6.23 10.71
CA ILE C 268 -14.42 5.76 12.03
C ILE C 268 -15.67 4.89 11.96
N ARG C 269 -16.71 5.34 11.26
CA ARG C 269 -17.94 4.52 11.11
C ARG C 269 -17.61 3.18 10.41
N ALA C 270 -16.79 3.21 9.37
CA ALA C 270 -16.47 1.99 8.66
C ALA C 270 -15.84 0.94 9.62
N ALA C 271 -14.88 1.38 10.41
CA ALA C 271 -14.18 0.51 11.34
C ALA C 271 -15.12 -0.01 12.45
N GLU C 272 -16.02 0.87 12.91
CA GLU C 272 -17.05 0.51 13.89
C GLU C 272 -18.00 -0.55 13.31
N ARG C 273 -18.36 -0.41 12.05
CA ARG C 273 -19.22 -1.40 11.38
C ARG C 273 -18.53 -2.71 11.19
N ARG C 274 -17.23 -2.69 10.88
CA ARG C 274 -16.51 -3.95 10.78
CA ARG C 274 -16.42 -3.90 10.78
C ARG C 274 -16.38 -4.58 12.12
N LEU C 275 -16.30 -3.79 13.18
CA LEU C 275 -16.31 -4.33 14.54
C LEU C 275 -17.68 -4.99 14.83
N ALA C 276 -18.76 -4.31 14.51
CA ALA C 276 -20.08 -4.88 14.68
C ALA C 276 -20.19 -6.17 13.89
N ALA C 277 -19.73 -6.19 12.65
CA ALA C 277 -19.82 -7.47 11.86
C ALA C 277 -19.04 -8.65 12.46
N SER C 278 -17.86 -8.31 12.96
CA SER C 278 -16.98 -9.27 13.59
C SER C 278 -17.59 -9.86 14.87
N THR C 279 -18.31 -9.01 15.61
CA THR C 279 -19.01 -9.36 16.84
C THR C 279 -20.20 -10.29 16.52
N ALA C 280 -20.92 -9.98 15.45
CA ALA C 280 -21.94 -10.86 14.96
C ALA C 280 -21.35 -12.19 14.54
N ASP C 281 -20.17 -12.19 13.92
CA ASP C 281 -19.56 -13.46 13.53
C ASP C 281 -19.23 -14.35 14.74
N VAL C 282 -18.99 -13.76 15.92
CA VAL C 282 -18.82 -14.56 17.13
C VAL C 282 -20.11 -15.32 17.43
N GLY C 283 -21.23 -14.64 17.25
CA GLY C 283 -22.55 -15.23 17.36
C GLY C 283 -22.75 -16.41 16.43
N VAL C 284 -22.36 -16.22 15.18
CA VAL C 284 -22.46 -17.30 14.19
C VAL C 284 -21.75 -18.53 14.71
N ALA C 285 -20.52 -18.36 15.15
CA ALA C 285 -19.72 -19.49 15.61
C ALA C 285 -20.26 -20.11 16.91
N THR C 286 -20.77 -19.24 17.78
CA THR C 286 -21.34 -19.65 19.05
C THR C 286 -22.58 -20.55 18.83
N ALA C 287 -23.39 -20.21 17.83
CA ALA C 287 -24.53 -21.06 17.46
C ALA C 287 -24.17 -22.51 17.14
N ASP C 288 -22.94 -22.78 16.66
CA ASP C 288 -22.53 -24.16 16.37
C ASP C 288 -22.29 -25.01 17.61
N LEU C 289 -22.26 -24.39 18.80
CA LEU C 289 -22.22 -25.14 20.05
C LEU C 289 -23.58 -25.81 20.30
N PHE C 290 -24.67 -25.31 19.68
CA PHE C 290 -26.03 -25.79 19.93
C PHE C 290 -26.46 -26.66 18.78
N PRO C 291 -27.55 -27.40 18.94
CA PRO C 291 -28.00 -28.23 17.84
C PRO C 291 -28.46 -27.40 16.65
N ARG C 292 -28.35 -27.99 15.47
CA ARG C 292 -28.90 -27.44 14.24
C ARG C 292 -30.15 -28.24 13.86
N VAL C 293 -31.31 -27.58 13.80
CA VAL C 293 -32.56 -28.22 13.37
C VAL C 293 -32.89 -27.86 11.92
N SER C 294 -33.10 -28.84 11.07
CA SER C 294 -33.47 -28.64 9.66
C SER C 294 -34.76 -29.43 9.29
N LEU C 295 -35.35 -29.06 8.17
CA LEU C 295 -36.57 -29.69 7.66
C LEU C 295 -36.49 -29.72 6.17
N SER C 296 -36.21 -30.85 5.55
CA SER C 296 -36.29 -30.94 4.07
C SER C 296 -37.70 -31.37 3.63
N GLY C 297 -37.99 -31.26 2.34
CA GLY C 297 -39.32 -31.57 1.81
C GLY C 297 -39.31 -31.98 0.35
N PHE C 298 -40.32 -32.72 -0.08
CA PHE C 298 -40.56 -32.93 -1.50
C PHE C 298 -42.06 -32.91 -1.69
N LEU C 299 -42.55 -32.27 -2.74
CA LEU C 299 -43.97 -32.27 -3.03
C LEU C 299 -44.11 -32.28 -4.54
N GLY C 300 -44.80 -33.27 -5.07
CA GLY C 300 -44.90 -33.39 -6.50
C GLY C 300 -45.36 -34.77 -6.90
N PHE C 301 -44.59 -35.42 -7.77
CA PHE C 301 -44.99 -36.67 -8.36
C PHE C 301 -43.79 -37.61 -8.44
N THR C 302 -44.05 -38.89 -8.12
CA THR C 302 -43.08 -39.96 -8.21
C THR C 302 -43.78 -41.15 -8.86
N ALA C 303 -43.11 -41.83 -9.78
CA ALA C 303 -43.72 -42.95 -10.47
C ALA C 303 -42.72 -43.85 -11.11
N GLY C 304 -43.07 -45.12 -11.25
CA GLY C 304 -42.26 -46.11 -12.00
C GLY C 304 -42.42 -46.01 -13.50
N ARG C 305 -43.45 -45.31 -13.97
CA ARG C 305 -43.72 -45.19 -15.43
C ARG C 305 -43.90 -43.73 -15.83
N GLY C 306 -43.10 -43.27 -16.79
CA GLY C 306 -43.13 -41.88 -17.21
C GLY C 306 -44.54 -41.34 -17.46
N SER C 307 -45.36 -42.16 -18.09
CA SER C 307 -46.75 -41.78 -18.41
C SER C 307 -47.57 -41.24 -17.21
N GLN C 308 -47.27 -41.69 -16.00
CA GLN C 308 -48.08 -41.32 -14.83
C GLN C 308 -47.77 -39.97 -14.15
N ILE C 309 -46.56 -39.47 -14.39
CA ILE C 309 -46.12 -38.19 -13.84
C ILE C 309 -47.18 -37.13 -14.19
N GLY C 310 -47.60 -36.34 -13.21
CA GLY C 310 -48.68 -35.37 -13.39
C GLY C 310 -50.06 -35.87 -12.97
N SER C 311 -50.28 -37.18 -12.93
CA SER C 311 -51.60 -37.71 -12.53
C SER C 311 -51.72 -37.93 -11.01
N SER C 312 -52.97 -37.92 -10.55
CA SER C 312 -53.32 -38.26 -9.16
C SER C 312 -52.68 -39.53 -8.62
N ALA C 313 -52.57 -40.57 -9.46
CA ALA C 313 -52.02 -41.85 -8.94
C ALA C 313 -50.51 -41.74 -8.67
N ALA C 314 -49.86 -40.68 -9.18
CA ALA C 314 -48.43 -40.49 -8.96
C ALA C 314 -48.07 -39.37 -7.98
N ARG C 315 -49.08 -38.70 -7.39
CA ARG C 315 -48.85 -37.76 -6.30
C ARG C 315 -47.89 -38.35 -5.29
N ALA C 316 -46.98 -37.52 -4.80
CA ALA C 316 -46.01 -37.91 -3.79
C ALA C 316 -45.59 -36.72 -2.93
N TRP C 317 -45.20 -37.02 -1.70
CA TRP C 317 -44.73 -36.02 -0.79
C TRP C 317 -43.86 -36.68 0.27
N SER C 318 -42.91 -35.93 0.81
CA SER C 318 -42.14 -36.35 1.94
C SER C 318 -41.57 -35.17 2.71
N VAL C 319 -41.13 -35.46 3.92
CA VAL C 319 -40.77 -34.46 4.87
C VAL C 319 -39.61 -35.07 5.61
N GLY C 320 -38.57 -34.28 5.83
CA GLY C 320 -37.28 -34.76 6.37
C GLY C 320 -36.79 -33.96 7.58
N PRO C 321 -37.49 -34.05 8.70
CA PRO C 321 -36.98 -33.35 9.88
C PRO C 321 -35.68 -33.93 10.34
N SER C 322 -34.82 -33.08 10.86
CA SER C 322 -33.48 -33.50 11.24
C SER C 322 -32.91 -32.59 12.32
N ILE C 323 -32.24 -33.14 13.31
CA ILE C 323 -31.53 -32.33 14.30
C ILE C 323 -30.19 -32.99 14.50
N SER C 324 -29.14 -32.19 14.40
CA SER C 324 -27.77 -32.66 14.61
C SER C 324 -27.06 -31.80 15.63
N TRP C 325 -26.01 -32.33 16.24
CA TRP C 325 -25.26 -31.61 17.26
C TRP C 325 -23.85 -32.15 17.23
N ALA C 326 -22.89 -31.24 17.37
CA ALA C 326 -21.48 -31.58 17.19
C ALA C 326 -20.96 -32.71 18.08
N ALA C 327 -21.53 -32.86 19.28
CA ALA C 327 -21.21 -34.01 20.15
C ALA C 327 -19.69 -34.14 20.33
N PHE C 328 -19.05 -35.21 19.88
CA PHE C 328 -17.60 -35.40 20.13
C PHE C 328 -16.76 -34.48 19.24
N ASP C 329 -17.32 -33.83 18.24
CA ASP C 329 -16.65 -32.76 17.47
C ASP C 329 -16.75 -31.35 18.08
N LEU C 330 -17.32 -31.22 19.28
CA LEU C 330 -17.31 -29.92 19.96
C LEU C 330 -15.95 -29.17 20.08
N GLY C 331 -14.85 -29.89 20.22
CA GLY C 331 -13.52 -29.25 20.26
C GLY C 331 -13.22 -28.43 19.00
N SER C 332 -13.65 -28.93 17.82
CA SER C 332 -13.54 -28.19 16.56
C SER C 332 -14.37 -26.91 16.57
N VAL C 333 -15.59 -27.03 17.09
CA VAL C 333 -16.52 -25.91 17.16
C VAL C 333 -15.95 -24.88 18.08
N ARG C 334 -15.35 -25.35 19.16
CA ARG C 334 -14.68 -24.48 20.13
C ARG C 334 -13.46 -23.75 19.52
N ALA C 335 -12.70 -24.46 18.69
CA ALA C 335 -11.59 -23.86 18.03
C ALA C 335 -12.09 -22.74 17.09
N ARG C 336 -13.16 -22.98 16.34
CA ARG C 336 -13.70 -21.93 15.50
C ARG C 336 -14.21 -20.73 16.28
N LEU C 337 -14.78 -21.01 17.46
CA LEU C 337 -15.28 -19.96 18.33
C LEU C 337 -14.14 -19.06 18.84
N ARG C 338 -13.05 -19.71 19.27
CA ARG C 338 -11.87 -18.99 19.74
C ARG C 338 -11.34 -18.12 18.60
N GLY C 339 -11.36 -18.68 17.39
CA GLY C 339 -10.98 -17.96 16.19
C GLY C 339 -11.81 -16.74 15.95
N ALA C 340 -13.12 -16.89 16.04
CA ALA C 340 -13.97 -15.73 15.85
C ALA C 340 -13.73 -14.73 16.98
N LYS C 341 -13.46 -15.18 18.19
CA LYS C 341 -13.17 -14.26 19.31
C LYS C 341 -11.92 -13.47 19.05
N ALA C 342 -10.89 -14.16 18.57
CA ALA C 342 -9.68 -13.51 18.20
C ALA C 342 -9.93 -12.46 17.14
N ASP C 343 -10.77 -12.77 16.14
CA ASP C 343 -10.97 -11.80 15.06
C ASP C 343 -11.73 -10.58 15.59
N ALA C 344 -12.62 -10.76 16.54
CA ALA C 344 -13.32 -9.64 17.10
C ALA C 344 -12.41 -8.78 17.96
N ASP C 345 -11.44 -9.37 18.69
CA ASP C 345 -10.41 -8.56 19.38
C ASP C 345 -9.59 -7.77 18.37
N ALA C 346 -9.22 -8.40 17.26
CA ALA C 346 -8.49 -7.69 16.22
C ALA C 346 -9.31 -6.48 15.76
N ALA C 347 -10.60 -6.72 15.50
CA ALA C 347 -11.42 -5.64 15.01
C ALA C 347 -11.57 -4.50 15.99
N LEU C 348 -11.64 -4.82 17.27
CA LEU C 348 -11.78 -3.78 18.30
C LEU C 348 -10.54 -2.94 18.32
N ALA C 349 -9.38 -3.59 18.36
CA ALA C 349 -8.13 -2.88 18.34
C ALA C 349 -7.98 -2.02 17.10
N SER C 350 -8.43 -2.56 15.99
CA SER C 350 -8.37 -1.82 14.73
C SER C 350 -9.25 -0.58 14.76
N TYR C 351 -10.46 -0.74 15.35
CA TYR C 351 -11.32 0.41 15.52
C TYR C 351 -10.63 1.49 16.38
N GLU C 352 -10.03 1.05 17.47
CA GLU C 352 -9.38 2.00 18.38
C GLU C 352 -8.21 2.70 17.70
N GLN C 353 -7.45 1.97 16.92
CA GLN C 353 -6.35 2.56 16.17
C GLN C 353 -6.85 3.64 15.22
N GLN C 354 -7.98 3.40 14.53
CA GLN C 354 -8.51 4.42 13.64
C GLN C 354 -8.90 5.63 14.42
N VAL C 355 -9.51 5.43 15.58
CA VAL C 355 -9.84 6.58 16.44
C VAL C 355 -8.56 7.39 16.72
N LEU C 356 -7.49 6.70 17.14
CA LEU C 356 -6.23 7.37 17.47
C LEU C 356 -5.63 8.06 16.26
N LEU C 357 -5.67 7.40 15.09
CA LEU C 357 -5.11 8.03 13.87
C LEU C 357 -5.91 9.26 13.52
N ALA C 358 -7.21 9.20 13.73
CA ALA C 358 -8.07 10.37 13.45
C ALA C 358 -7.77 11.55 14.39
N LEU C 359 -7.56 11.25 15.67
CA LEU C 359 -7.21 12.26 16.65
C LEU C 359 -5.85 12.85 16.37
N GLU C 360 -4.92 11.98 15.95
CA GLU C 360 -3.61 12.44 15.49
C GLU C 360 -3.77 13.36 14.25
N GLU C 361 -4.55 12.97 13.23
CA GLU C 361 -4.69 13.82 12.05
C GLU C 361 -5.24 15.20 12.41
N SER C 362 -6.25 15.19 13.28
CA SER C 362 -6.89 16.40 13.72
C SER C 362 -5.96 17.33 14.49
N ALA C 363 -5.24 16.72 15.43
CA ALA C 363 -4.34 17.43 16.26
C ALA C 363 -3.20 18.01 15.42
N ASN C 364 -2.68 17.28 14.43
CA ASN C 364 -1.70 17.83 13.49
C ASN C 364 -2.27 18.97 12.66
N ALA C 365 -3.46 18.79 12.12
CA ALA C 365 -4.02 19.83 11.29
C ALA C 365 -4.21 21.14 12.08
N PHE C 366 -4.69 21.05 13.29
CA PHE C 366 -4.83 22.29 14.08
C PHE C 366 -3.48 22.93 14.53
N SER C 367 -2.54 22.12 14.99
CA SER C 367 -1.20 22.56 15.37
C SER C 367 -0.55 23.26 14.16
N ASP C 368 -0.55 22.59 13.00
CA ASP C 368 -0.03 23.14 11.79
C ASP C 368 -0.64 24.48 11.41
N TYR C 369 -1.96 24.58 11.44
CA TYR C 369 -2.59 25.72 10.86
C TYR C 369 -2.22 26.97 11.67
N GLY C 370 -2.24 26.84 12.99
CA GLY C 370 -1.84 27.95 13.87
C GLY C 370 -0.40 28.45 13.64
N LYS C 371 0.51 27.49 13.54
CA LYS C 371 1.89 27.74 13.26
C LYS C 371 2.10 28.36 11.88
N ARG C 372 1.34 27.90 10.90
CA ARG C 372 1.44 28.43 9.56
C ARG C 372 0.96 29.85 9.48
N GLN C 373 -0.06 30.20 10.26
CA GLN C 373 -0.44 31.63 10.38
C GLN C 373 0.68 32.48 10.94
N GLU C 374 1.34 32.00 12.01
CA GLU C 374 2.42 32.78 12.66
C GLU C 374 3.56 32.97 11.68
N ARG C 375 3.95 31.88 11.04
CA ARG C 375 5.09 31.87 10.16
C ARG C 375 4.84 32.89 9.02
N LEU C 376 3.62 32.90 8.48
CA LEU C 376 3.28 33.80 7.42
C LEU C 376 3.45 35.29 7.81
N VAL C 377 3.06 35.65 9.05
CA VAL C 377 3.21 37.01 9.49
C VAL C 377 4.68 37.41 9.34
N SER C 378 5.60 36.53 9.80
CA SER C 378 7.04 36.83 9.69
C SER C 378 7.49 36.88 8.26
N LEU C 379 6.99 36.01 7.41
CA LEU C 379 7.44 36.02 6.02
C LEU C 379 7.00 37.28 5.29
N VAL C 380 5.81 37.79 5.63
CA VAL C 380 5.31 39.02 5.04
C VAL C 380 6.26 40.15 5.42
N ARG C 381 6.62 40.24 6.70
CA ARG C 381 7.63 41.23 7.17
C ARG C 381 8.96 41.05 6.40
N GLN C 382 9.37 39.80 6.16
CA GLN C 382 10.66 39.57 5.47
C GLN C 382 10.59 40.13 4.04
N SER C 383 9.48 39.84 3.36
CA SER C 383 9.30 40.32 2.00
C SER C 383 9.34 41.81 1.87
N GLU C 384 8.70 42.51 2.80
CA GLU C 384 8.59 43.96 2.77
C GLU C 384 9.97 44.57 2.94
N ALA C 385 10.71 44.07 3.94
CA ALA C 385 12.01 44.62 4.23
C ALA C 385 12.93 44.35 3.05
N SER C 386 12.83 43.14 2.50
CA SER C 386 13.64 42.77 1.36
CA SER C 386 13.66 42.71 1.38
C SER C 386 13.45 43.59 0.12
N ARG C 387 12.20 43.79 -0.23
CA ARG C 387 11.84 44.66 -1.38
C ARG C 387 12.49 46.05 -1.17
N ALA C 388 12.31 46.59 0.04
CA ALA C 388 12.83 47.91 0.32
C ALA C 388 14.39 47.94 0.25
N ALA C 389 14.99 46.90 0.81
CA ALA C 389 16.44 46.77 0.77
C ALA C 389 16.96 46.73 -0.63
N ALA C 390 16.31 45.96 -1.50
CA ALA C 390 16.79 45.90 -2.89
C ALA C 390 16.69 47.20 -3.65
N GLN C 391 15.63 47.94 -3.39
CA GLN C 391 15.42 49.30 -3.95
C GLN C 391 16.60 50.22 -3.54
N GLN C 392 16.89 50.23 -2.24
CA GLN C 392 17.98 51.06 -1.70
C GLN C 392 19.33 50.60 -2.21
N ALA C 393 19.54 49.30 -2.30
CA ALA C 393 20.82 48.80 -2.79
C ALA C 393 21.04 49.19 -4.25
N ALA C 394 19.97 49.19 -5.03
CA ALA C 394 20.02 49.64 -6.42
C ALA C 394 20.44 51.13 -6.51
N ILE C 395 19.82 51.96 -5.68
CA ILE C 395 20.18 53.37 -5.60
C ILE C 395 21.68 53.54 -5.25
N ARG C 396 22.14 52.80 -4.25
CA ARG C 396 23.55 52.90 -3.83
C ARG C 396 24.54 52.35 -4.88
N TYR C 397 24.18 51.31 -5.59
CA TYR C 397 25.10 50.75 -6.60
C TYR C 397 25.32 51.74 -7.73
N ARG C 398 24.22 52.37 -8.12
CA ARG C 398 24.19 53.38 -9.14
C ARG C 398 25.06 54.58 -8.79
N GLU C 399 25.05 54.94 -7.52
CA GLU C 399 25.79 56.05 -6.97
C GLU C 399 27.30 55.83 -6.99
N GLY C 400 27.76 54.59 -7.11
CA GLY C 400 29.16 54.23 -6.85
C GLY C 400 29.54 54.08 -5.34
N THR C 401 28.55 53.87 -4.46
CA THR C 401 28.77 53.71 -2.99
C THR C 401 28.61 52.22 -2.48
N THR C 402 28.50 51.22 -3.39
CA THR C 402 28.71 49.82 -3.02
C THR C 402 29.30 49.06 -4.22
N ASP C 403 30.01 47.95 -3.95
CA ASP C 403 30.19 46.83 -4.91
C ASP C 403 28.80 46.22 -5.23
N PHE C 404 28.77 45.60 -6.40
CA PHE C 404 27.59 44.96 -6.93
C PHE C 404 27.08 43.84 -6.05
N LEU C 405 27.93 43.16 -5.30
CA LEU C 405 27.52 42.09 -4.38
C LEU C 405 26.37 42.54 -3.46
N VAL C 406 26.43 43.78 -2.97
CA VAL C 406 25.38 44.34 -2.17
C VAL C 406 24.02 44.33 -2.90
N LEU C 407 24.01 44.77 -4.13
CA LEU C 407 22.80 44.72 -4.92
C LEU C 407 22.42 43.26 -5.25
N LEU C 408 23.40 42.43 -5.61
CA LEU C 408 23.16 41.04 -5.98
C LEU C 408 22.50 40.36 -4.82
N ASP C 409 23.06 40.50 -3.64
CA ASP C 409 22.58 39.81 -2.48
C ASP C 409 21.20 40.29 -2.12
N ALA C 410 20.94 41.58 -2.24
CA ALA C 410 19.62 42.08 -1.94
C ALA C 410 18.59 41.55 -2.88
N GLU C 411 18.93 41.43 -4.16
CA GLU C 411 18.02 40.88 -5.14
C GLU C 411 17.77 39.38 -4.89
N ARG C 412 18.80 38.63 -4.47
CA ARG C 412 18.59 37.23 -4.18
C ARG C 412 17.59 37.08 -3.05
N GLU C 413 17.79 37.87 -2.01
CA GLU C 413 16.91 37.85 -0.84
C GLU C 413 15.51 38.30 -1.16
N GLN C 414 15.34 39.28 -2.02
CA GLN C 414 13.99 39.66 -2.39
C GLN C 414 13.30 38.45 -3.02
N LEU C 415 13.95 37.80 -4.01
CA LEU C 415 13.29 36.67 -4.68
C LEU C 415 13.01 35.55 -3.67
N SER C 416 14.01 35.29 -2.87
CA SER C 416 13.92 34.22 -1.95
C SER C 416 12.81 34.49 -0.92
N ALA C 417 12.69 35.73 -0.48
CA ALA C 417 11.61 36.09 0.45
C ALA C 417 10.23 35.99 -0.22
N GLU C 418 10.09 36.53 -1.42
CA GLU C 418 8.75 36.55 -2.07
C GLU C 418 8.32 35.12 -2.42
N ASP C 419 9.26 34.32 -2.87
CA ASP C 419 8.98 32.92 -3.13
C ASP C 419 8.56 32.15 -1.85
N ALA C 420 9.27 32.37 -0.76
CA ALA C 420 8.98 31.67 0.50
C ALA C 420 7.62 32.07 1.04
N GLN C 421 7.33 33.37 0.94
CA GLN C 421 6.01 33.85 1.34
C GLN C 421 4.88 33.16 0.54
N ALA C 422 5.04 33.06 -0.76
CA ALA C 422 4.02 32.43 -1.59
C ALA C 422 3.90 30.97 -1.18
N GLN C 423 5.02 30.27 -0.99
CA GLN C 423 4.93 28.87 -0.55
C GLN C 423 4.20 28.77 0.76
N ALA C 424 4.45 29.69 1.66
CA ALA C 424 3.80 29.70 2.94
C ALA C 424 2.27 30.03 2.82
N GLU C 425 1.87 30.82 1.85
CA GLU C 425 0.45 31.06 1.59
C GLU C 425 -0.22 29.76 1.10
N VAL C 426 0.51 29.01 0.27
CA VAL C 426 0.04 27.78 -0.22
C VAL C 426 -0.11 26.80 0.96
N GLU C 427 0.89 26.75 1.83
CA GLU C 427 0.85 25.95 3.03
C GLU C 427 -0.41 26.24 3.90
N LEU C 428 -0.75 27.51 4.02
CA LEU C 428 -1.87 27.90 4.83
C LEU C 428 -3.15 27.35 4.20
N TYR C 429 -3.31 27.55 2.87
CA TYR C 429 -4.45 27.03 2.15
C TYR C 429 -4.48 25.51 2.31
N ARG C 430 -3.35 24.85 2.19
CA ARG C 430 -3.38 23.39 2.34
C ARG C 430 -3.67 22.94 3.76
N GLY C 431 -3.29 23.76 4.74
CA GLY C 431 -3.60 23.48 6.13
C GLY C 431 -5.12 23.58 6.38
N ILE C 432 -5.79 24.46 5.65
CA ILE C 432 -7.25 24.53 5.72
C ILE C 432 -7.85 23.24 5.25
N VAL C 433 -7.37 22.74 4.13
CA VAL C 433 -7.82 21.45 3.60
C VAL C 433 -7.58 20.37 4.63
N ALA C 434 -6.40 20.36 5.26
CA ALA C 434 -6.10 19.27 6.18
C ALA C 434 -7.07 19.28 7.39
N ILE C 435 -7.40 20.50 7.85
CA ILE C 435 -8.39 20.60 8.94
C ILE C 435 -9.69 19.96 8.51
N TYR C 436 -10.22 20.38 7.37
CA TYR C 436 -11.55 19.84 6.98
C TYR C 436 -11.52 18.34 6.69
N ARG C 437 -10.43 17.85 6.10
CA ARG C 437 -10.28 16.42 5.87
C ARG C 437 -10.39 15.70 7.21
N SER C 438 -9.68 16.23 8.20
CA SER C 438 -9.56 15.56 9.47
C SER C 438 -10.87 15.64 10.26
N LEU C 439 -11.67 16.68 10.01
CA LEU C 439 -12.99 16.76 10.63
C LEU C 439 -14.07 15.94 9.95
N GLY C 440 -13.78 15.31 8.82
CA GLY C 440 -14.80 14.54 8.14
C GLY C 440 -15.74 15.37 7.29
N GLY C 441 -15.24 16.51 6.82
CA GLY C 441 -15.99 17.36 5.89
C GLY C 441 -16.12 16.81 4.50
N GLY C 442 -17.23 17.08 3.87
CA GLY C 442 -17.49 16.89 2.46
C GLY C 442 -18.37 15.74 2.01
N TRP C 443 -19.18 15.23 2.92
CA TRP C 443 -20.17 14.18 2.62
C TRP C 443 -21.37 14.58 3.41
N GLN C 444 -22.56 13.96 3.22
CA GLN C 444 -23.85 14.32 3.90
C GLN C 444 -24.34 13.34 5.01
N PRO C 445 -23.86 13.63 6.28
CA PRO C 445 -24.03 12.76 7.46
C PRO C 445 -25.48 12.46 7.84
N SER C 446 -26.39 13.42 7.64
CA SER C 446 -27.76 13.23 8.07
C SER C 446 -28.61 12.58 6.96
N ALA C 447 -28.02 12.33 5.79
CA ALA C 447 -28.68 11.52 4.75
C ALA C 447 -28.92 10.08 5.25
N HIS C 448 -30.03 9.50 4.76
CA HIS C 448 -30.49 8.13 5.13
C HIS C 448 -30.86 7.96 6.61
N HIS C 449 -31.64 8.91 7.14
CA HIS C 449 -31.96 8.96 8.57
C HIS C 449 -30.66 8.75 9.40
N HIS C 450 -29.48 9.18 8.92
CA HIS C 450 -28.10 8.73 9.38
C HIS C 450 -27.72 7.19 9.10
N HIS C 451 -28.34 6.26 9.89
CA HIS C 451 -28.08 4.76 10.01
C HIS C 451 -28.68 3.93 8.85
#